data_4PEE
#
_entry.id   4PEE
#
_cell.length_a   56.040
_cell.length_b   187.590
_cell.length_c   97.700
_cell.angle_alpha   90.000
_cell.angle_beta   94.260
_cell.angle_gamma   90.000
#
_symmetry.space_group_name_H-M   'P 1 21 1'
#
loop_
_entity.id
_entity.type
_entity.pdbx_description
1 polymer Alpha-L-fucosidase
2 non-polymer 'SULFATE ION'
3 non-polymer IMIDAZOLE
4 non-polymer (2S,3R,4S,5S)-2-methyl-5-(1-phenyl-1H-1,2,3-triazol-4-yl)pyrrolidine-3,4-diol
5 water water
#
_entity_poly.entity_id   1
_entity_poly.type   'polypeptide(L)'
_entity_poly.pdbx_seq_one_letter_code
;AEIPLKYGATNEGKRQDPAMQKFRDNRLGAFIHWGLYAIPGGEWNGKVYGGAAEWLKSWAKVPADEWLKLMDQWNPTKFD
AKKWAKMAKEMGTKYVKITTKHHEGFCLWPSKYTKYTVANTPYKRDILGELVKAYNDEGIDVHFYFSVMDWSNPDYRYDI
KSKEDSIAFSRFLEFTDNQLKELATRYPTVKDFWFDGTWDASVKKNGWWTAHAEQMLKELVPGVAINSRLRADDKGKRHF
DSNGRLMGDYESGYERRLPDPVKDLKVTQWDWEACMTIPENQWGYHKDWSLSYVKTPIEVIDRIVHAVSMGGNMVVNFGP
QADGDFRPEEKAMATAIGKWMNRYGKAVYACDYAGFEKQDWGYYTRGKNDEVYMVVFNQPYSERLIVKTPKGITVEKATL
LTTGEDITVVETTRNEYNVSVPKKNPGEPYVIQLKVRAAKGTKSIYR
;
_entity_poly.pdbx_strand_id   A,B,C,D
#
loop_
_chem_comp.id
_chem_comp.type
_chem_comp.name
_chem_comp.formula
2OX non-polymer (2S,3R,4S,5S)-2-methyl-5-(1-phenyl-1H-1,2,3-triazol-4-yl)pyrrolidine-3,4-diol 'C13 H16 N4 O2'
IMD non-polymer IMIDAZOLE 'C3 H5 N2 1'
SO4 non-polymer 'SULFATE ION' 'O4 S -2'
#
# COMPACT_ATOMS: atom_id res chain seq x y z
N GLU A 2 -66.24 42.77 -22.10
CA GLU A 2 -65.40 41.57 -21.77
C GLU A 2 -65.39 40.52 -22.87
N ILE A 3 -64.21 40.06 -23.29
CA ILE A 3 -64.03 39.00 -24.28
C ILE A 3 -63.70 37.65 -23.60
N PRO A 4 -64.43 36.57 -23.95
CA PRO A 4 -63.99 35.28 -23.36
C PRO A 4 -62.79 34.68 -24.10
N LEU A 5 -61.97 33.98 -23.35
CA LEU A 5 -60.68 33.49 -23.85
C LEU A 5 -60.37 32.19 -23.15
N LYS A 6 -59.81 31.23 -23.90
CA LYS A 6 -59.29 30.00 -23.31
C LYS A 6 -57.81 30.13 -22.96
N TYR A 7 -57.10 31.07 -23.59
CA TYR A 7 -55.62 31.14 -23.48
C TYR A 7 -55.11 32.49 -22.97
N GLY A 8 -55.97 33.21 -22.28
CA GLY A 8 -55.59 34.46 -21.67
C GLY A 8 -55.07 34.26 -20.26
N ALA A 9 -55.14 35.31 -19.44
CA ALA A 9 -54.48 35.30 -18.13
C ALA A 9 -55.03 34.24 -17.20
N THR A 10 -54.17 33.74 -16.32
CA THR A 10 -54.50 32.72 -15.34
C THR A 10 -54.45 33.28 -13.90
N ASN A 11 -53.34 33.92 -13.53
CA ASN A 11 -53.19 34.57 -12.20
C ASN A 11 -54.14 35.75 -12.00
N GLU A 12 -54.72 35.87 -10.81
CA GLU A 12 -55.69 36.94 -10.55
C GLU A 12 -54.89 38.23 -10.31
N GLY A 13 -54.04 38.24 -9.30
CA GLY A 13 -53.09 39.39 -9.09
C GLY A 13 -51.67 38.84 -8.97
N LYS A 14 -50.85 39.39 -8.07
CA LYS A 14 -49.50 38.85 -7.85
C LYS A 14 -49.55 37.49 -7.16
N ARG A 15 -48.70 36.57 -7.58
CA ARG A 15 -48.47 35.32 -6.81
C ARG A 15 -47.84 35.66 -5.45
N GLN A 16 -48.27 34.96 -4.41
CA GLN A 16 -47.73 35.17 -3.10
C GLN A 16 -47.21 33.88 -2.45
N ASP A 17 -47.13 32.82 -3.22
CA ASP A 17 -46.46 31.62 -2.74
C ASP A 17 -45.00 31.96 -2.50
N PRO A 18 -44.31 31.13 -1.71
CA PRO A 18 -42.92 31.39 -1.35
C PRO A 18 -41.95 31.44 -2.52
N ALA A 19 -42.17 30.62 -3.53
CA ALA A 19 -41.28 30.63 -4.66
C ALA A 19 -41.34 32.01 -5.39
N MET A 20 -42.53 32.56 -5.57
CA MET A 20 -42.65 33.87 -6.20
C MET A 20 -42.07 34.97 -5.29
N GLN A 21 -42.30 34.83 -3.98
CA GLN A 21 -41.76 35.79 -3.04
C GLN A 21 -40.25 35.80 -3.08
N LYS A 22 -39.67 34.65 -3.33
CA LYS A 22 -38.26 34.55 -3.48
C LYS A 22 -37.79 35.22 -4.78
N PHE A 23 -38.45 34.89 -5.89
CA PHE A 23 -38.14 35.51 -7.21
C PHE A 23 -38.09 37.04 -7.04
N ARG A 24 -39.09 37.58 -6.36
CA ARG A 24 -39.26 39.01 -6.12
C ARG A 24 -38.24 39.56 -5.17
N ASP A 25 -38.04 38.88 -4.04
CA ASP A 25 -37.15 39.38 -2.98
C ASP A 25 -35.68 39.41 -3.45
N ASN A 26 -35.35 38.52 -4.34
CA ASN A 26 -34.03 38.48 -4.89
C ASN A 26 -33.58 39.88 -5.46
N ARG A 27 -34.47 40.47 -6.25
CA ARG A 27 -34.34 41.79 -6.89
C ARG A 27 -33.27 42.01 -7.91
N LEU A 28 -32.03 41.61 -7.62
CA LEU A 28 -30.98 41.86 -8.49
C LEU A 28 -30.44 40.60 -9.08
N GLY A 29 -30.39 40.57 -10.41
CA GLY A 29 -29.87 39.45 -11.15
C GLY A 29 -28.84 39.80 -12.14
N ALA A 30 -28.15 38.79 -12.68
CA ALA A 30 -27.19 38.97 -13.81
C ALA A 30 -27.70 38.14 -14.98
N PHE A 31 -27.47 38.65 -16.19
CA PHE A 31 -27.87 37.94 -17.41
C PHE A 31 -26.58 37.51 -18.03
N ILE A 32 -26.57 36.31 -18.60
CA ILE A 32 -25.44 35.79 -19.34
C ILE A 32 -25.91 35.44 -20.73
N HIS A 33 -25.36 36.14 -21.70
CA HIS A 33 -25.55 35.80 -23.11
C HIS A 33 -24.27 35.16 -23.60
N TRP A 34 -24.32 33.86 -23.81
CA TRP A 34 -23.14 33.14 -24.28
C TRP A 34 -23.58 32.10 -25.31
N GLY A 35 -22.94 32.19 -26.44
CA GLY A 35 -23.28 31.39 -27.57
C GLY A 35 -22.19 31.51 -28.59
N LEU A 36 -22.43 30.90 -29.76
CA LEU A 36 -21.42 30.90 -30.85
C LEU A 36 -21.02 32.27 -31.29
N TYR A 37 -21.94 33.23 -31.14
CA TYR A 37 -21.69 34.64 -31.53
C TYR A 37 -20.52 35.21 -30.80
N ALA A 38 -20.13 34.60 -29.67
CA ALA A 38 -18.97 35.14 -28.93
C ALA A 38 -17.67 34.94 -29.66
N ILE A 39 -17.66 33.98 -30.57
CA ILE A 39 -16.42 33.68 -31.34
C ILE A 39 -16.10 34.81 -32.28
N PRO A 40 -16.98 35.11 -33.24
CA PRO A 40 -16.65 36.23 -34.13
C PRO A 40 -16.71 37.62 -33.44
N GLY A 41 -17.54 37.73 -32.40
CA GLY A 41 -17.53 38.94 -31.52
C GLY A 41 -17.89 40.21 -32.27
N GLY A 42 -18.85 40.09 -33.18
CA GLY A 42 -19.32 41.25 -33.94
C GLY A 42 -18.66 41.47 -35.30
N GLU A 43 -17.69 40.63 -35.63
CA GLU A 43 -16.94 40.77 -36.86
C GLU A 43 -17.09 39.56 -37.75
N TRP A 44 -17.39 39.81 -39.02
CA TRP A 44 -17.55 38.75 -40.01
C TRP A 44 -16.82 39.06 -41.29
N ASN A 45 -15.90 38.16 -41.66
CA ASN A 45 -15.12 38.26 -42.89
C ASN A 45 -14.53 39.68 -43.00
N GLY A 46 -13.82 40.12 -41.97
CA GLY A 46 -13.16 41.42 -42.00
C GLY A 46 -14.03 42.68 -41.75
N LYS A 47 -15.35 42.55 -41.75
CA LYS A 47 -16.23 43.70 -41.48
C LYS A 47 -16.76 43.62 -40.04
N VAL A 48 -16.49 44.68 -39.26
CA VAL A 48 -17.05 44.84 -37.90
C VAL A 48 -18.43 45.44 -38.02
N TYR A 49 -19.45 44.72 -37.57
CA TYR A 49 -20.82 45.24 -37.59
C TYR A 49 -21.16 45.88 -36.23
N GLY A 50 -21.86 47.00 -36.28
CA GLY A 50 -22.18 47.84 -35.10
C GLY A 50 -23.38 47.27 -34.36
N GLY A 51 -24.23 46.53 -35.06
CA GLY A 51 -25.38 45.85 -34.45
C GLY A 51 -25.04 44.85 -33.34
N ALA A 52 -26.07 44.45 -32.60
CA ALA A 52 -25.93 43.52 -31.49
C ALA A 52 -25.22 42.25 -31.96
N ALA A 53 -24.09 41.95 -31.31
CA ALA A 53 -23.21 40.83 -31.72
C ALA A 53 -23.89 39.51 -31.79
N GLU A 54 -24.90 39.30 -30.95
CA GLU A 54 -25.63 38.03 -30.95
C GLU A 54 -26.58 37.90 -32.14
N TRP A 55 -26.78 39.00 -32.87
CA TRP A 55 -27.51 38.99 -34.13
C TRP A 55 -26.58 39.07 -35.36
N LEU A 56 -25.27 38.85 -35.19
CA LEU A 56 -24.34 38.95 -36.33
C LEU A 56 -24.71 38.04 -37.50
N LYS A 57 -25.22 36.84 -37.22
CA LYS A 57 -25.69 35.95 -38.29
C LYS A 57 -26.64 36.72 -39.21
N SER A 58 -27.47 37.57 -38.61
CA SER A 58 -28.45 38.34 -39.36
C SER A 58 -27.82 39.55 -40.04
N TRP A 59 -27.05 40.32 -39.32
CA TRP A 59 -26.36 41.49 -39.93
C TRP A 59 -25.44 41.14 -41.10
N ALA A 60 -24.70 40.06 -40.99
CA ALA A 60 -23.78 39.65 -42.06
C ALA A 60 -24.43 38.65 -43.06
N LYS A 61 -25.73 38.41 -42.96
CA LYS A 61 -26.44 37.47 -43.86
C LYS A 61 -25.76 36.08 -43.95
N VAL A 62 -25.41 35.48 -42.82
CA VAL A 62 -24.68 34.21 -42.87
C VAL A 62 -25.68 33.07 -42.89
N PRO A 63 -25.53 32.11 -43.84
CA PRO A 63 -26.43 30.93 -43.81
C PRO A 63 -26.20 30.01 -42.61
N ALA A 64 -27.26 29.36 -42.17
CA ALA A 64 -27.25 28.51 -40.97
C ALA A 64 -26.09 27.50 -40.93
N ASP A 65 -25.91 26.75 -42.04
CA ASP A 65 -24.87 25.75 -42.12
C ASP A 65 -23.54 26.39 -41.82
N GLU A 66 -23.28 27.54 -42.43
CA GLU A 66 -21.97 28.17 -42.22
C GLU A 66 -21.87 28.81 -40.80
N TRP A 67 -22.92 29.45 -40.32
CA TRP A 67 -22.90 30.01 -38.96
C TRP A 67 -22.61 28.89 -37.93
N LEU A 68 -23.34 27.78 -38.04
CA LEU A 68 -23.23 26.71 -37.05
C LEU A 68 -21.89 25.92 -37.04
N LYS A 69 -21.11 26.07 -38.11
CA LYS A 69 -19.75 25.55 -38.16
C LYS A 69 -18.87 26.21 -37.16
N LEU A 70 -19.29 27.35 -36.63
CA LEU A 70 -18.55 27.94 -35.50
C LEU A 70 -18.43 26.92 -34.33
N MET A 71 -19.35 25.96 -34.24
CA MET A 71 -19.24 24.90 -33.22
C MET A 71 -17.86 24.26 -33.21
N ASP A 72 -17.25 24.19 -34.39
CA ASP A 72 -15.93 23.58 -34.52
C ASP A 72 -14.90 24.39 -33.80
N GLN A 73 -15.15 25.67 -33.57
CA GLN A 73 -14.21 26.49 -32.76
C GLN A 73 -14.62 26.71 -31.31
N TRP A 74 -15.70 26.10 -30.89
CA TRP A 74 -16.15 26.28 -29.53
C TRP A 74 -15.31 25.46 -28.54
N ASN A 75 -14.39 26.16 -27.90
CA ASN A 75 -13.46 25.57 -26.97
C ASN A 75 -13.00 26.60 -25.94
N PRO A 76 -13.92 26.99 -25.05
CA PRO A 76 -13.65 28.01 -24.01
C PRO A 76 -12.78 27.45 -22.89
N THR A 77 -11.50 27.45 -23.14
CA THR A 77 -10.59 26.74 -22.26
C THR A 77 -10.47 27.42 -20.90
N LYS A 78 -10.73 28.73 -20.83
CA LYS A 78 -10.72 29.43 -19.53
C LYS A 78 -12.01 29.38 -18.77
N PHE A 79 -13.01 28.67 -19.30
CA PHE A 79 -14.25 28.54 -18.58
C PHE A 79 -14.07 27.82 -17.25
N ASP A 80 -14.59 28.40 -16.17
CA ASP A 80 -14.62 27.73 -14.89
C ASP A 80 -15.89 28.21 -14.19
N ALA A 81 -16.87 27.32 -14.10
CA ALA A 81 -18.14 27.65 -13.52
C ALA A 81 -18.06 28.18 -12.09
N LYS A 82 -17.13 27.67 -11.30
CA LYS A 82 -16.99 28.11 -9.90
C LYS A 82 -16.52 29.56 -9.87
N LYS A 83 -15.68 29.91 -10.81
CA LYS A 83 -15.21 31.31 -10.94
C LYS A 83 -16.35 32.28 -11.35
N TRP A 84 -17.18 31.84 -12.28
CA TRP A 84 -18.33 32.60 -12.68
C TRP A 84 -19.26 32.82 -11.52
N ALA A 85 -19.48 31.74 -10.75
CA ALA A 85 -20.40 31.83 -9.63
C ALA A 85 -19.87 32.77 -8.56
N LYS A 86 -18.57 32.72 -8.34
CA LYS A 86 -17.89 33.64 -7.40
C LYS A 86 -18.07 35.09 -7.85
N MET A 87 -17.87 35.32 -9.12
CA MET A 87 -18.04 36.67 -9.67
C MET A 87 -19.45 37.18 -9.45
N ALA A 88 -20.44 36.33 -9.66
CA ALA A 88 -21.81 36.72 -9.41
C ALA A 88 -22.09 36.98 -7.95
N LYS A 89 -21.55 36.11 -7.08
CA LYS A 89 -21.72 36.28 -5.64
C LYS A 89 -21.18 37.62 -5.17
N GLU A 90 -20.01 37.92 -5.63
CA GLU A 90 -19.28 39.15 -5.30
C GLU A 90 -19.99 40.39 -5.82
N MET A 91 -20.64 40.26 -6.97
CA MET A 91 -21.44 41.37 -7.49
C MET A 91 -22.68 41.65 -6.66
N GLY A 92 -23.11 40.68 -5.86
CA GLY A 92 -24.36 40.84 -5.08
C GLY A 92 -25.63 40.34 -5.79
N THR A 93 -25.47 39.65 -6.90
CA THR A 93 -26.63 39.08 -7.61
C THR A 93 -27.18 37.89 -6.84
N LYS A 94 -28.49 37.79 -6.75
CA LYS A 94 -29.17 36.71 -6.09
C LYS A 94 -29.62 35.64 -7.07
N TYR A 95 -29.49 35.95 -8.35
CA TYR A 95 -29.89 35.02 -9.41
C TYR A 95 -29.22 35.36 -10.68
N VAL A 96 -29.08 34.36 -11.50
CA VAL A 96 -28.54 34.51 -12.83
C VAL A 96 -29.47 33.91 -13.87
N LYS A 97 -29.71 34.67 -14.95
CA LYS A 97 -30.46 34.20 -16.08
C LYS A 97 -29.49 33.82 -17.19
N ILE A 98 -29.61 32.61 -17.71
CA ILE A 98 -28.63 32.11 -18.67
C ILE A 98 -29.26 31.74 -19.98
N THR A 99 -28.60 32.12 -21.08
CA THR A 99 -29.08 31.74 -22.42
C THR A 99 -28.85 30.25 -22.64
N THR A 100 -29.89 29.46 -22.46
CA THR A 100 -29.79 27.99 -22.74
C THR A 100 -29.66 27.75 -24.23
N LYS A 101 -30.37 28.56 -25.00
CA LYS A 101 -30.32 28.54 -26.47
C LYS A 101 -30.82 29.93 -26.98
N HIS A 102 -30.02 30.60 -27.79
CA HIS A 102 -30.41 31.89 -28.34
C HIS A 102 -31.00 31.64 -29.74
N HIS A 103 -31.26 32.71 -30.51
CA HIS A 103 -31.89 32.55 -31.82
C HIS A 103 -31.09 31.60 -32.72
N GLU A 104 -29.77 31.66 -32.65
CA GLU A 104 -28.88 30.81 -33.48
C GLU A 104 -29.16 29.30 -33.30
N GLY A 105 -29.73 28.91 -32.15
CA GLY A 105 -30.21 27.56 -31.92
C GLY A 105 -29.18 26.60 -31.32
N PHE A 106 -27.97 27.08 -31.12
CA PHE A 106 -26.93 26.35 -30.42
C PHE A 106 -27.22 26.19 -28.93
N CYS A 107 -27.22 24.94 -28.46
CA CYS A 107 -27.65 24.67 -27.07
C CYS A 107 -26.48 24.52 -26.13
N LEU A 108 -26.58 25.17 -24.98
CA LEU A 108 -25.53 25.11 -23.97
C LEU A 108 -25.65 23.87 -23.08
N TRP A 109 -26.65 23.02 -23.32
CA TRP A 109 -26.81 21.72 -22.70
C TRP A 109 -26.89 20.68 -23.83
N PRO A 110 -26.54 19.40 -23.53
CA PRO A 110 -26.45 18.41 -24.60
C PRO A 110 -27.82 17.86 -24.95
N SER A 111 -28.61 18.66 -25.67
CA SER A 111 -29.97 18.28 -25.98
C SER A 111 -29.92 17.03 -26.86
N LYS A 112 -30.88 16.17 -26.63
CA LYS A 112 -30.97 14.95 -27.48
C LYS A 112 -31.86 15.23 -28.72
N TYR A 113 -32.45 16.43 -28.81
CA TYR A 113 -33.34 16.76 -29.91
C TYR A 113 -32.70 17.52 -31.07
N THR A 114 -31.40 17.73 -31.04
CA THR A 114 -30.71 18.43 -32.12
C THR A 114 -29.26 18.14 -31.99
N LYS A 115 -28.55 18.27 -33.10
CA LYS A 115 -27.10 18.11 -33.07
C LYS A 115 -26.33 19.40 -32.74
N TYR A 116 -27.03 20.53 -32.74
CA TYR A 116 -26.37 21.83 -32.52
C TYR A 116 -26.26 22.11 -31.03
N THR A 117 -25.37 21.37 -30.36
CA THR A 117 -25.19 21.48 -28.94
C THR A 117 -23.73 21.47 -28.56
N VAL A 118 -23.48 21.86 -27.31
CA VAL A 118 -22.16 21.79 -26.72
C VAL A 118 -21.48 20.39 -26.84
N ALA A 119 -22.30 19.31 -26.83
CA ALA A 119 -21.78 17.92 -26.96
C ALA A 119 -20.99 17.70 -28.24
N ASN A 120 -21.34 18.41 -29.31
CA ASN A 120 -20.68 18.23 -30.60
C ASN A 120 -19.70 19.31 -30.93
N THR A 121 -19.04 19.79 -29.90
CA THR A 121 -18.01 20.79 -30.05
C THR A 121 -16.75 20.15 -29.47
N PRO A 122 -15.58 20.71 -29.79
CA PRO A 122 -14.40 20.24 -29.13
C PRO A 122 -14.53 20.22 -27.59
N TYR A 123 -15.25 21.17 -27.02
CA TYR A 123 -15.31 21.27 -25.56
C TYR A 123 -16.16 20.16 -24.94
N LYS A 124 -17.19 19.74 -25.64
CA LYS A 124 -18.03 18.60 -25.25
C LYS A 124 -18.89 18.77 -24.00
N ARG A 125 -18.45 19.56 -23.04
CA ARG A 125 -19.03 19.50 -21.71
C ARG A 125 -20.39 20.19 -21.60
N ASP A 126 -21.25 19.69 -20.69
CA ASP A 126 -22.52 20.31 -20.39
C ASP A 126 -22.25 21.63 -19.57
N ILE A 127 -21.89 22.68 -20.29
CA ILE A 127 -21.74 24.01 -19.69
C ILE A 127 -22.91 24.40 -18.79
N LEU A 128 -24.12 24.19 -19.28
CA LEU A 128 -25.29 24.65 -18.53
C LEU A 128 -25.40 23.94 -17.18
N GLY A 129 -25.21 22.63 -17.22
CA GLY A 129 -25.25 21.84 -15.98
C GLY A 129 -24.16 22.31 -15.01
N GLU A 130 -22.99 22.58 -15.53
CA GLU A 130 -21.91 23.08 -14.68
C GLU A 130 -22.29 24.38 -14.00
N LEU A 131 -22.95 25.26 -14.76
CA LEU A 131 -23.28 26.56 -14.23
C LEU A 131 -24.36 26.39 -13.22
N VAL A 132 -25.37 25.61 -13.53
CA VAL A 132 -26.43 25.37 -12.57
C VAL A 132 -25.87 24.96 -11.22
N LYS A 133 -25.01 23.95 -11.27
CA LYS A 133 -24.39 23.44 -10.04
C LYS A 133 -23.59 24.51 -9.27
N ALA A 134 -22.72 25.19 -9.99
CA ALA A 134 -21.85 26.23 -9.41
C ALA A 134 -22.62 27.41 -8.83
N TYR A 135 -23.65 27.90 -9.55
CA TYR A 135 -24.43 28.96 -8.99
C TYR A 135 -25.19 28.50 -7.81
N ASN A 136 -25.86 27.36 -7.93
CA ASN A 136 -26.63 26.84 -6.81
C ASN A 136 -25.76 26.63 -5.60
N ASP A 137 -24.55 26.16 -5.81
CA ASP A 137 -23.64 25.97 -4.67
C ASP A 137 -23.36 27.28 -3.95
N GLU A 138 -23.42 28.42 -4.66
CA GLU A 138 -23.23 29.70 -4.02
C GLU A 138 -24.49 30.27 -3.49
N GLY A 139 -25.59 29.53 -3.56
CA GLY A 139 -26.87 30.03 -3.10
C GLY A 139 -27.58 30.99 -4.09
N ILE A 140 -27.22 30.90 -5.36
CA ILE A 140 -27.75 31.73 -6.39
C ILE A 140 -28.77 30.94 -7.21
N ASP A 141 -29.98 31.44 -7.31
CA ASP A 141 -31.02 30.86 -8.17
C ASP A 141 -30.63 30.95 -9.62
N VAL A 142 -31.07 29.99 -10.40
CA VAL A 142 -30.80 29.99 -11.82
C VAL A 142 -32.11 30.02 -12.60
N HIS A 143 -32.12 30.89 -13.60
CA HIS A 143 -33.24 31.10 -14.52
C HIS A 143 -32.74 30.79 -15.90
N PHE A 144 -33.61 30.21 -16.71
CA PHE A 144 -33.26 29.85 -18.08
C PHE A 144 -33.92 30.76 -19.11
N TYR A 145 -33.08 31.42 -19.86
CA TYR A 145 -33.51 32.11 -21.05
C TYR A 145 -33.66 31.05 -22.11
N PHE A 146 -34.75 31.15 -22.88
CA PHE A 146 -34.98 30.24 -24.03
C PHE A 146 -35.60 30.96 -25.22
N SER A 147 -34.89 30.96 -26.34
CA SER A 147 -35.43 31.51 -27.57
C SER A 147 -36.27 30.49 -28.37
N VAL A 148 -37.55 30.81 -28.56
CA VAL A 148 -38.43 29.94 -29.33
C VAL A 148 -37.99 30.01 -30.78
N MET A 149 -37.87 31.21 -31.31
CA MET A 149 -37.33 31.38 -32.65
C MET A 149 -36.01 30.68 -32.71
N ASP A 150 -35.82 29.85 -33.73
CA ASP A 150 -34.64 29.02 -33.83
C ASP A 150 -34.20 29.01 -35.31
N TRP A 151 -33.09 29.73 -35.59
CA TRP A 151 -32.51 29.85 -36.92
C TRP A 151 -31.80 28.58 -37.43
N SER A 152 -31.71 27.56 -36.56
CA SER A 152 -31.00 26.34 -36.90
C SER A 152 -31.97 25.25 -37.40
N ASN A 153 -33.27 25.38 -37.08
CA ASN A 153 -34.25 24.34 -37.36
C ASN A 153 -35.12 24.73 -38.55
N PRO A 154 -35.06 23.95 -39.63
CA PRO A 154 -35.83 24.29 -40.86
C PRO A 154 -37.35 24.17 -40.71
N ASP A 155 -37.86 23.53 -39.67
CA ASP A 155 -39.30 23.53 -39.41
C ASP A 155 -39.81 24.83 -38.81
N TYR A 156 -38.92 25.74 -38.45
CA TYR A 156 -39.36 27.00 -37.91
C TYR A 156 -40.10 27.73 -39.04
N ARG A 157 -41.17 28.44 -38.69
CA ARG A 157 -41.83 29.37 -39.59
C ARG A 157 -42.06 30.75 -38.95
N TYR A 158 -41.87 31.79 -39.75
CA TYR A 158 -42.12 33.18 -39.35
C TYR A 158 -43.61 33.49 -39.35
N ASP A 159 -44.32 32.80 -40.25
CA ASP A 159 -45.76 32.93 -40.36
C ASP A 159 -46.34 31.61 -40.92
N ILE A 160 -47.64 31.38 -40.67
CA ILE A 160 -48.39 30.22 -41.18
C ILE A 160 -49.27 30.68 -42.36
N LYS A 161 -48.78 30.43 -43.58
CA LYS A 161 -49.44 30.86 -44.83
C LYS A 161 -49.93 29.69 -45.73
N SER A 162 -49.77 28.45 -45.25
CA SER A 162 -50.17 27.26 -45.98
C SER A 162 -50.38 26.09 -45.01
N LYS A 163 -50.98 25.01 -45.50
CA LYS A 163 -51.18 23.81 -44.67
C LYS A 163 -49.82 23.14 -44.40
N GLU A 164 -48.89 23.30 -45.34
CA GLU A 164 -47.53 22.77 -45.20
C GLU A 164 -46.80 23.50 -44.06
N ASP A 165 -46.88 24.83 -44.09
CA ASP A 165 -46.36 25.69 -43.03
C ASP A 165 -46.87 25.18 -41.71
N SER A 166 -48.18 24.99 -41.61
CA SER A 166 -48.77 24.57 -40.37
C SER A 166 -48.27 23.18 -39.88
N ILE A 167 -48.09 22.25 -40.82
CA ILE A 167 -47.61 20.92 -40.47
C ILE A 167 -46.16 21.02 -39.93
N ALA A 168 -45.30 21.79 -40.61
CA ALA A 168 -43.89 21.99 -40.22
C ALA A 168 -43.79 22.65 -38.82
N PHE A 169 -44.58 23.70 -38.63
CA PHE A 169 -44.52 24.47 -37.41
C PHE A 169 -45.03 23.63 -36.28
N SER A 170 -45.94 22.72 -36.57
CA SER A 170 -46.48 21.86 -35.53
C SER A 170 -45.38 20.91 -35.01
N ARG A 171 -44.57 20.38 -35.93
CA ARG A 171 -43.39 19.59 -35.56
C ARG A 171 -42.40 20.44 -34.74
N PHE A 172 -42.19 21.68 -35.21
CA PHE A 172 -41.33 22.62 -34.52
C PHE A 172 -41.77 22.86 -33.07
N LEU A 173 -43.06 23.04 -32.85
CA LEU A 173 -43.55 23.20 -31.49
C LEU A 173 -43.36 21.97 -30.62
N GLU A 174 -43.46 20.79 -31.21
CA GLU A 174 -43.20 19.56 -30.48
C GLU A 174 -41.73 19.45 -30.11
N PHE A 175 -40.88 19.78 -31.08
CA PHE A 175 -39.45 19.86 -30.85
C PHE A 175 -39.13 20.83 -29.69
N THR A 176 -39.79 21.96 -29.70
CA THR A 176 -39.61 22.96 -28.66
C THR A 176 -40.07 22.42 -27.32
N ASP A 177 -41.23 21.79 -27.32
CA ASP A 177 -41.79 21.18 -26.10
C ASP A 177 -40.82 20.15 -25.53
N ASN A 178 -40.20 19.39 -26.43
CA ASN A 178 -39.25 18.38 -26.05
C ASN A 178 -38.03 18.99 -25.36
N GLN A 179 -37.45 20.03 -25.97
CA GLN A 179 -36.34 20.76 -25.33
C GLN A 179 -36.75 21.36 -23.97
N LEU A 180 -37.93 21.92 -23.89
CA LEU A 180 -38.35 22.49 -22.64
C LEU A 180 -38.50 21.46 -21.52
N LYS A 181 -39.13 20.32 -21.84
CA LYS A 181 -39.32 19.24 -20.85
C LYS A 181 -37.97 18.72 -20.44
N GLU A 182 -37.08 18.60 -21.41
CA GLU A 182 -35.74 18.14 -21.15
C GLU A 182 -35.03 19.06 -20.16
N LEU A 183 -35.15 20.38 -20.37
CA LEU A 183 -34.45 21.32 -19.45
C LEU A 183 -35.06 21.22 -18.07
N ALA A 184 -36.37 21.11 -18.03
CA ALA A 184 -37.09 21.09 -16.76
C ALA A 184 -36.77 19.85 -15.92
N THR A 185 -36.51 18.72 -16.60
CA THR A 185 -36.30 17.43 -15.91
C THR A 185 -34.83 17.16 -15.70
N ARG A 186 -33.98 17.60 -16.64
CA ARG A 186 -32.53 17.57 -16.39
C ARG A 186 -32.07 18.50 -15.25
N TYR A 187 -32.72 19.65 -15.05
CA TYR A 187 -32.21 20.72 -14.18
C TYR A 187 -33.32 21.22 -13.31
N PRO A 188 -33.83 20.34 -12.46
CA PRO A 188 -35.04 20.64 -11.68
C PRO A 188 -34.92 21.72 -10.63
N THR A 189 -33.72 22.21 -10.33
CA THR A 189 -33.60 23.42 -9.46
C THR A 189 -33.87 24.76 -10.21
N VAL A 190 -34.12 24.70 -11.51
CA VAL A 190 -34.50 25.90 -12.27
C VAL A 190 -35.71 26.63 -11.64
N LYS A 191 -35.61 27.97 -11.56
CA LYS A 191 -36.65 28.71 -10.89
C LYS A 191 -37.56 29.50 -11.85
N ASP A 192 -37.18 29.59 -13.12
CA ASP A 192 -37.81 30.52 -14.03
C ASP A 192 -37.43 30.17 -15.43
N PHE A 193 -38.40 30.30 -16.34
CA PHE A 193 -38.09 30.26 -17.75
C PHE A 193 -38.44 31.62 -18.36
N TRP A 194 -37.48 32.18 -19.08
CA TRP A 194 -37.63 33.52 -19.65
C TRP A 194 -37.59 33.33 -21.14
N PHE A 195 -38.76 33.37 -21.76
CA PHE A 195 -38.88 33.17 -23.22
C PHE A 195 -38.60 34.43 -24.01
N ASP A 196 -37.88 34.25 -25.12
CA ASP A 196 -37.60 35.29 -26.07
C ASP A 196 -37.96 34.72 -27.48
N GLY A 197 -37.89 35.58 -28.50
CA GLY A 197 -38.10 35.13 -29.89
C GLY A 197 -39.50 34.61 -30.14
N THR A 198 -40.49 35.28 -29.54
CA THR A 198 -41.88 34.85 -29.55
C THR A 198 -42.80 35.83 -30.27
N TRP A 199 -42.23 36.77 -31.00
CA TRP A 199 -43.02 37.89 -31.55
C TRP A 199 -43.52 37.58 -32.96
N ASP A 200 -43.04 36.52 -33.60
CA ASP A 200 -43.42 36.27 -35.00
C ASP A 200 -44.89 35.89 -35.10
N ALA A 201 -45.49 36.21 -36.24
CA ALA A 201 -46.89 35.84 -36.51
C ALA A 201 -47.19 34.34 -36.29
N SER A 202 -46.24 33.47 -36.59
CA SER A 202 -46.46 32.04 -36.31
C SER A 202 -46.82 31.79 -34.86
N VAL A 203 -46.13 32.45 -33.95
CA VAL A 203 -46.39 32.21 -32.54
C VAL A 203 -47.66 32.89 -32.12
N LYS A 204 -47.85 34.13 -32.60
CA LYS A 204 -49.10 34.89 -32.30
C LYS A 204 -50.36 34.11 -32.68
N LYS A 205 -50.28 33.40 -33.79
CA LYS A 205 -51.38 32.55 -34.25
C LYS A 205 -51.55 31.28 -33.44
N ASN A 206 -50.57 30.95 -32.61
CA ASN A 206 -50.65 29.76 -31.79
C ASN A 206 -50.64 30.04 -30.30
N GLY A 207 -51.49 30.97 -29.89
CA GLY A 207 -51.64 31.33 -28.50
C GLY A 207 -51.72 30.11 -27.60
N TRP A 208 -52.50 29.12 -28.07
CA TRP A 208 -52.83 27.92 -27.29
C TRP A 208 -51.54 27.26 -26.82
N TRP A 209 -50.54 27.26 -27.70
CA TRP A 209 -49.30 26.61 -27.38
C TRP A 209 -48.54 27.34 -26.22
N THR A 210 -48.58 28.67 -26.26
CA THR A 210 -47.91 29.45 -25.26
C THR A 210 -48.49 29.12 -23.91
N ALA A 211 -49.81 29.04 -23.82
CA ALA A 211 -50.49 28.73 -22.56
C ALA A 211 -50.13 27.33 -22.11
N HIS A 212 -50.01 26.45 -23.08
CA HIS A 212 -49.71 25.05 -22.81
C HIS A 212 -48.28 24.91 -22.29
N ALA A 213 -47.37 25.63 -22.93
CA ALA A 213 -45.97 25.62 -22.49
C ALA A 213 -45.90 26.07 -21.01
N GLU A 214 -46.62 27.13 -20.67
CA GLU A 214 -46.63 27.64 -19.33
C GLU A 214 -47.13 26.57 -18.35
N GLN A 215 -48.27 25.93 -18.70
CA GLN A 215 -48.92 24.93 -17.82
C GLN A 215 -48.05 23.70 -17.70
N MET A 216 -47.46 23.29 -18.81
CA MET A 216 -46.59 22.13 -18.84
C MET A 216 -45.37 22.28 -17.89
N LEU A 217 -44.73 23.44 -17.98
CA LEU A 217 -43.56 23.71 -17.16
C LEU A 217 -43.94 23.84 -15.71
N LYS A 218 -45.08 24.44 -15.42
CA LYS A 218 -45.53 24.57 -14.03
C LYS A 218 -45.85 23.20 -13.37
N GLU A 219 -46.34 22.26 -14.16
CA GLU A 219 -46.55 20.90 -13.68
C GLU A 219 -45.24 20.17 -13.45
N LEU A 220 -44.25 20.45 -14.29
CA LEU A 220 -42.96 19.79 -14.13
C LEU A 220 -42.04 20.41 -13.07
N VAL A 221 -42.18 21.70 -12.78
CA VAL A 221 -41.29 22.39 -11.84
C VAL A 221 -42.11 23.19 -10.84
N PRO A 222 -42.32 22.62 -9.67
CA PRO A 222 -43.16 23.32 -8.69
C PRO A 222 -42.66 24.72 -8.33
N GLY A 223 -43.55 25.72 -8.46
CA GLY A 223 -43.24 27.09 -8.11
C GLY A 223 -42.46 27.86 -9.17
N VAL A 224 -42.17 27.24 -10.31
CA VAL A 224 -41.45 27.89 -11.36
C VAL A 224 -42.20 29.15 -11.86
N ALA A 225 -41.41 30.17 -12.23
CA ALA A 225 -41.94 31.43 -12.79
C ALA A 225 -41.83 31.40 -14.30
N ILE A 226 -42.78 32.04 -14.95
CA ILE A 226 -42.81 32.10 -16.43
C ILE A 226 -43.06 33.54 -16.86
N ASN A 227 -42.24 34.05 -17.77
CA ASN A 227 -42.31 35.47 -18.14
C ASN A 227 -43.45 35.77 -19.12
N SER A 228 -43.88 37.03 -19.15
CA SER A 228 -45.05 37.42 -19.96
C SER A 228 -44.76 37.36 -21.44
N ARG A 229 -43.48 37.49 -21.78
CA ARG A 229 -43.06 37.55 -23.17
C ARG A 229 -43.39 36.26 -23.92
N LEU A 230 -43.53 35.17 -23.19
CA LEU A 230 -43.92 33.90 -23.80
C LEU A 230 -45.29 33.99 -24.46
N ARG A 231 -46.18 34.71 -23.79
CA ARG A 231 -47.59 34.45 -23.90
C ARG A 231 -48.30 35.29 -24.97
N ALA A 232 -49.10 34.58 -25.77
CA ALA A 232 -50.11 35.19 -26.67
C ALA A 232 -51.48 34.58 -26.34
N ASP A 233 -52.53 35.40 -26.44
CA ASP A 233 -53.87 34.87 -26.18
C ASP A 233 -54.51 34.34 -27.50
N ASP A 234 -55.79 34.01 -27.40
CA ASP A 234 -56.58 33.47 -28.54
C ASP A 234 -56.57 34.41 -29.74
N LYS A 235 -56.45 35.73 -29.50
CA LYS A 235 -56.50 36.73 -30.57
C LYS A 235 -55.13 37.14 -31.03
N GLY A 236 -54.08 36.51 -30.51
CA GLY A 236 -52.70 36.89 -30.86
C GLY A 236 -52.14 38.09 -30.09
N LYS A 237 -52.86 38.56 -29.05
CA LYS A 237 -52.37 39.69 -28.23
C LYS A 237 -51.31 39.15 -27.23
N ARG A 238 -50.14 39.80 -27.18
CA ARG A 238 -48.98 39.33 -26.40
C ARG A 238 -48.77 40.06 -25.05
N HIS A 239 -48.16 39.37 -24.07
CA HIS A 239 -47.91 39.89 -22.71
C HIS A 239 -49.18 40.07 -21.87
N PHE A 240 -50.03 41.01 -22.30
CA PHE A 240 -51.31 41.20 -21.66
C PHE A 240 -52.38 40.72 -22.65
N ASP A 241 -53.38 40.01 -22.13
CA ASP A 241 -54.39 39.42 -23.00
C ASP A 241 -55.39 40.51 -23.48
N SER A 242 -56.38 40.07 -24.26
CA SER A 242 -57.41 40.96 -24.83
C SER A 242 -58.30 41.63 -23.79
N ASN A 243 -58.35 41.10 -22.58
CA ASN A 243 -59.01 41.78 -21.45
C ASN A 243 -58.04 42.62 -20.57
N GLY A 244 -56.83 42.88 -21.09
CA GLY A 244 -55.85 43.71 -20.38
C GLY A 244 -55.18 43.02 -19.22
N ARG A 245 -55.34 41.71 -19.09
CA ARG A 245 -54.83 41.03 -17.95
C ARG A 245 -53.44 40.45 -18.29
N LEU A 246 -52.51 40.60 -17.36
CA LEU A 246 -51.15 40.09 -17.50
C LEU A 246 -51.10 38.56 -17.62
N MET A 247 -50.41 38.07 -18.64
CA MET A 247 -50.22 36.64 -18.80
C MET A 247 -48.83 36.29 -18.33
N GLY A 248 -48.69 35.06 -17.89
CA GLY A 248 -47.47 34.66 -17.18
C GLY A 248 -47.40 35.28 -15.79
N ASP A 249 -46.25 35.15 -15.14
CA ASP A 249 -46.15 35.44 -13.71
C ASP A 249 -45.63 36.82 -13.43
N TYR A 250 -44.99 37.38 -14.42
CA TYR A 250 -44.41 38.71 -14.30
C TYR A 250 -44.22 39.31 -15.67
N GLU A 251 -44.22 40.64 -15.69
CA GLU A 251 -44.08 41.42 -16.92
C GLU A 251 -42.64 41.61 -17.28
N SER A 252 -42.31 41.36 -18.53
CA SER A 252 -40.97 41.23 -18.99
C SER A 252 -40.75 42.00 -20.30
N GLY A 253 -41.29 43.19 -20.40
CA GLY A 253 -41.04 43.99 -21.59
C GLY A 253 -40.08 45.17 -21.46
N TYR A 254 -39.61 45.50 -20.25
CA TYR A 254 -38.76 46.67 -20.08
C TYR A 254 -37.37 46.17 -20.32
N GLU A 255 -36.87 46.44 -21.52
CA GLU A 255 -35.58 45.92 -21.97
C GLU A 255 -34.81 47.12 -22.46
N ARG A 256 -33.76 47.47 -21.74
CA ARG A 256 -33.00 48.65 -22.06
C ARG A 256 -33.84 49.95 -21.91
N ARG A 257 -34.93 49.88 -21.15
CA ARG A 257 -35.69 51.09 -20.76
C ARG A 257 -36.46 50.76 -19.48
N LEU A 258 -36.95 51.79 -18.79
CA LEU A 258 -37.66 51.62 -17.53
C LEU A 258 -38.95 52.44 -17.44
N PRO A 259 -39.94 51.99 -16.66
CA PRO A 259 -41.13 52.80 -16.46
C PRO A 259 -40.87 54.13 -15.77
N ASP A 260 -41.64 55.14 -16.16
CA ASP A 260 -41.45 56.46 -15.69
C ASP A 260 -41.93 56.51 -14.25
N PRO A 261 -41.15 57.10 -13.36
CA PRO A 261 -41.47 57.01 -11.93
C PRO A 261 -42.64 57.86 -11.50
N VAL A 262 -43.08 58.76 -12.39
CA VAL A 262 -44.25 59.55 -12.15
C VAL A 262 -45.45 59.03 -12.95
N LYS A 263 -45.25 58.68 -14.22
CA LYS A 263 -46.37 58.34 -15.10
C LYS A 263 -46.74 56.88 -15.26
N ASP A 264 -45.87 55.98 -14.88
CA ASP A 264 -46.09 54.56 -15.08
C ASP A 264 -46.25 53.78 -13.78
N LEU A 265 -46.92 54.36 -12.79
CA LEU A 265 -47.15 53.70 -11.50
C LEU A 265 -48.00 52.43 -11.59
N LYS A 266 -48.68 52.25 -12.70
CA LYS A 266 -49.46 51.04 -12.92
C LYS A 266 -48.62 49.78 -12.75
N VAL A 267 -47.31 49.87 -13.00
CA VAL A 267 -46.47 48.67 -12.94
C VAL A 267 -46.36 48.12 -11.55
N THR A 268 -46.65 48.93 -10.52
CA THR A 268 -46.57 48.49 -9.17
C THR A 268 -47.62 47.45 -8.85
N GLN A 269 -48.57 47.28 -9.76
CA GLN A 269 -49.70 46.37 -9.55
C GLN A 269 -49.36 44.95 -9.89
N TRP A 270 -48.26 44.72 -10.61
CA TRP A 270 -47.86 43.37 -10.93
C TRP A 270 -46.36 43.18 -10.75
N ASP A 271 -45.96 41.93 -10.67
CA ASP A 271 -44.53 41.61 -10.69
C ASP A 271 -43.96 41.89 -12.07
N TRP A 272 -42.71 42.30 -12.09
CA TRP A 272 -42.03 42.60 -13.35
C TRP A 272 -40.55 42.58 -13.21
N GLU A 273 -39.88 42.40 -14.33
CA GLU A 273 -38.47 42.36 -14.37
C GLU A 273 -37.96 43.09 -15.60
N ALA A 274 -36.99 43.97 -15.37
CA ALA A 274 -36.29 44.65 -16.42
C ALA A 274 -34.94 44.03 -16.65
N CYS A 275 -34.44 44.16 -17.86
CA CYS A 275 -33.10 43.73 -18.19
CA CYS A 275 -33.13 43.72 -18.22
C CYS A 275 -32.39 44.85 -18.91
N MET A 276 -31.06 44.86 -18.81
CA MET A 276 -30.26 45.94 -19.38
C MET A 276 -28.90 45.50 -19.82
N THR A 277 -28.33 46.25 -20.74
CA THR A 277 -26.98 46.07 -21.22
C THR A 277 -26.06 47.15 -20.73
N ILE A 278 -24.76 46.88 -20.69
CA ILE A 278 -23.77 47.83 -20.23
C ILE A 278 -23.47 48.87 -21.35
N PRO A 279 -23.11 48.38 -22.55
CA PRO A 279 -23.13 49.34 -23.65
C PRO A 279 -24.55 49.55 -24.07
N GLU A 280 -24.73 50.38 -25.10
CA GLU A 280 -26.05 50.71 -25.56
C GLU A 280 -26.91 49.53 -26.02
N ASN A 281 -26.33 48.66 -26.85
CA ASN A 281 -27.07 47.53 -27.38
C ASN A 281 -26.17 46.38 -27.84
N GLN A 282 -25.56 45.73 -26.86
CA GLN A 282 -24.77 44.51 -27.06
C GLN A 282 -25.10 43.55 -25.95
N TRP A 283 -25.66 42.39 -26.28
CA TRP A 283 -25.90 41.38 -25.29
C TRP A 283 -24.84 40.31 -25.30
N GLY A 284 -24.67 39.67 -26.46
CA GLY A 284 -23.53 38.80 -26.69
C GLY A 284 -22.23 39.58 -26.73
N TYR A 285 -21.10 38.87 -26.53
CA TYR A 285 -19.79 39.49 -26.62
C TYR A 285 -19.53 40.18 -27.95
N HIS A 286 -19.18 41.46 -27.86
CA HIS A 286 -18.72 42.27 -28.99
C HIS A 286 -17.35 42.79 -28.73
N LYS A 287 -16.45 42.62 -29.70
CA LYS A 287 -15.04 42.90 -29.45
C LYS A 287 -14.71 44.36 -29.33
N ASP A 288 -15.59 45.22 -29.79
CA ASP A 288 -15.28 46.65 -29.76
C ASP A 288 -16.38 47.50 -29.07
N TRP A 289 -16.14 47.82 -27.81
CA TRP A 289 -17.09 48.62 -27.03
C TRP A 289 -16.92 50.13 -27.20
N SER A 290 -15.90 50.54 -27.91
CA SER A 290 -15.74 51.95 -28.26
C SER A 290 -16.85 52.43 -29.24
N LEU A 291 -17.63 51.54 -29.83
CA LEU A 291 -18.61 51.96 -30.84
C LEU A 291 -19.91 52.59 -30.31
N SER A 292 -20.21 52.40 -29.02
CA SER A 292 -21.41 53.05 -28.42
C SER A 292 -21.08 53.44 -27.01
N TYR A 293 -21.99 54.18 -26.39
CA TYR A 293 -21.83 54.60 -25.04
C TYR A 293 -21.82 53.39 -24.09
N VAL A 294 -20.86 53.37 -23.18
CA VAL A 294 -20.74 52.33 -22.16
C VAL A 294 -21.08 52.96 -20.78
N LYS A 295 -22.09 52.39 -20.11
CA LYS A 295 -22.55 52.88 -18.82
C LYS A 295 -21.58 52.74 -17.71
N THR A 296 -21.49 53.76 -16.87
CA THR A 296 -20.66 53.70 -15.70
C THR A 296 -21.39 52.91 -14.62
N PRO A 297 -20.65 52.46 -13.60
CA PRO A 297 -21.29 51.74 -12.49
C PRO A 297 -22.41 52.49 -11.77
N ILE A 298 -22.26 53.81 -11.56
CA ILE A 298 -23.33 54.55 -10.96
C ILE A 298 -24.57 54.60 -11.80
N GLU A 299 -24.40 54.74 -13.12
CA GLU A 299 -25.50 54.70 -14.03
C GLU A 299 -26.23 53.38 -13.97
N VAL A 300 -25.49 52.32 -13.73
CA VAL A 300 -26.18 51.00 -13.63
C VAL A 300 -26.91 50.84 -12.29
N ILE A 301 -26.28 51.30 -11.21
CA ILE A 301 -26.87 51.27 -9.89
C ILE A 301 -28.15 52.11 -9.82
N ASP A 302 -28.14 53.23 -10.50
CA ASP A 302 -29.32 54.05 -10.65
C ASP A 302 -30.51 53.29 -11.25
N ARG A 303 -30.26 52.54 -12.30
CA ARG A 303 -31.27 51.74 -12.95
C ARG A 303 -31.76 50.61 -12.05
N ILE A 304 -30.85 49.96 -11.32
CA ILE A 304 -31.24 48.91 -10.41
C ILE A 304 -32.21 49.42 -9.33
N VAL A 305 -31.84 50.53 -8.67
CA VAL A 305 -32.65 51.07 -7.64
C VAL A 305 -33.98 51.59 -8.17
N HIS A 306 -33.91 52.25 -9.34
CA HIS A 306 -35.13 52.71 -10.05
C HIS A 306 -36.13 51.56 -10.18
N ALA A 307 -35.65 50.42 -10.63
CA ALA A 307 -36.52 49.26 -10.80
C ALA A 307 -37.19 48.81 -9.49
N VAL A 308 -36.37 48.59 -8.46
CA VAL A 308 -36.86 48.18 -7.15
C VAL A 308 -37.84 49.22 -6.58
N SER A 309 -37.55 50.47 -6.79
CA SER A 309 -38.45 51.55 -6.29
C SER A 309 -39.83 51.48 -6.85
N MET A 310 -39.96 50.76 -7.95
CA MET A 310 -41.26 50.64 -8.64
C MET A 310 -41.76 49.22 -8.65
N GLY A 311 -41.25 48.44 -7.72
CA GLY A 311 -41.68 47.10 -7.55
C GLY A 311 -41.18 46.11 -8.55
N GLY A 312 -40.05 46.34 -9.17
CA GLY A 312 -39.52 45.39 -10.15
C GLY A 312 -38.10 44.94 -9.88
N ASN A 313 -37.69 43.91 -10.60
CA ASN A 313 -36.36 43.36 -10.58
C ASN A 313 -35.55 43.96 -11.65
N MET A 314 -34.25 43.87 -11.51
CA MET A 314 -33.33 44.30 -12.56
C MET A 314 -32.24 43.30 -12.77
N VAL A 315 -31.94 43.05 -14.04
CA VAL A 315 -30.97 42.08 -14.44
C VAL A 315 -29.99 42.74 -15.31
N VAL A 316 -28.73 42.70 -14.90
CA VAL A 316 -27.67 43.34 -15.61
C VAL A 316 -26.94 42.31 -16.49
N ASN A 317 -26.80 42.62 -17.75
CA ASN A 317 -26.26 41.65 -18.72
C ASN A 317 -24.78 41.64 -18.86
N PHE A 318 -24.25 40.41 -19.03
CA PHE A 318 -22.85 40.15 -19.34
C PHE A 318 -22.75 39.23 -20.58
N GLY A 319 -21.73 39.47 -21.39
CA GLY A 319 -21.49 38.73 -22.64
C GLY A 319 -20.08 38.13 -22.64
N PRO A 320 -19.95 36.97 -22.01
CA PRO A 320 -18.60 36.38 -21.85
C PRO A 320 -17.83 36.20 -23.15
N GLN A 321 -16.53 36.29 -23.05
CA GLN A 321 -15.61 36.03 -24.18
C GLN A 321 -15.69 34.55 -24.66
N ALA A 322 -15.21 34.34 -25.88
CA ALA A 322 -15.23 33.00 -26.48
C ALA A 322 -14.38 32.04 -25.64
N ASP A 323 -13.36 32.56 -24.99
CA ASP A 323 -12.49 31.70 -24.15
C ASP A 323 -13.08 31.29 -22.83
N GLY A 324 -14.22 31.89 -22.45
CA GLY A 324 -14.91 31.52 -21.22
C GLY A 324 -14.48 32.34 -19.99
N ASP A 325 -13.73 33.37 -20.24
CA ASP A 325 -13.50 34.43 -19.24
C ASP A 325 -14.38 35.71 -19.55
N PHE A 326 -14.38 36.68 -18.64
CA PHE A 326 -15.09 37.96 -18.84
C PHE A 326 -14.11 39.06 -19.11
N ARG A 327 -14.48 39.96 -20.01
CA ARG A 327 -13.67 41.08 -20.36
C ARG A 327 -13.51 42.01 -19.14
N PRO A 328 -12.50 42.88 -19.19
CA PRO A 328 -12.11 43.67 -18.01
C PRO A 328 -13.18 44.67 -17.58
N GLU A 329 -13.87 45.24 -18.55
CA GLU A 329 -14.92 46.22 -18.23
C GLU A 329 -16.04 45.56 -17.44
N GLU A 330 -16.36 44.33 -17.76
CA GLU A 330 -17.38 43.59 -17.05
C GLU A 330 -16.91 43.18 -15.62
N LYS A 331 -15.65 42.76 -15.46
CA LYS A 331 -15.16 42.48 -14.11
C LYS A 331 -15.14 43.75 -13.22
N ALA A 332 -14.81 44.85 -13.82
CA ALA A 332 -14.81 46.11 -13.07
C ALA A 332 -16.23 46.50 -12.63
N MET A 333 -17.18 46.34 -13.54
CA MET A 333 -18.55 46.63 -13.28
C MET A 333 -19.08 45.77 -12.14
N ALA A 334 -18.83 44.49 -12.22
CA ALA A 334 -19.42 43.57 -11.23
C ALA A 334 -18.88 43.90 -9.85
N THR A 335 -17.60 44.19 -9.81
CA THR A 335 -16.92 44.54 -8.55
C THR A 335 -17.45 45.83 -7.98
N ALA A 336 -17.59 46.84 -8.82
CA ALA A 336 -18.16 48.15 -8.39
C ALA A 336 -19.58 48.04 -7.90
N ILE A 337 -20.38 47.27 -8.63
CA ILE A 337 -21.77 47.02 -8.17
C ILE A 337 -21.77 46.31 -6.82
N GLY A 338 -20.97 45.27 -6.73
CA GLY A 338 -20.89 44.50 -5.46
C GLY A 338 -20.47 45.29 -4.23
N LYS A 339 -19.55 46.22 -4.43
CA LYS A 339 -19.10 47.09 -3.38
C LYS A 339 -20.24 47.96 -2.87
N TRP A 340 -21.00 48.53 -3.81
CA TRP A 340 -22.08 49.38 -3.41
C TRP A 340 -23.19 48.57 -2.71
N MET A 341 -23.54 47.42 -3.31
CA MET A 341 -24.57 46.59 -2.74
C MET A 341 -24.21 46.08 -1.38
N ASN A 342 -22.94 45.83 -1.14
CA ASN A 342 -22.52 45.30 0.19
C ASN A 342 -22.77 46.39 1.23
N ARG A 343 -22.64 47.65 0.83
CA ARG A 343 -22.91 48.74 1.76
C ARG A 343 -24.39 49.14 1.88
N TYR A 344 -25.12 49.12 0.77
CA TYR A 344 -26.40 49.77 0.71
C TYR A 344 -27.54 48.84 0.34
N GLY A 345 -27.20 47.57 0.20
CA GLY A 345 -28.14 46.55 -0.25
C GLY A 345 -29.33 46.29 0.59
N LYS A 346 -29.37 46.75 1.82
CA LYS A 346 -30.61 46.67 2.62
C LYS A 346 -31.75 47.50 2.04
N ALA A 347 -31.45 48.48 1.18
CA ALA A 347 -32.48 49.28 0.46
C ALA A 347 -32.87 48.68 -0.91
N VAL A 348 -32.24 47.58 -1.28
CA VAL A 348 -32.52 46.90 -2.55
C VAL A 348 -33.13 45.52 -2.31
N TYR A 349 -32.38 44.61 -1.68
CA TYR A 349 -32.91 43.23 -1.49
C TYR A 349 -34.14 43.19 -0.66
N ALA A 350 -35.11 42.42 -1.10
CA ALA A 350 -36.40 42.28 -0.43
C ALA A 350 -37.14 43.61 -0.20
N CYS A 351 -36.90 44.58 -1.07
CA CYS A 351 -37.59 45.86 -0.99
C CYS A 351 -38.58 46.02 -2.15
N ASP A 352 -39.38 47.07 -2.07
CA ASP A 352 -40.51 47.25 -2.97
C ASP A 352 -40.91 48.71 -3.06
N TYR A 353 -41.92 48.98 -3.88
CA TYR A 353 -42.47 50.31 -4.02
C TYR A 353 -42.97 50.86 -2.69
N ALA A 354 -42.66 52.12 -2.42
CA ALA A 354 -43.02 52.74 -1.14
C ALA A 354 -44.30 53.52 -1.10
N GLY A 355 -44.85 53.85 -2.24
CA GLY A 355 -46.09 54.65 -2.27
C GLY A 355 -45.95 56.12 -1.97
N PHE A 356 -44.73 56.64 -2.07
CA PHE A 356 -44.49 58.05 -1.86
C PHE A 356 -44.27 58.75 -3.24
N GLU A 357 -44.66 59.99 -3.30
CA GLU A 357 -44.44 60.81 -4.50
C GLU A 357 -42.94 60.94 -4.80
N LYS A 358 -42.55 60.66 -6.04
CA LYS A 358 -41.17 60.75 -6.49
C LYS A 358 -40.59 62.15 -6.26
N GLN A 359 -39.35 62.23 -5.79
CA GLN A 359 -38.66 63.46 -5.63
C GLN A 359 -37.37 63.41 -6.44
N ASP A 360 -36.80 64.58 -6.67
CA ASP A 360 -35.65 64.74 -7.52
C ASP A 360 -34.34 64.15 -7.03
N TRP A 361 -34.20 63.96 -5.72
CA TRP A 361 -32.95 63.51 -5.15
C TRP A 361 -32.63 62.07 -5.43
N GLY A 362 -33.64 61.29 -5.80
CA GLY A 362 -33.41 59.88 -5.98
C GLY A 362 -34.66 59.10 -5.83
N TYR A 363 -34.59 57.99 -5.11
CA TYR A 363 -35.69 57.00 -5.13
C TYR A 363 -36.03 56.52 -3.71
N TYR A 364 -37.28 56.28 -3.44
CA TYR A 364 -37.65 55.57 -2.24
C TYR A 364 -37.72 54.11 -2.47
N THR A 365 -37.32 53.31 -1.46
CA THR A 365 -37.70 51.87 -1.43
C THR A 365 -38.28 51.50 -0.03
N ARG A 366 -39.09 50.45 0.00
CA ARG A 366 -39.77 50.05 1.22
CA ARG A 366 -39.77 50.05 1.22
C ARG A 366 -39.31 48.65 1.60
N GLY A 367 -38.85 48.54 2.83
CA GLY A 367 -38.37 47.26 3.37
C GLY A 367 -39.51 46.40 3.87
N LYS A 368 -39.19 45.16 4.24
CA LYS A 368 -40.20 44.20 4.75
C LYS A 368 -40.86 44.57 6.05
N ASN A 369 -40.20 45.40 6.83
CA ASN A 369 -40.75 45.87 8.06
C ASN A 369 -41.09 47.34 8.04
N ASP A 370 -41.52 47.82 6.88
CA ASP A 370 -41.96 49.23 6.72
C ASP A 370 -40.90 50.25 6.96
N GLU A 371 -39.65 49.85 6.88
CA GLU A 371 -38.57 50.80 6.71
C GLU A 371 -38.79 51.55 5.39
N VAL A 372 -38.54 52.85 5.38
CA VAL A 372 -38.57 53.63 4.11
C VAL A 372 -37.19 54.19 3.83
N TYR A 373 -36.57 53.69 2.79
CA TYR A 373 -35.24 54.07 2.45
C TYR A 373 -35.31 55.21 1.41
N MET A 374 -34.49 56.22 1.62
CA MET A 374 -34.21 57.26 0.66
C MET A 374 -32.91 56.99 0.03
N VAL A 375 -32.89 56.67 -1.27
CA VAL A 375 -31.60 56.42 -1.93
C VAL A 375 -31.29 57.62 -2.77
N VAL A 376 -30.24 58.35 -2.39
CA VAL A 376 -29.92 59.64 -2.93
C VAL A 376 -28.82 59.59 -4.00
N PHE A 377 -29.20 59.97 -5.21
CA PHE A 377 -28.32 60.02 -6.39
C PHE A 377 -28.01 61.46 -6.81
N ASN A 378 -28.87 62.42 -6.45
CA ASN A 378 -28.68 63.81 -6.83
C ASN A 378 -28.73 64.68 -5.60
N GLN A 379 -27.59 65.22 -5.24
CA GLN A 379 -27.38 65.90 -3.98
C GLN A 379 -27.80 67.38 -4.11
N PRO A 380 -28.84 67.80 -3.40
CA PRO A 380 -29.28 69.19 -3.45
C PRO A 380 -28.39 70.19 -2.82
N TYR A 381 -28.15 71.27 -3.52
CA TYR A 381 -27.38 72.39 -3.01
C TYR A 381 -28.08 73.03 -1.85
N SER A 382 -29.42 72.89 -1.77
CA SER A 382 -30.17 73.39 -0.67
C SER A 382 -29.82 72.67 0.67
N GLU A 383 -29.24 71.49 0.58
CA GLU A 383 -28.85 70.64 1.73
C GLU A 383 -30.04 70.02 2.40
N ARG A 384 -31.16 70.03 1.67
CA ARG A 384 -32.39 69.57 2.17
C ARG A 384 -32.99 68.62 1.17
N LEU A 385 -33.46 67.48 1.65
CA LEU A 385 -34.11 66.48 0.83
C LEU A 385 -35.56 66.48 1.09
N ILE A 386 -36.37 66.83 0.08
CA ILE A 386 -37.79 66.99 0.29
C ILE A 386 -38.46 65.64 0.38
N VAL A 387 -39.31 65.47 1.42
CA VAL A 387 -40.07 64.25 1.60
C VAL A 387 -41.49 64.64 1.82
N LYS A 388 -42.31 64.30 0.84
CA LYS A 388 -43.75 64.53 0.94
C LYS A 388 -44.40 63.20 1.23
N THR A 389 -45.15 63.14 2.34
CA THR A 389 -45.73 61.87 2.79
C THR A 389 -47.11 61.66 2.25
N PRO A 390 -47.48 60.42 2.01
CA PRO A 390 -48.89 60.19 1.82
C PRO A 390 -49.78 60.57 3.03
N LYS A 391 -51.08 60.66 2.77
CA LYS A 391 -52.14 60.99 3.77
C LYS A 391 -52.01 60.07 4.96
N GLY A 392 -51.88 60.65 6.14
CA GLY A 392 -51.83 59.85 7.37
C GLY A 392 -50.48 59.29 7.82
N ILE A 393 -49.41 59.62 7.10
CA ILE A 393 -48.09 59.07 7.38
C ILE A 393 -47.22 60.19 7.85
N THR A 394 -46.50 59.94 8.93
CA THR A 394 -45.56 60.91 9.50
C THR A 394 -44.16 60.26 9.56
N VAL A 395 -43.15 61.11 9.57
CA VAL A 395 -41.77 60.69 9.65
C VAL A 395 -41.31 60.94 11.03
N GLU A 396 -40.88 59.88 11.75
CA GLU A 396 -40.50 60.02 13.18
C GLU A 396 -39.03 60.14 13.35
N LYS A 397 -38.30 59.53 12.45
CA LYS A 397 -36.86 59.57 12.54
C LYS A 397 -36.22 59.40 11.16
N ALA A 398 -35.02 59.93 11.03
CA ALA A 398 -34.14 59.65 9.89
C ALA A 398 -32.78 59.28 10.41
N THR A 399 -32.21 58.29 9.77
CA THR A 399 -30.91 57.74 10.19
C THR A 399 -30.05 57.45 8.98
N LEU A 400 -28.81 57.90 8.99
CA LEU A 400 -27.88 57.50 7.90
C LEU A 400 -27.55 56.02 7.99
N LEU A 401 -27.82 55.27 6.93
CA LEU A 401 -27.79 53.82 6.99
C LEU A 401 -26.40 53.28 7.37
N THR A 402 -25.34 53.82 6.80
CA THR A 402 -24.03 53.26 7.02
C THR A 402 -23.54 53.47 8.48
N THR A 403 -23.80 54.63 9.07
CA THR A 403 -23.24 55.00 10.36
C THR A 403 -24.18 54.98 11.52
N GLY A 404 -25.49 54.95 11.27
CA GLY A 404 -26.48 55.05 12.32
C GLY A 404 -26.65 56.48 12.86
N GLU A 405 -25.90 57.43 12.35
CA GLU A 405 -26.06 58.78 12.82
C GLU A 405 -27.48 59.33 12.54
N ASP A 406 -27.96 60.15 13.46
CA ASP A 406 -29.31 60.69 13.41
C ASP A 406 -29.30 61.88 12.45
N ILE A 407 -30.38 62.05 11.72
CA ILE A 407 -30.44 63.08 10.62
C ILE A 407 -31.65 63.95 10.92
N THR A 408 -31.45 65.24 10.92
CA THR A 408 -32.50 66.14 11.27
C THR A 408 -33.64 66.13 10.27
N VAL A 409 -34.86 66.12 10.79
CA VAL A 409 -36.07 66.14 10.02
C VAL A 409 -36.88 67.35 10.42
N VAL A 410 -37.22 68.20 9.48
CA VAL A 410 -37.94 69.45 9.79
C VAL A 410 -39.24 69.46 9.03
N GLU A 411 -40.35 69.72 9.72
CA GLU A 411 -41.64 69.74 9.05
C GLU A 411 -41.81 71.08 8.37
N THR A 412 -42.19 71.08 7.11
CA THR A 412 -42.27 72.37 6.40
C THR A 412 -43.71 72.74 6.13
N THR A 413 -44.54 71.76 5.94
CA THR A 413 -45.96 71.94 5.73
C THR A 413 -46.63 70.66 6.25
N ARG A 414 -47.96 70.66 6.28
CA ARG A 414 -48.72 69.43 6.46
C ARG A 414 -48.24 68.41 5.40
N ASN A 415 -47.86 67.24 5.80
CA ASN A 415 -47.40 66.21 4.80
C ASN A 415 -46.09 66.49 4.05
N GLU A 416 -45.30 67.41 4.51
CA GLU A 416 -44.00 67.58 3.92
C GLU A 416 -42.91 67.95 4.90
N TYR A 417 -41.73 67.39 4.65
CA TYR A 417 -40.57 67.60 5.45
C TYR A 417 -39.33 67.90 4.61
N ASN A 418 -38.37 68.60 5.23
CA ASN A 418 -37.01 68.65 4.79
C ASN A 418 -36.20 67.67 5.64
N VAL A 419 -35.62 66.66 5.02
CA VAL A 419 -34.66 65.76 5.66
C VAL A 419 -33.31 66.29 5.30
N SER A 420 -32.50 66.63 6.29
CA SER A 420 -31.19 67.16 6.04
C SER A 420 -30.27 66.13 5.38
N VAL A 421 -29.37 66.61 4.54
CA VAL A 421 -28.34 65.76 4.02
C VAL A 421 -27.37 65.48 5.20
N PRO A 422 -26.59 64.43 5.10
CA PRO A 422 -25.64 64.19 6.18
C PRO A 422 -24.64 65.32 6.33
N LYS A 423 -24.07 65.45 7.51
CA LYS A 423 -23.13 66.50 7.75
C LYS A 423 -21.87 66.33 6.86
N LYS A 424 -21.42 65.09 6.63
CA LYS A 424 -20.31 64.85 5.71
C LYS A 424 -20.89 64.24 4.41
N ASN A 425 -20.58 64.83 3.30
CA ASN A 425 -21.12 64.36 2.02
C ASN A 425 -20.64 62.99 1.75
N PRO A 426 -21.55 62.02 1.69
CA PRO A 426 -21.04 60.67 1.47
C PRO A 426 -20.21 60.44 0.21
N GLY A 427 -20.30 61.35 -0.74
CA GLY A 427 -19.47 61.26 -1.96
C GLY A 427 -19.84 60.13 -2.92
N GLU A 428 -20.98 59.50 -2.75
CA GLU A 428 -21.47 58.42 -3.64
C GLU A 428 -23.00 58.35 -3.37
N PRO A 429 -23.76 57.66 -4.20
CA PRO A 429 -25.17 57.51 -3.88
C PRO A 429 -25.30 56.80 -2.52
N TYR A 430 -26.17 57.33 -1.67
CA TYR A 430 -26.20 56.89 -0.29
C TYR A 430 -27.63 56.72 0.19
N VAL A 431 -27.78 56.08 1.36
CA VAL A 431 -29.10 55.79 1.89
C VAL A 431 -29.40 56.43 3.26
N ILE A 432 -30.57 57.05 3.37
CA ILE A 432 -31.11 57.51 4.65
C ILE A 432 -32.31 56.66 4.91
N GLN A 433 -32.30 55.98 6.05
CA GLN A 433 -33.43 55.18 6.47
C GLN A 433 -34.40 56.00 7.29
N LEU A 434 -35.68 55.91 6.96
CA LEU A 434 -36.69 56.64 7.65
C LEU A 434 -37.50 55.64 8.49
N LYS A 435 -37.92 56.12 9.64
CA LYS A 435 -38.97 55.49 10.43
C LYS A 435 -40.22 56.31 10.26
N VAL A 436 -41.25 55.66 9.75
CA VAL A 436 -42.54 56.28 9.54
C VAL A 436 -43.65 55.66 10.41
N ARG A 437 -44.71 56.42 10.65
CA ARG A 437 -45.86 55.97 11.44
C ARG A 437 -47.12 56.31 10.64
N ALA A 438 -48.05 55.36 10.61
CA ALA A 438 -49.32 55.51 9.96
C ALA A 438 -50.38 55.77 11.04
N ALA A 439 -51.19 56.80 10.89
CA ALA A 439 -52.20 57.13 11.95
C ALA A 439 -53.21 56.02 12.15
N LYS A 440 -53.79 55.89 13.35
CA LYS A 440 -54.98 55.06 13.56
C LYS A 440 -56.11 55.49 12.61
N GLY A 441 -56.66 54.56 11.82
CA GLY A 441 -57.72 54.90 10.85
C GLY A 441 -57.36 55.51 9.47
N THR A 442 -56.08 55.50 9.08
CA THR A 442 -55.59 55.87 7.70
C THR A 442 -56.04 54.79 6.67
N LYS A 443 -55.66 55.01 5.40
CA LYS A 443 -55.61 53.98 4.35
C LYS A 443 -54.16 53.80 3.78
N SER A 444 -54.00 52.88 2.82
CA SER A 444 -52.71 52.44 2.24
C SER A 444 -52.05 51.36 3.10
N ILE A 445 -51.03 50.65 2.60
CA ILE A 445 -50.28 49.73 3.46
C ILE A 445 -49.50 50.64 4.42
N TYR A 446 -48.81 50.06 5.41
CA TYR A 446 -48.26 50.74 6.63
C TYR A 446 -49.34 50.70 7.71
N GLU B 2 -42.61 -18.91 -28.06
CA GLU B 2 -42.20 -17.95 -27.00
C GLU B 2 -43.30 -16.97 -26.55
N ILE B 3 -43.17 -16.55 -25.31
CA ILE B 3 -44.18 -15.73 -24.63
C ILE B 3 -44.00 -14.31 -25.09
N PRO B 4 -45.12 -13.62 -25.37
CA PRO B 4 -44.94 -12.22 -25.76
C PRO B 4 -44.71 -11.31 -24.58
N LEU B 5 -43.86 -10.30 -24.78
CA LEU B 5 -43.47 -9.40 -23.70
C LEU B 5 -43.23 -8.02 -24.24
N LYS B 6 -43.67 -7.00 -23.51
CA LYS B 6 -43.24 -5.64 -23.80
C LYS B 6 -42.04 -5.18 -22.97
N TYR B 7 -41.71 -5.88 -21.88
CA TYR B 7 -40.66 -5.40 -20.93
C TYR B 7 -39.56 -6.43 -20.71
N GLY B 8 -39.39 -7.31 -21.66
CA GLY B 8 -38.33 -8.29 -21.64
C GLY B 8 -37.06 -7.77 -22.29
N ALA B 9 -36.19 -8.67 -22.74
CA ALA B 9 -34.87 -8.26 -23.21
C ALA B 9 -34.92 -7.32 -24.39
N THR B 10 -33.92 -6.44 -24.46
CA THR B 10 -33.76 -5.46 -25.55
C THR B 10 -32.52 -5.79 -26.42
N ASN B 11 -31.34 -5.99 -25.80
CA ASN B 11 -30.10 -6.37 -26.52
C ASN B 11 -30.19 -7.79 -27.09
N GLU B 12 -29.67 -8.00 -28.30
CA GLU B 12 -29.73 -9.33 -28.90
C GLU B 12 -28.64 -10.21 -28.30
N GLY B 13 -27.38 -9.80 -28.46
CA GLY B 13 -26.24 -10.48 -27.79
C GLY B 13 -25.41 -9.43 -27.03
N LYS B 14 -24.08 -9.54 -27.02
CA LYS B 14 -23.24 -8.56 -26.33
C LYS B 14 -23.24 -7.23 -27.02
N ARG B 15 -23.33 -6.15 -26.26
CA ARG B 15 -23.03 -4.81 -26.81
C ARG B 15 -21.57 -4.77 -27.29
N GLN B 16 -21.34 -4.12 -28.43
CA GLN B 16 -19.98 -3.97 -28.93
C GLN B 16 -19.59 -2.50 -29.21
N ASP B 17 -20.41 -1.56 -28.76
CA ASP B 17 -20.03 -0.17 -28.81
C ASP B 17 -18.83 0.03 -27.89
N PRO B 18 -18.13 1.15 -28.03
CA PRO B 18 -16.89 1.40 -27.30
C PRO B 18 -17.08 1.51 -25.80
N ALA B 19 -18.20 2.07 -25.38
CA ALA B 19 -18.44 2.21 -23.96
C ALA B 19 -18.56 0.82 -23.26
N MET B 20 -19.24 -0.13 -23.89
CA MET B 20 -19.34 -1.46 -23.35
C MET B 20 -18.00 -2.12 -23.43
N GLN B 21 -17.24 -1.88 -24.50
CA GLN B 21 -15.94 -2.52 -24.63
C GLN B 21 -15.07 -2.06 -23.50
N LYS B 22 -15.20 -0.79 -23.15
CA LYS B 22 -14.45 -0.21 -22.06
C LYS B 22 -14.88 -0.87 -20.66
N PHE B 23 -16.18 -0.94 -20.42
CA PHE B 23 -16.72 -1.64 -19.25
C PHE B 23 -16.06 -3.02 -19.11
N ARG B 24 -16.04 -3.78 -20.21
CA ARG B 24 -15.54 -5.12 -20.26
C ARG B 24 -14.06 -5.17 -20.13
N ASP B 25 -13.38 -4.31 -20.85
CA ASP B 25 -11.92 -4.41 -20.85
C ASP B 25 -11.31 -4.02 -19.51
N ASN B 26 -12.01 -3.17 -18.79
CA ASN B 26 -11.53 -2.75 -17.49
C ASN B 26 -11.25 -3.96 -16.60
N ARG B 27 -12.15 -4.93 -16.65
CA ARG B 27 -12.15 -6.21 -15.93
C ARG B 27 -12.16 -6.18 -14.40
N LEU B 28 -11.27 -5.41 -13.79
CA LEU B 28 -11.09 -5.42 -12.35
C LEU B 28 -11.56 -4.12 -11.75
N GLY B 29 -12.52 -4.24 -10.88
CA GLY B 29 -13.05 -3.13 -10.12
C GLY B 29 -13.05 -3.26 -8.60
N ALA B 30 -13.30 -2.13 -7.91
CA ALA B 30 -13.45 -2.15 -6.47
C ALA B 30 -14.86 -1.73 -6.19
N PHE B 31 -15.42 -2.29 -5.14
CA PHE B 31 -16.71 -1.89 -4.63
C PHE B 31 -16.47 -1.10 -3.34
N ILE B 32 -17.21 -0.02 -3.13
CA ILE B 32 -17.19 0.74 -1.91
C ILE B 32 -18.59 0.68 -1.34
N HIS B 33 -18.74 0.04 -0.16
CA HIS B 33 -19.97 0.16 0.67
C HIS B 33 -19.69 1.12 1.83
N TRP B 34 -20.21 2.31 1.75
CA TRP B 34 -20.01 3.28 2.81
C TRP B 34 -21.36 3.96 3.04
N GLY B 35 -21.76 3.96 4.30
CA GLY B 35 -23.05 4.49 4.74
C GLY B 35 -23.07 4.63 6.26
N LEU B 36 -24.23 5.00 6.81
CA LEU B 36 -24.38 5.17 8.26
C LEU B 36 -24.03 3.94 9.07
N TYR B 37 -24.23 2.76 8.48
CA TYR B 37 -23.83 1.51 9.08
C TYR B 37 -22.38 1.45 9.51
N ALA B 38 -21.51 2.26 8.89
CA ALA B 38 -20.08 2.18 9.27
C ALA B 38 -19.86 2.70 10.69
N ILE B 39 -20.77 3.54 11.17
CA ILE B 39 -20.63 4.12 12.51
C ILE B 39 -20.76 3.03 13.58
N PRO B 40 -21.91 2.36 13.68
CA PRO B 40 -21.92 1.27 14.68
C PRO B 40 -21.05 0.07 14.35
N GLY B 41 -20.80 -0.15 13.06
CA GLY B 41 -19.82 -1.21 12.67
C GLY B 41 -20.18 -2.60 13.13
N GLY B 42 -21.47 -2.92 13.06
CA GLY B 42 -21.93 -4.28 13.41
C GLY B 42 -22.46 -4.44 14.84
N GLU B 43 -22.32 -3.37 15.63
CA GLU B 43 -22.61 -3.44 17.07
C GLU B 43 -23.70 -2.47 17.43
N TRP B 44 -24.69 -2.98 18.12
CA TRP B 44 -25.82 -2.14 18.56
C TRP B 44 -26.11 -2.37 20.04
N ASN B 45 -26.04 -1.28 20.80
CA ASN B 45 -26.33 -1.29 22.24
C ASN B 45 -25.55 -2.41 22.92
N GLY B 46 -24.25 -2.42 22.72
CA GLY B 46 -23.40 -3.42 23.40
C GLY B 46 -23.37 -4.83 22.82
N LYS B 47 -24.28 -5.15 21.92
CA LYS B 47 -24.25 -6.45 21.30
C LYS B 47 -23.65 -6.37 19.84
N VAL B 48 -22.64 -7.20 19.59
CA VAL B 48 -22.06 -7.39 18.27
C VAL B 48 -22.86 -8.44 17.49
N TYR B 49 -23.45 -8.04 16.36
CA TYR B 49 -24.16 -8.98 15.51
C TYR B 49 -23.26 -9.52 14.38
N GLY B 50 -23.43 -10.81 14.08
CA GLY B 50 -22.56 -11.55 13.15
C GLY B 50 -22.98 -11.34 11.68
N GLY B 51 -24.24 -11.01 11.47
CA GLY B 51 -24.73 -10.64 10.14
C GLY B 51 -24.00 -9.45 9.49
N ALA B 52 -24.23 -9.31 8.19
CA ALA B 52 -23.68 -8.24 7.41
C ALA B 52 -23.97 -6.90 8.09
N ALA B 53 -22.91 -6.15 8.37
CA ALA B 53 -23.01 -4.89 9.07
C ALA B 53 -23.91 -3.86 8.44
N GLU B 54 -24.00 -3.84 7.11
CA GLU B 54 -24.82 -2.90 6.44
C GLU B 54 -26.31 -3.21 6.61
N TRP B 55 -26.61 -4.41 7.14
CA TRP B 55 -27.99 -4.81 7.51
C TRP B 55 -28.24 -4.75 9.03
N LEU B 56 -27.37 -4.10 9.78
CA LEU B 56 -27.54 -4.02 11.24
C LEU B 56 -28.91 -3.47 11.63
N LYS B 57 -29.40 -2.48 10.91
CA LYS B 57 -30.71 -1.93 11.18
C LYS B 57 -31.73 -3.07 11.31
N SER B 58 -31.60 -4.07 10.46
CA SER B 58 -32.49 -5.17 10.45
C SER B 58 -32.17 -6.15 11.57
N TRP B 59 -30.91 -6.55 11.71
CA TRP B 59 -30.54 -7.54 12.75
C TRP B 59 -30.89 -7.05 14.18
N ALA B 60 -30.68 -5.77 14.45
CA ALA B 60 -30.95 -5.23 15.78
C ALA B 60 -32.34 -4.58 15.85
N LYS B 61 -33.17 -4.76 14.82
CA LYS B 61 -34.55 -4.23 14.84
C LYS B 61 -34.63 -2.73 15.19
N VAL B 62 -33.80 -1.91 14.54
CA VAL B 62 -33.78 -0.48 14.83
C VAL B 62 -34.79 0.27 13.96
N PRO B 63 -35.66 1.11 14.56
CA PRO B 63 -36.62 1.85 13.73
C PRO B 63 -35.91 2.93 12.90
N ALA B 64 -36.51 3.28 11.77
CA ALA B 64 -35.91 4.21 10.81
C ALA B 64 -35.47 5.52 11.46
N ASP B 65 -36.34 6.14 12.24
CA ASP B 65 -36.03 7.41 12.84
C ASP B 65 -34.81 7.28 13.65
N GLU B 66 -34.72 6.22 14.45
CA GLU B 66 -33.56 6.09 15.30
C GLU B 66 -32.28 5.70 14.48
N TRP B 67 -32.40 4.81 13.49
CA TRP B 67 -31.26 4.47 12.64
C TRP B 67 -30.70 5.72 11.96
N LEU B 68 -31.58 6.52 11.37
CA LEU B 68 -31.16 7.68 10.65
C LEU B 68 -30.54 8.83 11.49
N LYS B 69 -30.77 8.83 12.78
CA LYS B 69 -30.11 9.74 13.72
C LYS B 69 -28.61 9.53 13.77
N LEU B 70 -28.15 8.40 13.26
CA LEU B 70 -26.72 8.25 13.05
C LEU B 70 -26.15 9.39 12.22
N MET B 71 -26.96 10.02 11.39
CA MET B 71 -26.50 11.18 10.62
C MET B 71 -25.83 12.24 11.46
N ASP B 72 -26.29 12.37 12.72
CA ASP B 72 -25.69 13.32 13.64
C ASP B 72 -24.27 12.97 14.00
N GLN B 73 -23.87 11.72 13.84
CA GLN B 73 -22.47 11.34 14.04
C GLN B 73 -21.61 11.20 12.77
N TRP B 74 -22.17 11.54 11.61
CA TRP B 74 -21.46 11.38 10.39
C TRP B 74 -20.49 12.54 10.22
N ASN B 75 -19.24 12.27 10.52
CA ASN B 75 -18.18 13.25 10.42
C ASN B 75 -16.81 12.56 10.16
N PRO B 76 -16.64 12.00 8.93
CA PRO B 76 -15.47 11.25 8.55
C PRO B 76 -14.30 12.18 8.30
N THR B 77 -13.65 12.57 9.40
CA THR B 77 -12.67 13.64 9.31
C THR B 77 -11.45 13.19 8.57
N LYS B 78 -11.16 11.89 8.58
CA LYS B 78 -10.00 11.39 7.79
C LYS B 78 -10.27 11.17 6.29
N PHE B 79 -11.48 11.43 5.84
CA PHE B 79 -11.82 11.22 4.45
C PHE B 79 -11.00 12.10 3.55
N ASP B 80 -10.38 11.52 2.52
CA ASP B 80 -9.65 12.30 1.49
C ASP B 80 -9.79 11.54 0.16
N ALA B 81 -10.58 12.09 -0.73
CA ALA B 81 -10.94 11.42 -1.94
C ALA B 81 -9.74 11.13 -2.80
N LYS B 82 -8.76 12.01 -2.78
CA LYS B 82 -7.56 11.83 -3.58
C LYS B 82 -6.80 10.64 -3.08
N LYS B 83 -6.79 10.46 -1.77
CA LYS B 83 -6.14 9.30 -1.18
C LYS B 83 -6.87 7.96 -1.54
N TRP B 84 -8.19 7.99 -1.51
CA TRP B 84 -8.99 6.84 -1.93
C TRP B 84 -8.71 6.50 -3.40
N ALA B 85 -8.64 7.52 -4.25
CA ALA B 85 -8.37 7.30 -5.61
C ALA B 85 -6.98 6.73 -5.87
N LYS B 86 -5.99 7.20 -5.11
CA LYS B 86 -4.66 6.65 -5.14
C LYS B 86 -4.61 5.20 -4.73
N MET B 87 -5.33 4.84 -3.69
CA MET B 87 -5.40 3.48 -3.23
C MET B 87 -5.96 2.57 -4.33
N ALA B 88 -7.02 3.01 -4.99
CA ALA B 88 -7.59 2.24 -6.08
C ALA B 88 -6.64 2.14 -7.27
N LYS B 89 -5.97 3.25 -7.64
CA LYS B 89 -4.96 3.21 -8.70
C LYS B 89 -3.85 2.21 -8.43
N GLU B 90 -3.32 2.26 -7.22
CA GLU B 90 -2.31 1.36 -6.76
C GLU B 90 -2.75 -0.10 -6.79
N MET B 91 -3.99 -0.37 -6.46
CA MET B 91 -4.49 -1.72 -6.45
C MET B 91 -4.60 -2.30 -7.88
N GLY B 92 -4.60 -1.43 -8.88
CA GLY B 92 -4.85 -1.85 -10.24
C GLY B 92 -6.28 -1.94 -10.68
N THR B 93 -7.21 -1.36 -9.89
CA THR B 93 -8.59 -1.30 -10.34
C THR B 93 -8.77 -0.24 -11.42
N LYS B 94 -9.60 -0.56 -12.39
CA LYS B 94 -9.88 0.33 -13.49
C LYS B 94 -11.16 1.04 -13.32
N TYR B 95 -11.92 0.60 -12.32
CA TYR B 95 -13.20 1.23 -11.97
C TYR B 95 -13.59 0.94 -10.56
N VAL B 96 -14.42 1.84 -10.02
CA VAL B 96 -14.95 1.72 -8.72
C VAL B 96 -16.44 1.88 -8.74
N LYS B 97 -17.12 1.02 -7.98
CA LYS B 97 -18.58 1.05 -7.85
C LYS B 97 -18.86 1.55 -6.47
N ILE B 98 -19.67 2.58 -6.36
CA ILE B 98 -19.86 3.25 -5.10
C ILE B 98 -21.32 3.23 -4.65
N THR B 99 -21.58 2.83 -3.41
CA THR B 99 -22.90 2.89 -2.86
C THR B 99 -23.41 4.34 -2.72
N THR B 100 -24.17 4.79 -3.69
CA THR B 100 -24.74 6.15 -3.66
C THR B 100 -25.79 6.22 -2.54
N LYS B 101 -26.53 5.14 -2.39
CA LYS B 101 -27.55 4.99 -1.36
C LYS B 101 -27.77 3.51 -1.17
N HIS B 102 -27.72 3.04 0.07
CA HIS B 102 -27.92 1.60 0.37
C HIS B 102 -29.34 1.48 0.92
N HIS B 103 -29.73 0.30 1.41
CA HIS B 103 -31.13 0.04 1.81
C HIS B 103 -31.58 1.05 2.87
N GLU B 104 -30.67 1.46 3.74
CA GLU B 104 -30.98 2.45 4.79
C GLU B 104 -31.53 3.77 4.22
N GLY B 105 -31.17 4.12 2.98
CA GLY B 105 -31.71 5.28 2.29
C GLY B 105 -30.91 6.58 2.46
N PHE B 106 -29.83 6.55 3.24
CA PHE B 106 -28.93 7.66 3.37
C PHE B 106 -28.13 7.88 2.11
N CYS B 107 -28.18 9.10 1.57
CA CYS B 107 -27.54 9.41 0.34
C CYS B 107 -26.16 10.04 0.48
N LEU B 108 -25.21 9.54 -0.31
CA LEU B 108 -23.86 10.09 -0.23
C LEU B 108 -23.70 11.34 -1.12
N TRP B 109 -24.80 11.80 -1.73
CA TRP B 109 -24.82 13.06 -2.48
C TRP B 109 -25.99 13.86 -1.90
N PRO B 110 -25.96 15.18 -2.09
CA PRO B 110 -26.98 16.01 -1.45
C PRO B 110 -28.27 16.05 -2.24
N SER B 111 -29.04 14.99 -2.16
CA SER B 111 -30.24 14.86 -2.97
C SER B 111 -31.25 15.90 -2.51
N LYS B 112 -31.99 16.41 -3.49
CA LYS B 112 -33.04 17.36 -3.24
C LYS B 112 -34.35 16.64 -2.89
N TYR B 113 -34.39 15.32 -3.04
CA TYR B 113 -35.62 14.56 -2.86
C TYR B 113 -35.80 13.87 -1.51
N THR B 114 -34.86 14.09 -0.60
CA THR B 114 -35.00 13.57 0.74
C THR B 114 -34.09 14.40 1.63
N LYS B 115 -34.40 14.41 2.91
CA LYS B 115 -33.51 15.02 3.91
C LYS B 115 -32.37 14.09 4.45
N TYR B 116 -32.44 12.82 4.09
CA TYR B 116 -31.44 11.83 4.58
C TYR B 116 -30.21 11.78 3.68
N THR B 117 -29.44 12.85 3.72
CA THR B 117 -28.27 13.00 2.89
C THR B 117 -27.07 13.56 3.66
N VAL B 118 -25.90 13.43 3.04
CA VAL B 118 -24.66 13.98 3.55
C VAL B 118 -24.73 15.49 3.88
N ALA B 119 -25.60 16.21 3.18
CA ALA B 119 -25.79 17.66 3.42
C ALA B 119 -26.26 17.95 4.82
N ASN B 120 -27.05 17.05 5.39
CA ASN B 120 -27.61 17.28 6.71
C ASN B 120 -26.89 16.53 7.79
N THR B 121 -25.59 16.44 7.64
CA THR B 121 -24.73 15.83 8.65
C THR B 121 -23.72 16.90 9.05
N PRO B 122 -23.02 16.69 10.12
CA PRO B 122 -21.95 17.63 10.44
C PRO B 122 -20.90 17.78 9.34
N TYR B 123 -20.65 16.71 8.58
CA TYR B 123 -19.67 16.80 7.51
C TYR B 123 -20.10 17.67 6.35
N LYS B 124 -21.38 17.63 6.01
CA LYS B 124 -21.98 18.47 4.97
C LYS B 124 -21.61 18.20 3.53
N ARG B 125 -20.39 17.76 3.29
CA ARG B 125 -19.82 17.77 1.94
C ARG B 125 -20.37 16.65 0.98
N ASP B 126 -20.40 16.95 -0.32
CA ASP B 126 -20.86 16.01 -1.33
C ASP B 126 -19.79 14.93 -1.57
N ILE B 127 -19.76 13.96 -0.67
CA ILE B 127 -18.81 12.88 -0.73
C ILE B 127 -18.78 12.24 -2.12
N LEU B 128 -19.97 11.98 -2.67
CA LEU B 128 -20.01 11.28 -3.93
C LEU B 128 -19.35 12.12 -5.04
N GLY B 129 -19.64 13.40 -5.07
CA GLY B 129 -19.05 14.29 -6.08
C GLY B 129 -17.54 14.34 -5.92
N GLU B 130 -17.07 14.35 -4.67
CA GLU B 130 -15.65 14.36 -4.42
C GLU B 130 -14.98 13.09 -4.94
N LEU B 131 -15.65 11.97 -4.73
CA LEU B 131 -15.12 10.71 -5.22
C LEU B 131 -15.11 10.66 -6.70
N VAL B 132 -16.18 11.11 -7.33
CA VAL B 132 -16.27 11.03 -8.78
C VAL B 132 -15.10 11.77 -9.39
N LYS B 133 -14.90 12.98 -8.90
CA LYS B 133 -13.78 13.82 -9.37
C LYS B 133 -12.41 13.16 -9.19
N ALA B 134 -12.18 12.68 -7.98
CA ALA B 134 -10.91 12.11 -7.63
C ALA B 134 -10.61 10.83 -8.40
N TYR B 135 -11.59 9.96 -8.51
CA TYR B 135 -11.35 8.73 -9.33
C TYR B 135 -11.15 9.03 -10.76
N ASN B 136 -12.01 9.88 -11.31
CA ASN B 136 -11.84 10.29 -12.70
C ASN B 136 -10.49 10.92 -12.95
N ASP B 137 -10.01 11.72 -11.99
CA ASP B 137 -8.65 12.32 -12.13
C ASP B 137 -7.57 11.28 -12.21
N GLU B 138 -7.80 10.12 -11.65
CA GLU B 138 -6.85 9.03 -11.80
C GLU B 138 -7.10 8.13 -13.00
N GLY B 139 -8.05 8.47 -13.84
CA GLY B 139 -8.39 7.67 -15.01
C GLY B 139 -9.24 6.43 -14.67
N ILE B 140 -9.96 6.49 -13.55
CA ILE B 140 -10.74 5.37 -13.06
C ILE B 140 -12.21 5.69 -13.29
N ASP B 141 -12.91 4.80 -13.99
CA ASP B 141 -14.35 4.94 -14.22
C ASP B 141 -15.12 4.76 -12.93
N VAL B 142 -16.27 5.42 -12.86
CA VAL B 142 -17.10 5.33 -11.70
C VAL B 142 -18.46 4.83 -12.03
N HIS B 143 -18.90 3.85 -11.25
CA HIS B 143 -20.16 3.19 -11.40
C HIS B 143 -20.90 3.51 -10.14
N PHE B 144 -22.20 3.66 -10.27
CA PHE B 144 -23.07 3.91 -9.13
C PHE B 144 -23.89 2.69 -8.76
N TYR B 145 -23.70 2.23 -7.52
CA TYR B 145 -24.63 1.31 -6.89
C TYR B 145 -25.82 2.10 -6.41
N PHE B 146 -27.00 1.56 -6.61
CA PHE B 146 -28.26 2.23 -6.12
C PHE B 146 -29.26 1.18 -5.65
N SER B 147 -29.64 1.28 -4.39
CA SER B 147 -30.65 0.41 -3.86
C SER B 147 -32.09 0.99 -4.05
N VAL B 148 -32.93 0.23 -4.74
CA VAL B 148 -34.31 0.65 -4.97
C VAL B 148 -35.04 0.55 -3.65
N MET B 149 -34.96 -0.61 -3.02
CA MET B 149 -35.49 -0.78 -1.67
C MET B 149 -34.93 0.32 -0.80
N ASP B 150 -35.82 1.05 -0.12
CA ASP B 150 -35.40 2.19 0.71
C ASP B 150 -36.16 2.21 2.05
N TRP B 151 -35.46 1.87 3.13
CA TRP B 151 -36.00 1.77 4.48
C TRP B 151 -36.35 3.13 5.11
N SER B 152 -36.00 4.21 4.42
CA SER B 152 -36.16 5.53 4.98
C SER B 152 -37.44 6.17 4.44
N ASN B 153 -37.98 5.64 3.35
CA ASN B 153 -39.15 6.21 2.68
C ASN B 153 -40.40 5.37 2.96
N PRO B 154 -41.40 5.92 3.69
CA PRO B 154 -42.60 5.16 4.01
C PRO B 154 -43.48 4.77 2.82
N ASP B 155 -43.28 5.37 1.66
CA ASP B 155 -44.02 4.91 0.48
C ASP B 155 -43.48 3.64 -0.10
N TYR B 156 -42.36 3.14 0.42
CA TYR B 156 -41.84 1.88 -0.10
C TYR B 156 -42.83 0.83 0.28
N ARG B 157 -43.00 -0.15 -0.60
CA ARG B 157 -43.77 -1.36 -0.30
C ARG B 157 -43.00 -2.62 -0.71
N TYR B 158 -43.11 -3.64 0.13
CA TYR B 158 -42.55 -4.97 -0.12
C TYR B 158 -43.40 -5.77 -1.09
N ASP B 159 -44.69 -5.49 -1.05
CA ASP B 159 -45.61 -6.11 -1.97
C ASP B 159 -46.80 -5.16 -2.18
N ILE B 160 -47.52 -5.40 -3.27
CA ILE B 160 -48.71 -4.64 -3.64
C ILE B 160 -49.92 -5.53 -3.37
N LYS B 161 -50.56 -5.27 -2.24
CA LYS B 161 -51.71 -6.05 -1.79
C LYS B 161 -53.03 -5.26 -1.75
N SER B 162 -52.99 -4.00 -2.15
CA SER B 162 -54.15 -3.15 -2.10
C SER B 162 -53.99 -1.99 -3.08
N LYS B 163 -55.06 -1.25 -3.28
CA LYS B 163 -55.01 -0.12 -4.17
C LYS B 163 -54.18 0.98 -3.52
N GLU B 164 -54.23 1.03 -2.21
CA GLU B 164 -53.49 2.03 -1.51
C GLU B 164 -51.97 1.76 -1.64
N ASP B 165 -51.62 0.50 -1.45
CA ASP B 165 -50.24 0.03 -1.68
C ASP B 165 -49.79 0.54 -3.04
N SER B 166 -50.62 0.34 -4.03
CA SER B 166 -50.28 0.73 -5.37
C SER B 166 -50.07 2.23 -5.57
N ILE B 167 -50.89 3.01 -4.89
CA ILE B 167 -50.80 4.47 -4.98
C ILE B 167 -49.48 4.94 -4.35
N ALA B 168 -49.20 4.43 -3.17
CA ALA B 168 -47.97 4.73 -2.40
C ALA B 168 -46.74 4.34 -3.23
N PHE B 169 -46.78 3.15 -3.79
CA PHE B 169 -45.60 2.61 -4.49
C PHE B 169 -45.37 3.37 -5.77
N SER B 170 -46.45 3.89 -6.35
CA SER B 170 -46.33 4.72 -7.52
C SER B 170 -45.61 6.02 -7.24
N ARG B 171 -45.95 6.68 -6.12
CA ARG B 171 -45.17 7.84 -5.66
C ARG B 171 -43.66 7.46 -5.42
N PHE B 172 -43.47 6.33 -4.79
CA PHE B 172 -42.12 5.81 -4.49
C PHE B 172 -41.29 5.65 -5.76
N LEU B 173 -41.88 5.10 -6.81
CA LEU B 173 -41.19 5.00 -8.07
C LEU B 173 -40.84 6.35 -8.68
N GLU B 174 -41.71 7.34 -8.51
CA GLU B 174 -41.43 8.70 -9.01
C GLU B 174 -40.26 9.33 -8.24
N PHE B 175 -40.28 9.15 -6.93
CA PHE B 175 -39.20 9.58 -6.06
C PHE B 175 -37.83 8.91 -6.45
N THR B 176 -37.89 7.63 -6.75
CA THR B 176 -36.73 6.91 -7.22
C THR B 176 -36.25 7.46 -8.57
N ASP B 177 -37.17 7.69 -9.48
CA ASP B 177 -36.85 8.23 -10.77
C ASP B 177 -36.14 9.55 -10.61
N ASN B 178 -36.63 10.35 -9.67
CA ASN B 178 -36.10 11.65 -9.41
C ASN B 178 -34.65 11.58 -8.92
N GLN B 179 -34.39 10.70 -7.95
CA GLN B 179 -32.99 10.46 -7.53
C GLN B 179 -32.10 9.92 -8.67
N LEU B 180 -32.61 9.03 -9.48
CA LEU B 180 -31.84 8.53 -10.58
C LEU B 180 -31.45 9.60 -11.60
N LYS B 181 -32.41 10.43 -11.99
CA LYS B 181 -32.16 11.52 -12.96
C LYS B 181 -31.17 12.48 -12.39
N GLU B 182 -31.34 12.78 -11.12
CA GLU B 182 -30.47 13.67 -10.45
C GLU B 182 -29.00 13.18 -10.45
N LEU B 183 -28.82 11.90 -10.19
CA LEU B 183 -27.46 11.34 -10.19
C LEU B 183 -26.90 11.40 -11.58
N ALA B 184 -27.73 11.07 -12.56
CA ALA B 184 -27.27 10.99 -13.97
C ALA B 184 -26.85 12.34 -14.52
N THR B 185 -27.52 13.38 -14.08
CA THR B 185 -27.28 14.75 -14.58
C THR B 185 -26.29 15.50 -13.74
N ARG B 186 -26.27 15.25 -12.43
CA ARG B 186 -25.24 15.88 -11.57
C ARG B 186 -23.84 15.29 -11.85
N TYR B 187 -23.75 14.02 -12.24
CA TYR B 187 -22.47 13.31 -12.34
C TYR B 187 -22.41 12.56 -13.69
N PRO B 188 -22.31 13.32 -14.79
CA PRO B 188 -22.50 12.78 -16.11
C PRO B 188 -21.38 11.92 -16.58
N THR B 189 -20.30 11.87 -15.84
CA THR B 189 -19.22 10.88 -16.19
C THR B 189 -19.48 9.43 -15.69
N VAL B 190 -20.60 9.23 -15.01
CA VAL B 190 -21.02 7.90 -14.56
C VAL B 190 -21.10 6.90 -15.74
N LYS B 191 -20.57 5.71 -15.53
CA LYS B 191 -20.51 4.75 -16.60
C LYS B 191 -21.43 3.59 -16.47
N ASP B 192 -22.10 3.46 -15.34
CA ASP B 192 -22.87 2.25 -15.02
C ASP B 192 -23.76 2.57 -13.85
N PHE B 193 -24.97 2.05 -13.87
CA PHE B 193 -25.83 1.98 -12.67
C PHE B 193 -26.08 0.52 -12.31
N TRP B 194 -25.73 0.17 -11.09
CA TRP B 194 -25.81 -1.22 -10.58
C TRP B 194 -26.86 -1.22 -9.53
N PHE B 195 -28.02 -1.72 -9.89
CA PHE B 195 -29.17 -1.73 -9.03
C PHE B 195 -29.15 -2.92 -8.08
N ASP B 196 -29.58 -2.64 -6.87
CA ASP B 196 -29.81 -3.65 -5.83
C ASP B 196 -31.16 -3.40 -5.20
N GLY B 197 -31.57 -4.31 -4.34
CA GLY B 197 -32.78 -4.11 -3.58
C GLY B 197 -34.00 -4.12 -4.50
N THR B 198 -33.99 -5.03 -5.48
CA THR B 198 -35.00 -5.12 -6.49
C THR B 198 -35.70 -6.47 -6.52
N TRP B 199 -35.55 -7.25 -5.46
CA TRP B 199 -36.10 -8.63 -5.46
C TRP B 199 -37.55 -8.68 -4.90
N ASP B 200 -38.03 -7.61 -4.27
CA ASP B 200 -39.34 -7.67 -3.58
C ASP B 200 -40.47 -7.80 -4.62
N ALA B 201 -41.54 -8.45 -4.21
CA ALA B 201 -42.72 -8.64 -5.10
C ALA B 201 -43.27 -7.32 -5.66
N SER B 202 -43.16 -6.23 -4.91
CA SER B 202 -43.56 -4.92 -5.47
C SER B 202 -42.86 -4.60 -6.78
N VAL B 203 -41.55 -4.86 -6.82
CA VAL B 203 -40.78 -4.51 -8.00
C VAL B 203 -41.04 -5.52 -9.10
N LYS B 204 -41.15 -6.79 -8.71
CA LYS B 204 -41.48 -7.87 -9.65
C LYS B 204 -42.79 -7.58 -10.39
N LYS B 205 -43.75 -7.01 -9.68
CA LYS B 205 -45.06 -6.67 -10.28
C LYS B 205 -44.99 -5.45 -11.17
N ASN B 206 -43.88 -4.71 -11.11
CA ASN B 206 -43.70 -3.52 -11.90
C ASN B 206 -42.55 -3.58 -12.82
N GLY B 207 -42.51 -4.66 -13.56
CA GLY B 207 -41.53 -4.84 -14.63
C GLY B 207 -41.34 -3.65 -15.55
N TRP B 208 -42.48 -3.05 -15.93
CA TRP B 208 -42.53 -1.89 -16.85
C TRP B 208 -41.63 -0.76 -16.34
N TRP B 209 -41.62 -0.56 -15.02
CA TRP B 209 -40.80 0.49 -14.44
C TRP B 209 -39.28 0.17 -14.61
N THR B 210 -38.93 -1.09 -14.42
CA THR B 210 -37.51 -1.47 -14.56
C THR B 210 -37.01 -1.19 -15.96
N ALA B 211 -37.81 -1.53 -16.96
CA ALA B 211 -37.43 -1.28 -18.34
C ALA B 211 -37.34 0.22 -18.62
N HIS B 212 -38.24 0.95 -18.00
CA HIS B 212 -38.28 2.41 -18.13
C HIS B 212 -37.06 3.10 -17.49
N ALA B 213 -36.68 2.62 -16.30
CA ALA B 213 -35.50 3.11 -15.62
C ALA B 213 -34.27 2.87 -16.50
N GLU B 214 -34.18 1.68 -17.11
CA GLU B 214 -33.08 1.35 -18.02
C GLU B 214 -33.06 2.34 -19.19
N GLN B 215 -34.21 2.57 -19.80
CA GLN B 215 -34.28 3.41 -20.99
C GLN B 215 -34.03 4.89 -20.67
N MET B 216 -34.64 5.32 -19.61
CA MET B 216 -34.44 6.68 -19.14
C MET B 216 -32.96 7.02 -18.91
N LEU B 217 -32.25 6.13 -18.22
CA LEU B 217 -30.86 6.40 -17.92
C LEU B 217 -30.02 6.35 -19.18
N LYS B 218 -30.34 5.42 -20.09
CA LYS B 218 -29.61 5.30 -21.35
C LYS B 218 -29.75 6.55 -22.23
N GLU B 219 -30.90 7.19 -22.12
CA GLU B 219 -31.10 8.50 -22.81
C GLU B 219 -30.34 9.62 -22.15
N LEU B 220 -30.20 9.58 -20.83
CA LEU B 220 -29.49 10.64 -20.11
C LEU B 220 -27.97 10.49 -20.08
N VAL B 221 -27.48 9.25 -20.23
CA VAL B 221 -26.05 9.01 -20.18
C VAL B 221 -25.63 8.12 -21.33
N PRO B 222 -25.11 8.73 -22.36
CA PRO B 222 -24.73 7.93 -23.50
C PRO B 222 -23.73 6.81 -23.17
N GLY B 223 -24.07 5.60 -23.57
CA GLY B 223 -23.21 4.46 -23.46
C GLY B 223 -23.24 3.81 -22.07
N VAL B 224 -24.05 4.35 -21.18
CA VAL B 224 -24.13 3.83 -19.82
C VAL B 224 -24.51 2.36 -19.85
N ALA B 225 -23.92 1.61 -18.91
CA ALA B 225 -24.29 0.20 -18.67
C ALA B 225 -25.30 0.10 -17.54
N ILE B 226 -26.14 -0.92 -17.62
CA ILE B 226 -27.19 -1.15 -16.66
C ILE B 226 -27.23 -2.61 -16.34
N ASN B 227 -27.20 -2.95 -15.04
CA ASN B 227 -27.09 -4.36 -14.62
C ASN B 227 -28.40 -5.13 -14.69
N SER B 228 -28.29 -6.45 -14.82
CA SER B 228 -29.45 -7.30 -15.02
C SER B 228 -30.33 -7.33 -13.80
N ARG B 229 -29.72 -7.12 -12.62
CA ARG B 229 -30.41 -7.20 -11.36
C ARG B 229 -31.55 -6.17 -11.23
N LEU B 230 -31.45 -5.10 -11.97
CA LEU B 230 -32.55 -4.14 -12.04
C LEU B 230 -33.86 -4.77 -12.55
N ARG B 231 -33.73 -5.66 -13.51
CA ARG B 231 -34.79 -5.89 -14.53
C ARG B 231 -35.69 -7.02 -14.19
N ALA B 232 -36.99 -6.71 -14.28
CA ALA B 232 -38.04 -7.72 -14.23
C ALA B 232 -38.87 -7.55 -15.52
N ASP B 233 -39.32 -8.67 -16.06
CA ASP B 233 -40.20 -8.61 -17.23
C ASP B 233 -41.72 -8.49 -16.80
N ASP B 234 -42.60 -8.64 -17.81
CA ASP B 234 -44.08 -8.49 -17.62
C ASP B 234 -44.63 -9.46 -16.61
N LYS B 235 -43.98 -10.62 -16.49
CA LYS B 235 -44.46 -11.69 -15.63
C LYS B 235 -43.75 -11.73 -14.31
N GLY B 236 -42.87 -10.77 -14.05
CA GLY B 236 -42.13 -10.71 -12.80
C GLY B 236 -40.84 -11.54 -12.78
N LYS B 237 -40.43 -12.07 -13.91
CA LYS B 237 -39.18 -12.85 -13.97
C LYS B 237 -37.96 -11.89 -14.04
N ARG B 238 -36.95 -12.13 -13.20
CA ARG B 238 -35.82 -11.22 -12.99
C ARG B 238 -34.54 -11.68 -13.67
N HIS B 239 -33.72 -10.72 -14.08
CA HIS B 239 -32.41 -10.95 -14.74
C HIS B 239 -32.55 -11.45 -16.20
N PHE B 240 -33.11 -12.65 -16.36
CA PHE B 240 -33.39 -13.19 -17.65
C PHE B 240 -34.92 -13.21 -17.78
N ASP B 241 -35.43 -12.77 -18.93
CA ASP B 241 -36.92 -12.65 -19.09
C ASP B 241 -37.54 -14.08 -19.24
N SER B 242 -38.84 -14.10 -19.45
CA SER B 242 -39.60 -15.33 -19.59
C SER B 242 -39.23 -16.15 -20.82
N ASN B 243 -38.58 -15.53 -21.78
CA ASN B 243 -38.03 -16.24 -22.93
C ASN B 243 -36.54 -16.60 -22.79
N GLY B 244 -36.01 -16.52 -21.57
CA GLY B 244 -34.62 -16.87 -21.30
C GLY B 244 -33.60 -15.83 -21.75
N ARG B 245 -34.01 -14.64 -22.13
CA ARG B 245 -33.07 -13.68 -22.70
C ARG B 245 -32.62 -12.68 -21.60
N LEU B 246 -31.34 -12.40 -21.62
CA LEU B 246 -30.75 -11.50 -20.62
C LEU B 246 -31.30 -10.12 -20.74
N MET B 247 -31.75 -9.58 -19.63
CA MET B 247 -32.18 -8.18 -19.59
C MET B 247 -31.03 -7.32 -19.03
N GLY B 248 -31.02 -6.07 -19.41
CA GLY B 248 -29.89 -5.18 -19.10
C GLY B 248 -28.68 -5.53 -19.96
N ASP B 249 -27.54 -4.94 -19.60
CA ASP B 249 -26.37 -5.04 -20.40
C ASP B 249 -25.43 -6.12 -20.02
N TYR B 250 -25.55 -6.58 -18.79
CA TYR B 250 -24.65 -7.58 -18.28
C TYR B 250 -25.31 -8.26 -17.08
N GLU B 251 -24.95 -9.52 -16.91
CA GLU B 251 -25.45 -10.37 -15.85
C GLU B 251 -24.71 -10.09 -14.55
N SER B 252 -25.48 -9.86 -13.48
CA SER B 252 -24.98 -9.42 -12.21
C SER B 252 -25.55 -10.25 -11.06
N GLY B 253 -25.59 -11.55 -11.19
CA GLY B 253 -26.01 -12.39 -10.08
C GLY B 253 -24.93 -13.16 -9.32
N TYR B 254 -23.69 -13.18 -9.80
CA TYR B 254 -22.67 -14.01 -9.16
C TYR B 254 -22.10 -13.11 -8.08
N GLU B 255 -22.54 -13.34 -6.85
CA GLU B 255 -22.25 -12.48 -5.71
C GLU B 255 -21.73 -13.38 -4.66
N ARG B 256 -20.43 -13.28 -4.36
CA ARG B 256 -19.83 -14.20 -3.41
C ARG B 256 -19.87 -15.64 -3.89
N ARG B 257 -20.01 -15.85 -5.21
CA ARG B 257 -19.78 -17.18 -5.84
C ARG B 257 -19.49 -16.98 -7.33
N LEU B 258 -18.95 -18.00 -7.99
CA LEU B 258 -18.54 -17.90 -9.41
C LEU B 258 -19.02 -19.10 -10.26
N PRO B 259 -19.18 -18.93 -11.58
CA PRO B 259 -19.58 -20.05 -12.41
C PRO B 259 -18.54 -21.10 -12.51
N ASP B 260 -18.99 -22.33 -12.71
CA ASP B 260 -18.10 -23.44 -12.67
C ASP B 260 -17.35 -23.47 -13.99
N PRO B 261 -16.02 -23.62 -13.95
CA PRO B 261 -15.23 -23.52 -15.19
C PRO B 261 -15.42 -24.64 -16.21
N VAL B 262 -16.04 -25.73 -15.78
CA VAL B 262 -16.33 -26.85 -16.65
C VAL B 262 -17.80 -26.86 -17.02
N LYS B 263 -18.68 -26.64 -16.05
CA LYS B 263 -20.10 -26.80 -16.26
C LYS B 263 -20.90 -25.58 -16.68
N ASP B 264 -20.40 -24.38 -16.44
CA ASP B 264 -21.16 -23.19 -16.66
C ASP B 264 -20.61 -22.33 -17.78
N LEU B 265 -20.10 -22.97 -18.83
CA LEU B 265 -19.58 -22.24 -20.01
C LEU B 265 -20.61 -21.34 -20.74
N LYS B 266 -21.86 -21.53 -20.45
CA LYS B 266 -22.88 -20.67 -20.98
C LYS B 266 -22.68 -19.20 -20.69
N VAL B 267 -22.01 -18.88 -19.57
CA VAL B 267 -21.83 -17.48 -19.23
C VAL B 267 -20.98 -16.72 -20.22
N THR B 268 -20.18 -17.44 -21.01
CA THR B 268 -19.30 -16.82 -21.93
C THR B 268 -20.08 -16.16 -23.09
N GLN B 269 -21.40 -16.38 -23.13
CA GLN B 269 -22.24 -15.88 -24.19
C GLN B 269 -22.71 -14.50 -23.91
N TRP B 270 -22.56 -14.03 -22.66
CA TRP B 270 -22.96 -12.65 -22.34
C TRP B 270 -21.96 -11.97 -21.45
N ASP B 271 -22.05 -10.63 -21.42
CA ASP B 271 -21.24 -9.89 -20.45
C ASP B 271 -21.76 -10.18 -19.04
N TRP B 272 -20.86 -10.18 -18.08
CA TRP B 272 -21.24 -10.41 -16.70
C TRP B 272 -20.21 -9.85 -15.74
N GLU B 273 -20.64 -9.57 -14.55
CA GLU B 273 -19.78 -9.05 -13.50
C GLU B 273 -20.10 -9.76 -12.20
N ALA B 274 -19.05 -10.30 -11.57
CA ALA B 274 -19.14 -10.84 -10.23
C ALA B 274 -18.66 -9.81 -9.19
N CYS B 275 -19.21 -9.88 -7.99
CA CYS B 275 -18.72 -9.09 -6.87
CA CYS B 275 -18.79 -9.06 -6.88
C CYS B 275 -18.42 -10.01 -5.71
N MET B 276 -17.48 -9.60 -4.87
CA MET B 276 -17.02 -10.47 -3.76
C MET B 276 -16.62 -9.63 -2.54
N THR B 277 -16.69 -10.28 -1.40
CA THR B 277 -16.28 -9.71 -0.10
C THR B 277 -15.00 -10.35 0.33
N ILE B 278 -14.25 -9.64 1.18
CA ILE B 278 -12.98 -10.20 1.73
C ILE B 278 -13.29 -11.20 2.83
N PRO B 279 -14.07 -10.80 3.85
CA PRO B 279 -14.58 -11.84 4.71
C PRO B 279 -15.69 -12.59 4.05
N GLU B 280 -16.27 -13.53 4.75
CA GLU B 280 -17.33 -14.32 4.18
C GLU B 280 -18.57 -13.54 3.75
N ASN B 281 -19.03 -12.63 4.59
CA ASN B 281 -20.24 -11.89 4.30
C ASN B 281 -20.39 -10.59 5.04
N GLN B 282 -19.51 -9.66 4.71
CA GLN B 282 -19.55 -8.29 5.24
C GLN B 282 -19.25 -7.34 4.08
N TRP B 283 -20.17 -6.45 3.78
CA TRP B 283 -19.94 -5.45 2.75
C TRP B 283 -19.61 -4.11 3.37
N GLY B 284 -20.51 -3.62 4.18
CA GLY B 284 -20.22 -2.46 5.05
C GLY B 284 -19.19 -2.77 6.16
N TYR B 285 -18.61 -1.73 6.72
CA TYR B 285 -17.65 -1.86 7.78
C TYR B 285 -18.20 -2.62 8.96
N HIS B 286 -17.55 -3.74 9.27
CA HIS B 286 -17.80 -4.50 10.51
C HIS B 286 -16.55 -4.52 11.39
N LYS B 287 -16.71 -4.17 12.66
CA LYS B 287 -15.54 -3.94 13.50
C LYS B 287 -14.78 -5.21 13.88
N ASP B 288 -15.40 -6.37 13.72
CA ASP B 288 -14.77 -7.60 14.12
C ASP B 288 -14.71 -8.67 13.01
N TRP B 289 -13.59 -8.70 12.33
CA TRP B 289 -13.37 -9.68 11.24
C TRP B 289 -12.96 -11.06 11.71
N SER B 290 -12.72 -11.22 13.02
CA SER B 290 -12.43 -12.54 13.54
C SER B 290 -13.64 -13.48 13.46
N LEU B 291 -14.84 -12.95 13.20
CA LEU B 291 -16.02 -13.79 13.26
C LEU B 291 -16.29 -14.72 12.06
N SER B 292 -15.63 -14.51 10.92
CA SER B 292 -15.71 -15.47 9.81
C SER B 292 -14.38 -15.55 9.13
N TYR B 293 -14.29 -16.44 8.14
CA TYR B 293 -13.06 -16.59 7.36
C TYR B 293 -12.77 -15.31 6.53
N VAL B 294 -11.53 -14.86 6.56
CA VAL B 294 -11.06 -13.72 5.81
C VAL B 294 -10.11 -14.22 4.71
N LYS B 295 -10.43 -13.90 3.44
CA LYS B 295 -9.62 -14.35 2.33
C LYS B 295 -8.25 -13.77 2.29
N THR B 296 -7.31 -14.59 1.91
CA THR B 296 -5.96 -14.10 1.63
C THR B 296 -5.91 -13.45 0.26
N PRO B 297 -4.86 -12.69 0.01
CA PRO B 297 -4.73 -12.08 -1.29
C PRO B 297 -4.70 -13.07 -2.47
N ILE B 298 -4.04 -14.22 -2.32
CA ILE B 298 -3.99 -15.19 -3.41
C ILE B 298 -5.35 -15.78 -3.70
N GLU B 299 -6.16 -15.96 -2.65
CA GLU B 299 -7.50 -16.41 -2.80
C GLU B 299 -8.35 -15.39 -3.57
N VAL B 300 -8.14 -14.12 -3.34
CA VAL B 300 -8.82 -13.12 -4.08
C VAL B 300 -8.37 -13.07 -5.56
N ILE B 301 -7.05 -13.12 -5.79
CA ILE B 301 -6.46 -13.09 -7.12
C ILE B 301 -6.96 -14.29 -7.93
N ASP B 302 -7.10 -15.42 -7.27
CA ASP B 302 -7.70 -16.59 -7.90
C ASP B 302 -9.10 -16.31 -8.45
N ARG B 303 -9.93 -15.66 -7.64
CA ARG B 303 -11.26 -15.36 -8.06
C ARG B 303 -11.28 -14.34 -9.18
N ILE B 304 -10.42 -13.35 -9.10
CA ILE B 304 -10.36 -12.35 -10.16
C ILE B 304 -10.05 -13.05 -11.53
N VAL B 305 -9.00 -13.85 -11.57
CA VAL B 305 -8.60 -14.50 -12.77
C VAL B 305 -9.63 -15.51 -13.27
N HIS B 306 -10.25 -16.24 -12.33
CA HIS B 306 -11.36 -17.13 -12.62
C HIS B 306 -12.43 -16.39 -13.40
N ALA B 307 -12.82 -15.24 -12.92
CA ALA B 307 -13.85 -14.45 -13.60
C ALA B 307 -13.49 -14.08 -15.04
N VAL B 308 -12.32 -13.50 -15.21
CA VAL B 308 -11.84 -13.10 -16.49
C VAL B 308 -11.67 -14.32 -17.45
N SER B 309 -11.25 -15.45 -16.93
CA SER B 309 -11.14 -16.69 -17.71
C SER B 309 -12.45 -17.17 -18.28
N MET B 310 -13.54 -16.69 -17.73
CA MET B 310 -14.86 -17.01 -18.16
C MET B 310 -15.64 -15.86 -18.71
N GLY B 311 -14.90 -14.87 -19.15
CA GLY B 311 -15.48 -13.73 -19.76
C GLY B 311 -16.20 -12.76 -18.91
N GLY B 312 -15.88 -12.69 -17.63
CA GLY B 312 -16.54 -11.75 -16.74
C GLY B 312 -15.60 -10.79 -16.02
N ASN B 313 -16.19 -9.76 -15.45
CA ASN B 313 -15.50 -8.82 -14.56
C ASN B 313 -15.57 -9.26 -13.12
N MET B 314 -14.67 -8.72 -12.29
CA MET B 314 -14.66 -9.02 -10.85
C MET B 314 -14.44 -7.71 -10.10
N VAL B 315 -15.29 -7.49 -9.10
CA VAL B 315 -15.28 -6.34 -8.24
C VAL B 315 -15.02 -6.80 -6.82
N VAL B 316 -13.93 -6.28 -6.23
CA VAL B 316 -13.55 -6.60 -4.85
C VAL B 316 -14.06 -5.52 -3.92
N ASN B 317 -14.80 -5.95 -2.95
CA ASN B 317 -15.44 -4.98 -2.00
C ASN B 317 -14.56 -4.48 -0.86
N PHE B 318 -14.71 -3.20 -0.58
CA PHE B 318 -14.17 -2.48 0.58
C PHE B 318 -15.25 -1.75 1.36
N GLY B 319 -15.17 -1.79 2.70
CA GLY B 319 -16.12 -1.21 3.62
C GLY B 319 -15.42 -0.19 4.52
N PRO B 320 -15.28 1.04 4.03
CA PRO B 320 -14.50 2.00 4.78
C PRO B 320 -15.00 2.25 6.20
N GLN B 321 -14.06 2.64 7.06
CA GLN B 321 -14.38 3.04 8.43
C GLN B 321 -15.26 4.29 8.48
N ALA B 322 -15.88 4.51 9.64
CA ALA B 322 -16.70 5.74 9.88
C ALA B 322 -15.87 7.01 9.77
N ASP B 323 -14.59 6.91 10.08
CA ASP B 323 -13.71 8.09 10.00
C ASP B 323 -13.23 8.45 8.62
N GLY B 324 -13.48 7.56 7.68
CA GLY B 324 -13.22 7.84 6.26
C GLY B 324 -11.86 7.32 5.83
N ASP B 325 -11.23 6.53 6.69
CA ASP B 325 -10.04 5.77 6.32
C ASP B 325 -10.39 4.29 6.09
N PHE B 326 -9.46 3.53 5.54
CA PHE B 326 -9.65 2.09 5.43
C PHE B 326 -8.91 1.34 6.48
N ARG B 327 -9.47 0.24 6.93
CA ARG B 327 -8.85 -0.61 7.89
C ARG B 327 -7.57 -1.24 7.32
N PRO B 328 -6.71 -1.72 8.20
CA PRO B 328 -5.40 -2.19 7.79
C PRO B 328 -5.44 -3.43 6.90
N GLU B 329 -6.37 -4.32 7.16
CA GLU B 329 -6.52 -5.53 6.37
C GLU B 329 -6.84 -5.19 4.90
N GLU B 330 -7.60 -4.14 4.70
CA GLU B 330 -7.98 -3.73 3.38
C GLU B 330 -6.85 -3.04 2.68
N LYS B 331 -6.11 -2.18 3.38
CA LYS B 331 -4.92 -1.60 2.77
C LYS B 331 -3.94 -2.69 2.33
N ALA B 332 -3.79 -3.70 3.15
CA ALA B 332 -2.83 -4.75 2.84
C ALA B 332 -3.27 -5.56 1.61
N MET B 333 -4.59 -5.81 1.54
CA MET B 333 -5.19 -6.51 0.41
C MET B 333 -5.00 -5.72 -0.86
N ALA B 334 -5.31 -4.43 -0.83
CA ALA B 334 -5.20 -3.63 -2.06
C ALA B 334 -3.77 -3.58 -2.60
N THR B 335 -2.83 -3.37 -1.69
CA THR B 335 -1.47 -3.38 -2.00
C THR B 335 -1.01 -4.72 -2.61
N ALA B 336 -1.40 -5.84 -1.99
CA ALA B 336 -0.99 -7.16 -2.44
C ALA B 336 -1.56 -7.42 -3.86
N ILE B 337 -2.82 -7.07 -4.04
CA ILE B 337 -3.46 -7.21 -5.36
C ILE B 337 -2.77 -6.33 -6.42
N GLY B 338 -2.48 -5.10 -6.04
CA GLY B 338 -1.78 -4.19 -6.94
C GLY B 338 -0.39 -4.66 -7.39
N LYS B 339 0.35 -5.19 -6.47
CA LYS B 339 1.67 -5.76 -6.73
C LYS B 339 1.57 -6.90 -7.81
N TRP B 340 0.61 -7.77 -7.63
CA TRP B 340 0.45 -8.89 -8.55
C TRP B 340 -0.03 -8.43 -9.91
N MET B 341 -1.01 -7.53 -9.92
CA MET B 341 -1.53 -6.97 -11.14
C MET B 341 -0.48 -6.18 -11.90
N ASN B 342 0.42 -5.50 -11.20
CA ASN B 342 1.41 -4.72 -11.90
C ASN B 342 2.37 -5.68 -12.63
N ARG B 343 2.57 -6.86 -12.07
CA ARG B 343 3.42 -7.84 -12.73
C ARG B 343 2.72 -8.68 -13.80
N TYR B 344 1.46 -9.04 -13.58
CA TYR B 344 0.79 -10.12 -14.36
C TYR B 344 -0.47 -9.66 -15.02
N GLY B 345 -0.76 -8.38 -14.88
CA GLY B 345 -2.01 -7.83 -15.37
C GLY B 345 -2.26 -7.86 -16.81
N LYS B 346 -1.23 -8.13 -17.63
CA LYS B 346 -1.46 -8.24 -19.09
C LYS B 346 -2.38 -9.43 -19.36
N ALA B 347 -2.46 -10.37 -18.43
CA ALA B 347 -3.36 -11.54 -18.57
C ALA B 347 -4.75 -11.33 -18.00
N VAL B 348 -5.01 -10.14 -17.50
CA VAL B 348 -6.30 -9.79 -16.90
C VAL B 348 -6.95 -8.71 -17.69
N TYR B 349 -6.32 -7.54 -17.75
CA TYR B 349 -6.96 -6.43 -18.42
C TYR B 349 -7.18 -6.71 -19.88
N ALA B 350 -8.34 -6.37 -20.38
CA ALA B 350 -8.76 -6.56 -21.75
C ALA B 350 -8.63 -8.01 -22.20
N CYS B 351 -8.76 -8.94 -21.27
CA CYS B 351 -8.72 -10.33 -21.61
C CYS B 351 -10.09 -10.97 -21.48
N ASP B 352 -10.19 -12.23 -21.95
CA ASP B 352 -11.47 -12.85 -22.11
C ASP B 352 -11.35 -14.34 -22.11
N TYR B 353 -12.47 -15.01 -22.21
CA TYR B 353 -12.50 -16.51 -22.32
C TYR B 353 -11.66 -17.02 -23.51
N ALA B 354 -10.85 -18.07 -23.30
CA ALA B 354 -9.96 -18.56 -24.32
C ALA B 354 -10.51 -19.71 -25.18
N GLY B 355 -11.57 -20.32 -24.77
CA GLY B 355 -12.05 -21.46 -25.49
C GLY B 355 -11.29 -22.76 -25.36
N PHE B 356 -10.45 -22.89 -24.34
CA PHE B 356 -9.67 -24.09 -24.11
C PHE B 356 -10.27 -24.90 -22.97
N GLU B 357 -10.12 -26.18 -23.03
CA GLU B 357 -10.55 -27.05 -21.95
C GLU B 357 -9.79 -26.72 -20.61
N LYS B 358 -10.53 -26.52 -19.56
CA LYS B 358 -9.96 -26.20 -18.22
C LYS B 358 -8.97 -27.24 -17.75
N GLN B 359 -7.84 -26.83 -17.21
CA GLN B 359 -6.87 -27.72 -16.63
C GLN B 359 -6.64 -27.36 -15.16
N ASP B 360 -6.07 -28.31 -14.43
CA ASP B 360 -5.93 -28.22 -13.00
C ASP B 360 -4.94 -27.18 -12.48
N TRP B 361 -3.94 -26.78 -13.28
CA TRP B 361 -2.96 -25.88 -12.89
C TRP B 361 -3.45 -24.46 -12.68
N GLY B 362 -4.58 -24.11 -13.26
CA GLY B 362 -5.04 -22.75 -13.21
C GLY B 362 -6.00 -22.40 -14.34
N TYR B 363 -5.85 -21.20 -14.90
CA TYR B 363 -6.80 -20.65 -15.83
C TYR B 363 -6.12 -20.16 -17.07
N TYR B 364 -6.84 -20.25 -18.16
CA TYR B 364 -6.46 -19.58 -19.38
C TYR B 364 -7.17 -18.26 -19.49
N THR B 365 -6.45 -17.28 -20.03
CA THR B 365 -7.15 -16.10 -20.55
C THR B 365 -6.65 -15.78 -21.98
N ARG B 366 -7.48 -15.04 -22.70
CA ARG B 366 -7.20 -14.63 -24.08
C ARG B 366 -7.15 -13.17 -24.26
N GLY B 367 -6.02 -12.71 -24.77
CA GLY B 367 -5.82 -11.29 -25.01
C GLY B 367 -6.56 -10.83 -26.25
N LYS B 368 -6.52 -9.52 -26.48
CA LYS B 368 -7.16 -8.93 -27.66
C LYS B 368 -6.63 -9.38 -29.02
N ASN B 369 -5.40 -9.78 -29.06
CA ASN B 369 -4.79 -10.17 -30.31
C ASN B 369 -4.38 -11.58 -30.29
N ASP B 370 -5.22 -12.38 -29.65
CA ASP B 370 -5.05 -13.83 -29.57
C ASP B 370 -3.82 -14.35 -28.84
N GLU B 371 -3.24 -13.54 -27.98
CA GLU B 371 -2.35 -14.05 -26.98
C GLU B 371 -3.14 -15.04 -26.09
N VAL B 372 -2.55 -16.15 -25.70
CA VAL B 372 -3.20 -17.06 -24.75
C VAL B 372 -2.36 -17.17 -23.49
N TYR B 373 -2.91 -16.76 -22.36
CA TYR B 373 -2.17 -16.73 -21.14
C TYR B 373 -2.55 -17.92 -20.27
N MET B 374 -1.53 -18.57 -19.75
CA MET B 374 -1.70 -19.59 -18.74
C MET B 374 -1.40 -18.98 -17.41
N VAL B 375 -2.40 -18.90 -16.52
CA VAL B 375 -2.18 -18.34 -15.21
C VAL B 375 -2.17 -19.48 -14.21
N VAL B 376 -1.00 -19.78 -13.66
CA VAL B 376 -0.73 -20.97 -12.88
C VAL B 376 -0.84 -20.72 -11.38
N PHE B 377 -1.85 -21.36 -10.78
CA PHE B 377 -2.09 -21.24 -9.32
C PHE B 377 -1.70 -22.51 -8.58
N ASN B 378 -1.67 -23.64 -9.29
CA ASN B 378 -1.38 -24.95 -8.66
C ASN B 378 -0.24 -25.61 -9.44
N GLN B 379 0.92 -25.70 -8.81
CA GLN B 379 2.15 -26.07 -9.47
C GLN B 379 2.24 -27.61 -9.47
N PRO B 380 2.32 -28.21 -10.64
CA PRO B 380 2.42 -29.68 -10.73
C PRO B 380 3.75 -30.24 -10.38
N TYR B 381 3.75 -31.26 -9.53
CA TYR B 381 4.96 -31.98 -9.20
C TYR B 381 5.54 -32.67 -10.44
N SER B 382 4.72 -32.96 -11.45
CA SER B 382 5.22 -33.51 -12.71
C SER B 382 6.12 -32.55 -13.46
N GLU B 383 6.06 -31.27 -13.12
CA GLU B 383 6.87 -30.19 -13.75
C GLU B 383 6.43 -29.90 -15.12
N ARG B 384 5.25 -30.38 -15.41
CA ARG B 384 4.65 -30.26 -16.73
C ARG B 384 3.24 -29.71 -16.60
N LEU B 385 2.92 -28.70 -17.41
CA LEU B 385 1.60 -28.09 -17.42
C LEU B 385 0.85 -28.54 -18.66
N ILE B 386 -0.25 -29.24 -18.50
CA ILE B 386 -0.93 -29.84 -19.62
C ILE B 386 -1.75 -28.78 -20.35
N VAL B 387 -1.60 -28.76 -21.68
CA VAL B 387 -2.38 -27.87 -22.53
C VAL B 387 -3.00 -28.68 -23.66
N LYS B 388 -4.31 -28.80 -23.63
CA LYS B 388 -5.07 -29.45 -24.63
C LYS B 388 -5.70 -28.37 -25.49
N THR B 389 -5.38 -28.37 -26.77
CA THR B 389 -5.80 -27.30 -27.70
C THR B 389 -7.08 -27.66 -28.40
N PRO B 390 -7.90 -26.66 -28.68
CA PRO B 390 -9.02 -26.95 -29.56
C PRO B 390 -8.57 -27.36 -30.95
N LYS B 391 -9.53 -27.90 -31.69
CA LYS B 391 -9.38 -28.42 -33.05
C LYS B 391 -8.75 -27.34 -33.89
N GLY B 392 -7.62 -27.65 -34.49
CA GLY B 392 -7.00 -26.75 -35.44
C GLY B 392 -6.03 -25.73 -34.86
N ILE B 393 -5.81 -25.78 -33.53
CA ILE B 393 -4.95 -24.82 -32.88
C ILE B 393 -3.67 -25.52 -32.48
N THR B 394 -2.54 -24.90 -32.79
CA THR B 394 -1.26 -25.38 -32.34
C THR B 394 -0.59 -24.32 -31.46
N VAL B 395 0.32 -24.77 -30.63
CA VAL B 395 1.11 -23.92 -29.79
C VAL B 395 2.48 -23.79 -30.40
N GLU B 396 2.90 -22.57 -30.73
CA GLU B 396 4.20 -22.32 -31.42
C GLU B 396 5.26 -21.93 -30.46
N LYS B 397 4.88 -21.27 -29.38
CA LYS B 397 5.86 -20.79 -28.43
C LYS B 397 5.21 -20.58 -27.06
N ALA B 398 6.02 -20.72 -26.02
CA ALA B 398 5.70 -20.38 -24.65
C ALA B 398 6.76 -19.50 -24.10
N THR B 399 6.33 -18.45 -23.38
CA THR B 399 7.20 -17.44 -22.84
C THR B 399 6.81 -17.07 -21.40
N LEU B 400 7.75 -17.09 -20.50
CA LEU B 400 7.46 -16.63 -19.15
C LEU B 400 7.23 -15.10 -19.18
N LEU B 401 6.06 -14.69 -18.75
CA LEU B 401 5.65 -13.31 -18.92
C LEU B 401 6.54 -12.29 -18.23
N THR B 402 7.01 -12.58 -17.05
CA THR B 402 7.84 -11.59 -16.33
C THR B 402 9.25 -11.41 -16.90
N THR B 403 9.89 -12.49 -17.32
CA THR B 403 11.27 -12.44 -17.79
C THR B 403 11.47 -12.49 -19.31
N GLY B 404 10.47 -12.92 -20.06
CA GLY B 404 10.63 -13.17 -21.48
C GLY B 404 11.42 -14.44 -21.81
N GLU B 405 11.84 -15.18 -20.81
CA GLU B 405 12.52 -16.46 -21.07
C GLU B 405 11.61 -17.49 -21.78
N ASP B 406 12.22 -18.27 -22.67
CA ASP B 406 11.51 -19.22 -23.48
C ASP B 406 11.25 -20.45 -22.63
N ILE B 407 10.12 -21.08 -22.89
CA ILE B 407 9.66 -22.19 -22.08
C ILE B 407 9.38 -23.37 -23.01
N THR B 408 9.95 -24.49 -22.66
CA THR B 408 9.89 -25.66 -23.53
C THR B 408 8.48 -26.14 -23.68
N VAL B 409 8.09 -26.41 -24.91
CA VAL B 409 6.77 -26.97 -25.24
C VAL B 409 6.97 -28.36 -25.91
N VAL B 410 6.38 -29.42 -25.35
CA VAL B 410 6.56 -30.74 -25.89
C VAL B 410 5.21 -31.27 -26.30
N GLU B 411 5.11 -31.74 -27.53
CA GLU B 411 3.87 -32.31 -27.98
C GLU B 411 3.73 -33.73 -27.39
N THR B 412 2.58 -34.08 -26.87
CA THR B 412 2.43 -35.42 -26.24
C THR B 412 1.48 -36.26 -27.06
N THR B 413 0.55 -35.60 -27.67
CA THR B 413 -0.43 -36.27 -28.50
C THR B 413 -0.94 -35.22 -29.49
N ARG B 414 -1.69 -35.65 -30.49
CA ARG B 414 -2.44 -34.73 -31.32
C ARG B 414 -3.26 -33.80 -30.38
N ASN B 415 -3.11 -32.51 -30.54
CA ASN B 415 -3.89 -31.57 -29.68
C ASN B 415 -3.52 -31.51 -28.16
N GLU B 416 -2.40 -32.08 -27.79
CA GLU B 416 -1.99 -31.93 -26.44
C GLU B 416 -0.53 -31.76 -26.30
N TYR B 417 -0.17 -30.87 -25.38
CA TYR B 417 1.19 -30.54 -25.09
C TYR B 417 1.47 -30.54 -23.60
N ASN B 418 2.72 -30.79 -23.24
CA ASN B 418 3.26 -30.48 -21.95
C ASN B 418 4.08 -29.17 -22.08
N VAL B 419 3.68 -28.13 -21.37
CA VAL B 419 4.44 -26.91 -21.26
C VAL B 419 5.22 -27.01 -19.99
N SER B 420 6.54 -26.88 -20.05
CA SER B 420 7.36 -27.00 -18.88
C SER B 420 7.12 -25.84 -17.90
N VAL B 421 7.23 -26.13 -16.61
CA VAL B 421 7.23 -25.09 -15.60
C VAL B 421 8.54 -24.37 -15.74
N PRO B 422 8.64 -23.15 -15.24
CA PRO B 422 9.90 -22.45 -15.39
C PRO B 422 10.98 -23.10 -14.59
N LYS B 423 12.21 -22.89 -15.02
CA LYS B 423 13.33 -23.58 -14.40
C LYS B 423 13.50 -23.12 -12.96
N LYS B 424 13.17 -21.88 -12.68
CA LYS B 424 13.10 -21.39 -11.27
C LYS B 424 11.67 -21.15 -10.93
N ASN B 425 11.25 -21.79 -9.87
CA ASN B 425 9.87 -21.67 -9.41
C ASN B 425 9.53 -20.23 -9.11
N PRO B 426 8.52 -19.63 -9.79
CA PRO B 426 8.22 -18.23 -9.51
C PRO B 426 7.80 -17.96 -8.07
N GLY B 427 7.36 -18.97 -7.36
CA GLY B 427 7.03 -18.83 -5.92
C GLY B 427 5.72 -18.07 -5.65
N GLU B 428 4.89 -17.88 -6.68
CA GLU B 428 3.60 -17.17 -6.57
C GLU B 428 2.84 -17.52 -7.83
N PRO B 429 1.53 -17.27 -7.89
CA PRO B 429 0.84 -17.53 -9.10
C PRO B 429 1.45 -16.71 -10.26
N TYR B 430 1.66 -17.35 -11.42
CA TYR B 430 2.47 -16.78 -12.46
C TYR B 430 1.89 -17.02 -13.84
N VAL B 431 2.42 -16.32 -14.83
CA VAL B 431 1.84 -16.39 -16.18
C VAL B 431 2.86 -16.85 -17.22
N ILE B 432 2.42 -17.78 -18.05
CA ILE B 432 3.11 -18.18 -19.23
C ILE B 432 2.26 -17.76 -20.40
N GLN B 433 2.85 -16.97 -21.31
CA GLN B 433 2.13 -16.54 -22.50
C GLN B 433 2.41 -17.53 -23.62
N LEU B 434 1.36 -17.93 -24.30
CA LEU B 434 1.48 -18.82 -25.44
C LEU B 434 1.22 -18.04 -26.72
N LYS B 435 1.96 -18.44 -27.75
CA LYS B 435 1.69 -18.05 -29.12
C LYS B 435 1.09 -19.21 -29.81
N VAL B 436 -0.14 -19.05 -30.27
CA VAL B 436 -0.90 -20.07 -30.94
C VAL B 436 -1.15 -19.74 -32.39
N ARG B 437 -1.41 -20.76 -33.19
CA ARG B 437 -1.69 -20.61 -34.63
C ARG B 437 -2.91 -21.43 -34.90
N ALA B 438 -3.83 -20.84 -35.63
CA ALA B 438 -5.05 -21.56 -36.07
C ALA B 438 -4.81 -22.01 -37.55
N ALA B 439 -5.07 -23.29 -37.86
CA ALA B 439 -4.92 -23.80 -39.23
C ALA B 439 -6.00 -23.20 -40.16
N LYS B 440 -5.63 -22.90 -41.41
CA LYS B 440 -6.60 -22.34 -42.39
C LYS B 440 -7.73 -23.30 -42.71
N GLY B 441 -8.98 -22.81 -42.70
CA GLY B 441 -10.13 -23.65 -43.06
C GLY B 441 -10.75 -24.60 -42.02
N THR B 442 -10.33 -24.50 -40.75
CA THR B 442 -10.96 -25.18 -39.61
C THR B 442 -11.45 -24.06 -38.72
N LYS B 443 -12.76 -23.85 -38.63
CA LYS B 443 -13.28 -22.71 -37.85
C LYS B 443 -13.11 -22.97 -36.35
N SER B 444 -12.99 -21.85 -35.64
CA SER B 444 -12.78 -21.77 -34.19
C SER B 444 -12.81 -20.28 -33.90
N ILE B 445 -12.73 -19.91 -32.63
CA ILE B 445 -12.77 -18.48 -32.28
C ILE B 445 -11.49 -17.71 -32.70
N TYR B 446 -10.46 -18.42 -33.19
CA TYR B 446 -9.11 -17.86 -33.56
C TYR B 446 -8.91 -17.66 -35.07
N ALA C 1 36.39 25.36 38.54
CA ALA C 1 35.91 24.53 39.69
C ALA C 1 35.43 23.15 39.20
N GLU C 2 36.35 22.36 38.67
CA GLU C 2 35.98 21.05 38.18
C GLU C 2 35.74 20.10 39.31
N ILE C 3 34.60 19.40 39.31
CA ILE C 3 34.38 18.35 40.30
C ILE C 3 35.25 17.20 39.80
N PRO C 4 36.11 16.60 40.66
CA PRO C 4 36.86 15.44 40.14
C PRO C 4 35.97 14.20 40.16
N LEU C 5 36.22 13.31 39.19
CA LEU C 5 35.34 12.15 38.94
C LEU C 5 36.20 11.05 38.43
N LYS C 6 35.93 9.84 38.89
CA LYS C 6 36.57 8.66 38.31
C LYS C 6 35.70 8.00 37.25
N TYR C 7 34.41 8.31 37.22
CA TYR C 7 33.47 7.63 36.28
C TYR C 7 32.71 8.58 35.35
N GLY C 8 33.27 9.77 35.13
CA GLY C 8 32.70 10.74 34.22
C GLY C 8 33.24 10.54 32.82
N ALA C 9 33.18 11.59 32.01
CA ALA C 9 33.46 11.47 30.58
C ALA C 9 34.88 11.02 30.27
N THR C 10 35.03 10.34 29.14
CA THR C 10 36.32 9.83 28.67
C THR C 10 36.74 10.54 27.35
N ASN C 11 35.87 10.56 26.33
CA ASN C 11 36.15 11.29 25.05
C ASN C 11 36.23 12.81 25.24
N GLU C 12 37.18 13.45 24.55
CA GLU C 12 37.34 14.90 24.66
C GLU C 12 36.27 15.58 23.81
N GLY C 13 36.28 15.33 22.51
CA GLY C 13 35.19 15.81 21.60
C GLY C 13 34.63 14.63 20.80
N LYS C 14 34.28 14.84 19.52
CA LYS C 14 33.80 13.74 18.68
C LYS C 14 34.88 12.73 18.36
N ARG C 15 34.55 11.47 18.40
CA ARG C 15 35.44 10.44 17.85
C ARG C 15 35.57 10.61 16.34
N GLN C 16 36.78 10.38 15.82
CA GLN C 16 37.00 10.54 14.40
C GLN C 16 37.63 9.33 13.78
N ASP C 17 37.73 8.25 14.54
CA ASP C 17 38.15 6.99 13.94
C ASP C 17 37.13 6.60 12.90
N PRO C 18 37.48 5.67 12.00
CA PRO C 18 36.60 5.29 10.92
C PRO C 18 35.29 4.65 11.37
N ALA C 19 35.32 3.90 12.46
CA ALA C 19 34.09 3.23 12.96
C ALA C 19 33.07 4.27 13.38
N MET C 20 33.50 5.32 14.08
CA MET C 20 32.61 6.38 14.42
C MET C 20 32.16 7.16 13.21
N GLN C 21 33.04 7.34 12.24
CA GLN C 21 32.66 8.07 11.01
C GLN C 21 31.61 7.33 10.22
N LYS C 22 31.73 6.02 10.25
CA LYS C 22 30.73 5.17 9.63
C LYS C 22 29.35 5.26 10.38
N PHE C 23 29.39 5.17 11.70
CA PHE C 23 28.18 5.32 12.53
C PHE C 23 27.48 6.58 12.12
N ARG C 24 28.23 7.65 12.04
CA ARG C 24 27.71 8.96 11.71
C ARG C 24 27.24 9.07 10.27
N ASP C 25 28.05 8.60 9.34
CA ASP C 25 27.72 8.81 7.92
C ASP C 25 26.48 7.98 7.50
N ASN C 26 26.27 6.86 8.19
CA ASN C 26 25.11 6.03 7.97
C ASN C 26 23.83 6.87 8.00
N ARG C 27 23.78 7.78 8.99
CA ARG C 27 22.67 8.71 9.28
C ARG C 27 21.28 8.12 9.57
N LEU C 28 20.79 7.20 8.71
CA LEU C 28 19.44 6.73 8.83
C LEU C 28 19.44 5.28 9.23
N GLY C 29 18.75 5.01 10.32
CA GLY C 29 18.58 3.67 10.82
C GLY C 29 17.13 3.26 11.07
N ALA C 30 16.93 1.96 11.32
CA ALA C 30 15.62 1.46 11.76
C ALA C 30 15.81 0.87 13.14
N PHE C 31 14.77 1.00 13.96
CA PHE C 31 14.73 0.35 15.27
C PHE C 31 13.76 -0.84 15.13
N ILE C 32 14.08 -1.96 15.74
CA ILE C 32 13.21 -3.13 15.84
C ILE C 32 12.98 -3.45 17.27
N HIS C 33 11.73 -3.30 17.69
CA HIS C 33 11.29 -3.72 19.00
C HIS C 33 10.47 -5.01 18.81
N TRP C 34 11.05 -6.13 19.21
CA TRP C 34 10.38 -7.43 19.09
C TRP C 34 10.67 -8.25 20.28
N GLY C 35 9.60 -8.74 20.87
CA GLY C 35 9.65 -9.43 22.12
C GLY C 35 8.28 -10.07 22.40
N LEU C 36 8.16 -10.72 23.53
CA LEU C 36 6.93 -11.43 23.91
C LEU C 36 5.70 -10.53 23.88
N TYR C 37 5.92 -9.22 24.13
CA TYR C 37 4.85 -8.22 24.06
C TYR C 37 4.16 -8.16 22.74
N ALA C 38 4.79 -8.64 21.69
CA ALA C 38 4.09 -8.65 20.41
C ALA C 38 2.87 -9.61 20.39
N ILE C 39 2.88 -10.61 21.24
CA ILE C 39 1.83 -11.63 21.24
C ILE C 39 0.49 -11.02 21.72
N PRO C 40 0.44 -10.49 22.95
CA PRO C 40 -0.80 -9.80 23.34
C PRO C 40 -1.09 -8.48 22.59
N GLY C 41 -0.04 -7.80 22.13
CA GLY C 41 -0.21 -6.62 21.26
C GLY C 41 -1.00 -5.49 21.90
N GLY C 42 -0.77 -5.29 23.17
CA GLY C 42 -1.43 -4.18 23.91
C GLY C 42 -2.68 -4.58 24.66
N GLU C 43 -3.08 -5.83 24.50
CA GLU C 43 -4.31 -6.31 25.09
C GLU C 43 -4.02 -7.41 26.08
N TRP C 44 -4.55 -7.26 27.28
CA TRP C 44 -4.43 -8.30 28.28
C TRP C 44 -5.80 -8.74 28.79
N ASN C 45 -6.08 -10.04 28.59
CA ASN C 45 -7.30 -10.66 29.13
C ASN C 45 -8.53 -9.81 28.80
N GLY C 46 -8.73 -9.56 27.52
CA GLY C 46 -9.88 -8.81 27.06
C GLY C 46 -9.84 -7.29 27.15
N LYS C 47 -8.89 -6.71 27.86
CA LYS C 47 -8.78 -5.27 27.98
C LYS C 47 -7.58 -4.68 27.16
N VAL C 48 -7.88 -3.75 26.26
CA VAL C 48 -6.86 -3.06 25.46
C VAL C 48 -6.32 -1.87 26.24
N TYR C 49 -5.01 -1.87 26.52
CA TYR C 49 -4.39 -0.76 27.24
C TYR C 49 -3.76 0.22 26.23
N GLY C 50 -3.90 1.51 26.52
CA GLY C 50 -3.46 2.63 25.62
C GLY C 50 -1.97 2.89 25.72
N GLY C 51 -1.38 2.52 26.86
CA GLY C 51 0.07 2.64 27.05
C GLY C 51 0.89 1.82 26.03
N ALA C 52 2.19 2.15 25.97
CA ALA C 52 3.14 1.46 25.11
C ALA C 52 3.03 -0.05 25.31
N ALA C 53 2.78 -0.74 24.23
CA ALA C 53 2.54 -2.20 24.25
C ALA C 53 3.67 -2.99 24.87
N GLU C 54 4.89 -2.52 24.73
CA GLU C 54 6.03 -3.25 25.27
C GLU C 54 6.09 -3.14 26.78
N TRP C 55 5.27 -2.23 27.33
CA TRP C 55 5.12 -2.14 28.79
C TRP C 55 3.81 -2.80 29.33
N LEU C 56 3.10 -3.54 28.51
CA LEU C 56 1.84 -4.15 28.92
C LEU C 56 1.97 -4.92 30.20
N LYS C 57 3.10 -5.63 30.40
CA LYS C 57 3.32 -6.35 31.67
C LYS C 57 3.13 -5.45 32.86
N SER C 58 3.54 -4.22 32.71
CA SER C 58 3.38 -3.24 33.79
C SER C 58 1.94 -2.70 33.84
N TRP C 59 1.38 -2.32 32.69
CA TRP C 59 0.04 -1.68 32.71
C TRP C 59 -1.01 -2.64 33.26
N ALA C 60 -0.91 -3.92 32.88
CA ALA C 60 -1.88 -4.92 33.31
C ALA C 60 -1.45 -5.65 34.57
N LYS C 61 -0.34 -5.21 35.22
CA LYS C 61 0.15 -5.80 36.46
C LYS C 61 0.34 -7.31 36.39
N VAL C 62 0.96 -7.78 35.33
CA VAL C 62 1.11 -9.20 35.13
C VAL C 62 2.36 -9.65 35.85
N PRO C 63 2.26 -10.68 36.72
CA PRO C 63 3.50 -11.21 37.32
C PRO C 63 4.43 -11.86 36.28
N ALA C 64 5.72 -11.82 36.59
CA ALA C 64 6.77 -12.38 35.71
C ALA C 64 6.51 -13.82 35.22
N ASP C 65 6.16 -14.76 36.13
CA ASP C 65 5.94 -16.13 35.79
C ASP C 65 4.90 -16.19 34.73
N GLU C 66 3.81 -15.46 34.93
CA GLU C 66 2.73 -15.54 33.96
C GLU C 66 3.09 -14.81 32.66
N TRP C 67 3.71 -13.64 32.77
CA TRP C 67 4.11 -12.94 31.53
C TRP C 67 5.01 -13.85 30.67
N LEU C 68 5.98 -14.47 31.30
CA LEU C 68 6.98 -15.23 30.58
C LEU C 68 6.45 -16.54 29.96
N LYS C 69 5.28 -17.00 30.40
CA LYS C 69 4.60 -18.11 29.79
C LYS C 69 4.17 -17.80 28.40
N LEU C 70 4.19 -16.51 28.02
CA LEU C 70 4.02 -16.18 26.61
C LEU C 70 5.05 -16.90 25.73
N MET C 71 6.18 -17.29 26.32
CA MET C 71 7.20 -18.06 25.57
C MET C 71 6.59 -19.28 24.88
N ASP C 72 5.58 -19.87 25.53
CA ASP C 72 4.94 -21.06 24.99
C ASP C 72 4.19 -20.74 23.73
N GLN C 73 3.84 -19.47 23.50
CA GLN C 73 3.23 -19.09 22.21
C GLN C 73 4.14 -18.49 21.17
N TRP C 74 5.41 -18.41 21.49
CA TRP C 74 6.35 -17.75 20.60
C TRP C 74 6.70 -18.68 19.45
N ASN C 75 6.10 -18.40 18.31
CA ASN C 75 6.28 -19.19 17.11
C ASN C 75 6.01 -18.37 15.86
N PRO C 76 6.88 -17.39 15.56
CA PRO C 76 6.71 -16.48 14.46
C PRO C 76 6.97 -17.19 13.14
N THR C 77 5.95 -17.88 12.63
CA THR C 77 6.15 -18.75 11.50
C THR C 77 6.39 -17.97 10.24
N LYS C 78 5.90 -16.72 10.17
CA LYS C 78 6.17 -15.88 8.98
C LYS C 78 7.53 -15.12 9.04
N PHE C 79 8.28 -15.29 10.11
CA PHE C 79 9.63 -14.69 10.21
C PHE C 79 10.56 -15.15 9.13
N ASP C 80 11.14 -14.22 8.40
CA ASP C 80 12.17 -14.53 7.43
C ASP C 80 13.18 -13.38 7.46
N ALA C 81 14.34 -13.64 8.02
CA ALA C 81 15.36 -12.61 8.23
C ALA C 81 15.78 -11.96 6.94
N LYS C 82 15.81 -12.73 5.85
CA LYS C 82 16.21 -12.18 4.56
C LYS C 82 15.21 -11.16 4.08
N LYS C 83 13.95 -11.44 4.32
CA LYS C 83 12.87 -10.50 3.99
C LYS C 83 12.95 -9.21 4.83
N TRP C 84 13.26 -9.38 6.10
CA TRP C 84 13.46 -8.18 6.97
C TRP C 84 14.58 -7.33 6.47
N ALA C 85 15.68 -8.00 6.10
CA ALA C 85 16.86 -7.27 5.65
C ALA C 85 16.59 -6.57 4.33
N LYS C 86 15.79 -7.20 3.47
CA LYS C 86 15.38 -6.60 2.20
C LYS C 86 14.50 -5.36 2.42
N MET C 87 13.57 -5.47 3.35
CA MET C 87 12.71 -4.32 3.67
C MET C 87 13.56 -3.14 4.16
N ALA C 88 14.53 -3.41 5.02
CA ALA C 88 15.41 -2.35 5.49
C ALA C 88 16.29 -1.77 4.40
N LYS C 89 16.84 -2.63 3.52
CA LYS C 89 17.58 -2.13 2.32
C LYS C 89 16.74 -1.22 1.48
N GLU C 90 15.53 -1.66 1.18
CA GLU C 90 14.60 -0.92 0.34
C GLU C 90 14.19 0.43 0.96
N MET C 91 14.04 0.46 2.29
CA MET C 91 13.76 1.72 2.98
C MET C 91 14.91 2.72 2.89
N GLY C 92 16.14 2.23 2.64
CA GLY C 92 17.29 3.13 2.66
C GLY C 92 18.00 3.24 4.00
N THR C 93 17.69 2.37 4.95
CA THR C 93 18.39 2.35 6.23
C THR C 93 19.77 1.71 6.10
N LYS C 94 20.76 2.30 6.75
CA LYS C 94 22.12 1.84 6.69
C LYS C 94 22.51 1.02 7.91
N TYR C 95 21.60 1.02 8.90
CA TYR C 95 21.76 0.25 10.07
C TYR C 95 20.46 -0.03 10.73
N VAL C 96 20.45 -1.09 11.52
CA VAL C 96 19.31 -1.47 12.29
C VAL C 96 19.74 -1.69 13.71
N LYS C 97 18.92 -1.15 14.63
CA LYS C 97 19.08 -1.36 16.05
C LYS C 97 18.03 -2.38 16.50
N ILE C 98 18.46 -3.43 17.18
CA ILE C 98 17.58 -4.53 17.55
C ILE C 98 17.50 -4.73 19.00
N THR C 99 16.25 -4.85 19.53
CA THR C 99 16.06 -5.22 20.91
C THR C 99 16.54 -6.67 21.21
N THR C 100 17.73 -6.82 21.77
CA THR C 100 18.26 -8.12 22.14
C THR C 100 17.53 -8.70 23.34
N LYS C 101 17.18 -7.81 24.27
CA LYS C 101 16.38 -8.10 25.42
C LYS C 101 15.76 -6.75 25.86
N HIS C 102 14.44 -6.73 25.98
CA HIS C 102 13.76 -5.53 26.49
C HIS C 102 13.53 -5.74 27.97
N HIS C 103 12.78 -4.84 28.61
CA HIS C 103 12.59 -4.91 30.07
C HIS C 103 12.04 -6.24 30.55
N GLU C 104 11.17 -6.85 29.74
CA GLU C 104 10.58 -8.16 30.06
C GLU C 104 11.64 -9.27 30.25
N GLY C 105 12.82 -9.11 29.64
CA GLY C 105 13.94 -9.99 29.95
C GLY C 105 14.03 -11.21 29.08
N PHE C 106 13.09 -11.36 28.16
CA PHE C 106 13.17 -12.40 27.14
C PHE C 106 14.22 -12.09 26.11
N CYS C 107 15.11 -13.06 25.88
CA CYS C 107 16.27 -12.79 24.99
C CYS C 107 16.03 -13.34 23.63
N LEU C 108 16.33 -12.53 22.63
CA LEU C 108 16.20 -12.96 21.28
C LEU C 108 17.42 -13.82 20.78
N TRP C 109 18.35 -14.10 21.67
CA TRP C 109 19.45 -15.01 21.40
C TRP C 109 19.44 -16.01 22.50
N PRO C 110 20.06 -17.20 22.27
CA PRO C 110 20.00 -18.25 23.27
C PRO C 110 21.03 -18.10 24.36
N SER C 111 20.78 -17.17 25.27
CA SER C 111 21.72 -16.88 26.32
C SER C 111 21.85 -18.11 27.21
N LYS C 112 23.05 -18.30 27.73
CA LYS C 112 23.27 -19.42 28.66
C LYS C 112 23.07 -18.93 30.08
N TYR C 113 22.80 -17.63 30.27
CA TYR C 113 22.68 -17.10 31.59
C TYR C 113 21.25 -16.95 32.12
N THR C 114 20.26 -17.37 31.34
CA THR C 114 18.88 -17.41 31.79
C THR C 114 18.13 -18.42 30.94
N LYS C 115 17.00 -18.89 31.45
CA LYS C 115 16.12 -19.77 30.63
C LYS C 115 15.15 -19.01 29.77
N TYR C 116 15.05 -17.70 29.99
CA TYR C 116 14.07 -16.91 29.25
C TYR C 116 14.58 -16.43 27.93
N THR C 117 14.69 -17.37 26.99
CA THR C 117 15.23 -17.09 25.69
C THR C 117 14.48 -17.79 24.59
N VAL C 118 14.77 -17.38 23.37
CA VAL C 118 14.22 -17.98 22.20
C VAL C 118 14.42 -19.52 22.15
N ALA C 119 15.47 -20.01 22.79
CA ALA C 119 15.78 -21.47 22.76
C ALA C 119 14.71 -22.30 23.42
N ASN C 120 14.03 -21.73 24.41
CA ASN C 120 13.02 -22.44 25.15
C ASN C 120 11.62 -22.04 24.72
N THR C 121 11.45 -21.82 23.45
CA THR C 121 10.16 -21.54 22.86
C THR C 121 9.95 -22.59 21.80
N PRO C 122 8.72 -22.72 21.32
CA PRO C 122 8.53 -23.62 20.22
C PRO C 122 9.44 -23.29 19.04
N TYR C 123 9.72 -22.02 18.81
CA TYR C 123 10.44 -21.62 17.60
C TYR C 123 11.89 -22.05 17.71
N LYS C 124 12.45 -22.03 18.93
CA LYS C 124 13.82 -22.50 19.21
C LYS C 124 14.98 -21.70 18.60
N ARG C 125 14.79 -21.11 17.45
CA ARG C 125 15.90 -20.60 16.67
C ARG C 125 16.52 -19.28 17.19
N ASP C 126 17.81 -19.09 16.93
CA ASP C 126 18.53 -17.89 17.31
C ASP C 126 18.14 -16.76 16.38
N ILE C 127 17.01 -16.15 16.68
CA ILE C 127 16.49 -15.02 15.88
C ILE C 127 17.56 -13.91 15.69
N LEU C 128 18.22 -13.56 16.78
CA LEU C 128 19.14 -12.43 16.71
C LEU C 128 20.33 -12.77 15.75
N GLY C 129 20.84 -13.98 15.87
CA GLY C 129 21.90 -14.45 14.95
C GLY C 129 21.45 -14.46 13.51
N GLU C 130 20.22 -14.88 13.28
CA GLU C 130 19.67 -14.84 11.92
C GLU C 130 19.55 -13.47 11.37
N LEU C 131 19.17 -12.53 12.24
CA LEU C 131 19.07 -11.15 11.77
C LEU C 131 20.46 -10.57 11.53
N VAL C 132 21.38 -10.82 12.44
CA VAL C 132 22.73 -10.26 12.25
C VAL C 132 23.28 -10.67 10.89
N LYS C 133 23.17 -11.96 10.59
CA LYS C 133 23.61 -12.48 9.28
C LYS C 133 22.93 -11.80 8.13
N ALA C 134 21.59 -11.74 8.20
CA ALA C 134 20.80 -11.25 7.08
C ALA C 134 21.02 -9.79 6.82
N TYR C 135 21.05 -9.01 7.89
CA TYR C 135 21.35 -7.58 7.67
C TYR C 135 22.72 -7.38 7.13
N ASN C 136 23.70 -7.99 7.78
CA ASN C 136 25.07 -7.84 7.34
C ASN C 136 25.23 -8.26 5.88
N ASP C 137 24.57 -9.35 5.48
CA ASP C 137 24.61 -9.75 4.04
C ASP C 137 24.10 -8.66 3.12
N GLU C 138 23.21 -7.79 3.60
CA GLU C 138 22.78 -6.70 2.79
C GLU C 138 23.63 -5.45 2.95
N GLY C 139 24.72 -5.52 3.72
CA GLY C 139 25.59 -4.37 3.93
C GLY C 139 25.03 -3.39 4.96
N ILE C 140 24.16 -3.87 5.81
CA ILE C 140 23.57 -3.07 6.87
C ILE C 140 24.23 -3.40 8.19
N ASP C 141 24.73 -2.37 8.90
CA ASP C 141 25.27 -2.51 10.25
C ASP C 141 24.19 -2.92 11.24
N VAL C 142 24.56 -3.68 12.25
CA VAL C 142 23.69 -4.02 13.33
C VAL C 142 24.15 -3.47 14.70
N HIS C 143 23.21 -2.85 15.39
CA HIS C 143 23.38 -2.25 16.72
C HIS C 143 22.46 -3.01 17.63
N PHE C 144 22.91 -3.24 18.83
CA PHE C 144 22.18 -3.97 19.84
C PHE C 144 21.62 -3.06 20.92
N TYR C 145 20.30 -3.00 20.96
CA TYR C 145 19.59 -2.44 22.14
C TYR C 145 19.69 -3.45 23.24
N PHE C 146 19.98 -3.00 24.44
CA PHE C 146 19.98 -3.83 25.61
C PHE C 146 19.40 -3.12 26.82
N SER C 147 18.38 -3.73 27.42
CA SER C 147 17.81 -3.18 28.66
C SER C 147 18.48 -3.77 29.90
N VAL C 148 19.06 -2.92 30.69
CA VAL C 148 19.65 -3.35 31.91
C VAL C 148 18.58 -3.79 32.90
N MET C 149 17.58 -2.94 33.09
CA MET C 149 16.41 -3.32 33.88
C MET C 149 15.84 -4.57 33.30
N ASP C 150 15.56 -5.54 34.17
CA ASP C 150 15.17 -6.88 33.71
C ASP C 150 14.12 -7.44 34.66
N TRP C 151 12.87 -7.41 34.20
CA TRP C 151 11.73 -7.82 35.00
C TRP C 151 11.66 -9.36 35.21
N SER C 152 12.59 -10.09 34.60
CA SER C 152 12.54 -11.55 34.60
C SER C 152 13.48 -12.09 35.61
N ASN C 153 14.43 -11.27 36.05
CA ASN C 153 15.44 -11.73 36.95
C ASN C 153 15.16 -11.24 38.31
N PRO C 154 14.91 -12.17 39.26
CA PRO C 154 14.57 -11.75 40.61
C PRO C 154 15.70 -11.08 41.38
N ASP C 155 16.91 -11.12 40.89
CA ASP C 155 18.00 -10.34 41.49
C ASP C 155 18.02 -8.86 41.10
N TYR C 156 17.15 -8.46 40.16
CA TYR C 156 17.13 -7.07 39.82
C TYR C 156 16.59 -6.30 41.02
N ARG C 157 17.13 -5.11 41.23
CA ARG C 157 16.62 -4.16 42.22
C ARG C 157 16.45 -2.75 41.66
N TYR C 158 15.33 -2.12 42.04
CA TYR C 158 15.01 -0.72 41.67
C TYR C 158 15.79 0.26 42.47
N ASP C 159 16.10 -0.13 43.68
CA ASP C 159 16.93 0.66 44.56
C ASP C 159 17.61 -0.28 45.59
N ILE C 160 18.68 0.23 46.20
CA ILE C 160 19.44 -0.55 47.19
C ILE C 160 19.10 -0.01 48.61
N LYS C 161 18.24 -0.74 49.31
CA LYS C 161 17.75 -0.32 50.63
C LYS C 161 18.18 -1.29 51.78
N SER C 162 18.96 -2.33 51.47
CA SER C 162 19.39 -3.34 52.46
C SER C 162 20.62 -4.09 51.97
N LYS C 163 21.24 -4.83 52.86
CA LYS C 163 22.46 -5.57 52.53
C LYS C 163 22.05 -6.72 51.61
N GLU C 164 20.82 -7.22 51.77
CA GLU C 164 20.27 -8.28 50.92
C GLU C 164 20.03 -7.76 49.48
N ASP C 165 19.48 -6.55 49.38
CA ASP C 165 19.40 -5.83 48.10
C ASP C 165 20.77 -5.78 47.42
N SER C 166 21.77 -5.37 48.18
CA SER C 166 23.09 -5.17 47.61
C SER C 166 23.73 -6.51 47.09
N ILE C 167 23.47 -7.56 47.83
CA ILE C 167 23.98 -8.88 47.46
C ILE C 167 23.37 -9.34 46.16
N ALA C 168 22.06 -9.21 46.09
CA ALA C 168 21.29 -9.57 44.92
C ALA C 168 21.70 -8.76 43.71
N PHE C 169 21.85 -7.43 43.89
CA PHE C 169 22.13 -6.54 42.76
C PHE C 169 23.51 -6.80 42.25
N SER C 170 24.43 -7.19 43.13
CA SER C 170 25.80 -7.45 42.67
C SER C 170 25.81 -8.64 41.81
N ARG C 171 25.10 -9.68 42.21
CA ARG C 171 24.92 -10.82 41.34
C ARG C 171 24.25 -10.45 40.00
N PHE C 172 23.22 -9.61 40.08
CA PHE C 172 22.58 -9.05 38.86
C PHE C 172 23.57 -8.35 37.88
N LEU C 173 24.43 -7.49 38.40
CA LEU C 173 25.41 -6.83 37.56
C LEU C 173 26.40 -7.79 36.91
N GLU C 174 26.75 -8.87 37.62
CA GLU C 174 27.59 -9.91 37.05
C GLU C 174 26.87 -10.65 35.93
N PHE C 175 25.61 -10.98 36.17
CA PHE C 175 24.74 -11.59 35.19
C PHE C 175 24.68 -10.70 33.96
N THR C 176 24.52 -9.42 34.19
CA THR C 176 24.43 -8.48 33.07
C THR C 176 25.71 -8.42 32.25
N ASP C 177 26.82 -8.33 32.96
CA ASP C 177 28.11 -8.38 32.34
C ASP C 177 28.27 -9.64 31.51
N ASN C 178 27.83 -10.75 32.06
CA ASN C 178 27.90 -12.01 31.37
C ASN C 178 27.14 -12.03 30.08
N GLN C 179 25.90 -11.51 30.10
CA GLN C 179 25.14 -11.39 28.86
C GLN C 179 25.81 -10.44 27.85
N LEU C 180 26.33 -9.31 28.33
CA LEU C 180 26.92 -8.37 27.44
C LEU C 180 28.18 -9.00 26.72
N LYS C 181 29.00 -9.70 27.47
CA LYS C 181 30.20 -10.33 26.94
C LYS C 181 29.77 -11.38 25.94
N GLU C 182 28.73 -12.12 26.29
CA GLU C 182 28.21 -13.14 25.44
C GLU C 182 27.74 -12.60 24.11
N LEU C 183 27.00 -11.49 24.13
CA LEU C 183 26.58 -10.87 22.91
C LEU C 183 27.79 -10.41 22.05
N ALA C 184 28.73 -9.77 22.70
CA ALA C 184 29.91 -9.18 22.05
C ALA C 184 30.77 -10.24 21.37
N THR C 185 30.81 -11.43 21.94
CA THR C 185 31.68 -12.52 21.46
C THR C 185 30.93 -13.44 20.52
N ARG C 186 29.64 -13.63 20.73
CA ARG C 186 28.82 -14.40 19.78
C ARG C 186 28.54 -13.66 18.49
N TYR C 187 28.45 -12.34 18.53
CA TYR C 187 28.07 -11.56 17.37
C TYR C 187 29.07 -10.38 17.17
N PRO C 188 30.32 -10.69 16.74
CA PRO C 188 31.40 -9.69 16.76
C PRO C 188 31.30 -8.63 15.72
N THR C 189 30.41 -8.77 14.75
CA THR C 189 30.12 -7.70 13.82
C THR C 189 29.25 -6.54 14.43
N VAL C 190 28.80 -6.69 15.67
CA VAL C 190 28.04 -5.61 16.35
C VAL C 190 28.81 -4.28 16.33
N LYS C 191 28.12 -3.21 15.94
CA LYS C 191 28.76 -1.89 15.86
C LYS C 191 28.44 -0.93 16.99
N ASP C 192 27.47 -1.26 17.87
CA ASP C 192 26.94 -0.31 18.84
C ASP C 192 26.15 -1.06 19.86
N PHE C 193 26.25 -0.64 21.12
CA PHE C 193 25.35 -1.09 22.19
C PHE C 193 24.57 0.08 22.70
N TRP C 194 23.27 -0.03 22.64
CA TRP C 194 22.36 1.11 22.97
C TRP C 194 21.62 0.65 24.20
N PHE C 195 22.06 1.16 25.32
CA PHE C 195 21.53 0.80 26.60
C PHE C 195 20.24 1.56 26.94
N ASP C 196 19.30 0.85 27.55
CA ASP C 196 18.06 1.41 28.09
C ASP C 196 17.87 0.86 29.50
N GLY C 197 16.83 1.35 30.19
CA GLY C 197 16.47 0.76 31.46
C GLY C 197 17.54 0.97 32.49
N THR C 198 18.17 2.14 32.43
CA THR C 198 19.28 2.52 33.29
C THR C 198 18.99 3.71 34.18
N TRP C 199 17.71 4.06 34.34
CA TRP C 199 17.34 5.30 35.09
C TRP C 199 17.08 4.97 36.59
N ASP C 200 16.97 3.69 36.96
CA ASP C 200 16.59 3.37 38.37
C ASP C 200 17.70 3.74 39.33
N ALA C 201 17.30 4.07 40.57
CA ALA C 201 18.25 4.48 41.59
C ALA C 201 19.39 3.45 41.80
N SER C 202 19.09 2.15 41.68
CA SER C 202 20.13 1.13 41.80
C SER C 202 21.27 1.39 40.84
N VAL C 203 20.95 1.75 39.60
CA VAL C 203 22.01 1.97 38.60
C VAL C 203 22.69 3.31 38.81
N LYS C 204 21.92 4.33 39.10
CA LYS C 204 22.48 5.68 39.40
C LYS C 204 23.52 5.64 40.53
N LYS C 205 23.23 4.83 41.55
CA LYS C 205 24.15 4.64 42.67
C LYS C 205 25.39 3.83 42.28
N ASN C 206 25.38 3.20 41.12
CA ASN C 206 26.49 2.37 40.68
C ASN C 206 27.14 2.84 39.41
N GLY C 207 27.47 4.13 39.38
CA GLY C 207 28.10 4.77 38.22
C GLY C 207 29.25 3.98 37.69
N TRP C 208 30.02 3.47 38.62
CA TRP C 208 31.28 2.78 38.36
C TRP C 208 31.00 1.63 37.40
N TRP C 209 29.86 0.97 37.56
CA TRP C 209 29.55 -0.18 36.74
C TRP C 209 29.28 0.25 35.30
N THR C 210 28.61 1.39 35.16
CA THR C 210 28.34 1.92 33.81
C THR C 210 29.62 2.18 33.04
N ALA C 211 30.56 2.81 33.70
CA ALA C 211 31.85 3.14 33.07
C ALA C 211 32.63 1.87 32.71
N HIS C 212 32.49 0.89 33.58
CA HIS C 212 33.11 -0.41 33.40
C HIS C 212 32.52 -1.18 32.21
N ALA C 213 31.19 -1.15 32.12
CA ALA C 213 30.50 -1.80 30.99
C ALA C 213 30.96 -1.21 29.67
N GLU C 214 31.10 0.12 29.65
CA GLU C 214 31.56 0.82 28.43
C GLU C 214 32.96 0.38 28.06
N GLN C 215 33.84 0.34 29.06
CA GLN C 215 35.23 -0.03 28.84
C GLN C 215 35.38 -1.51 28.42
N MET C 216 34.67 -2.38 29.12
CA MET C 216 34.67 -3.80 28.84
C MET C 216 34.28 -4.08 27.36
N LEU C 217 33.21 -3.44 26.93
CA LEU C 217 32.73 -3.65 25.60
C LEU C 217 33.68 -3.07 24.55
N LYS C 218 34.25 -1.90 24.83
CA LYS C 218 35.21 -1.32 23.89
C LYS C 218 36.46 -2.20 23.73
N GLU C 219 36.85 -2.89 24.80
CA GLU C 219 37.97 -3.84 24.74
C GLU C 219 37.61 -5.06 23.94
N LEU C 220 36.36 -5.48 23.99
CA LEU C 220 35.94 -6.69 23.26
C LEU C 220 35.61 -6.45 21.81
N VAL C 221 35.16 -5.27 21.49
CA VAL C 221 34.68 -4.98 20.16
C VAL C 221 35.33 -3.70 19.67
N PRO C 222 36.38 -3.85 18.83
CA PRO C 222 37.07 -2.66 18.37
C PRO C 222 36.19 -1.69 17.63
N GLY C 223 36.23 -0.43 18.04
CA GLY C 223 35.50 0.62 17.38
C GLY C 223 34.00 0.72 17.75
N VAL C 224 33.55 -0.15 18.63
CA VAL C 224 32.13 -0.15 19.03
C VAL C 224 31.74 1.20 19.60
N ALA C 225 30.52 1.61 19.30
CA ALA C 225 29.91 2.81 19.88
C ALA C 225 29.02 2.44 21.06
N ILE C 226 28.96 3.36 22.03
CA ILE C 226 28.23 3.16 23.24
C ILE C 226 27.44 4.40 23.50
N ASN C 227 26.13 4.25 23.71
CA ASN C 227 25.27 5.43 23.92
C ASN C 227 25.40 6.08 25.32
N SER C 228 25.01 7.36 25.37
CA SER C 228 25.13 8.15 26.60
C SER C 228 24.17 7.66 27.68
N ARG C 229 23.05 7.09 27.27
CA ARG C 229 22.02 6.63 28.19
C ARG C 229 22.49 5.51 29.15
N LEU C 230 23.52 4.76 28.76
CA LEU C 230 24.14 3.83 29.69
C LEU C 230 24.66 4.49 30.96
N ARG C 231 25.19 5.68 30.81
CA ARG C 231 26.22 6.17 31.71
C ARG C 231 25.70 7.05 32.84
N ALA C 232 26.18 6.73 34.05
CA ALA C 232 26.05 7.59 35.23
C ALA C 232 27.43 7.85 35.78
N ASP C 233 27.64 9.05 36.29
CA ASP C 233 28.91 9.35 36.90
C ASP C 233 28.88 9.02 38.43
N ASP C 234 29.94 9.45 39.12
CA ASP C 234 30.15 9.17 40.56
C ASP C 234 28.99 9.69 41.39
N LYS C 235 28.35 10.76 40.91
CA LYS C 235 27.31 11.44 41.66
C LYS C 235 25.94 11.04 41.23
N GLY C 236 25.86 10.08 40.33
CA GLY C 236 24.58 9.63 39.83
C GLY C 236 23.99 10.50 38.74
N LYS C 237 24.77 11.43 38.20
CA LYS C 237 24.34 12.24 37.08
C LYS C 237 24.46 11.44 35.74
N ARG C 238 23.37 11.41 34.97
CA ARG C 238 23.27 10.56 33.75
C ARG C 238 23.49 11.32 32.44
N HIS C 239 23.99 10.61 31.40
CA HIS C 239 24.28 11.17 30.05
C HIS C 239 25.47 12.13 30.01
N PHE C 240 25.33 13.27 30.68
CA PHE C 240 26.40 14.25 30.81
C PHE C 240 26.84 14.25 32.28
N ASP C 241 28.14 14.22 32.49
CA ASP C 241 28.62 14.07 33.84
C ASP C 241 28.45 15.40 34.60
N SER C 242 28.89 15.39 35.85
CA SER C 242 28.76 16.54 36.74
C SER C 242 29.54 17.76 36.26
N ASN C 243 30.50 17.57 35.37
CA ASN C 243 31.21 18.69 34.74
C ASN C 243 30.61 19.13 33.39
N GLY C 244 29.41 18.63 33.10
CA GLY C 244 28.77 18.94 31.82
C GLY C 244 29.38 18.22 30.61
N ARG C 245 30.24 17.21 30.80
CA ARG C 245 30.84 16.51 29.66
C ARG C 245 30.03 15.24 29.28
N LEU C 246 29.85 15.08 27.98
CA LEU C 246 29.13 13.91 27.44
C LEU C 246 29.83 12.62 27.75
N MET C 247 29.08 11.68 28.32
CA MET C 247 29.58 10.33 28.57
C MET C 247 29.11 9.41 27.46
N GLY C 248 29.87 8.38 27.23
CA GLY C 248 29.66 7.55 26.00
C GLY C 248 30.05 8.25 24.73
N ASP C 249 29.72 7.66 23.58
CA ASP C 249 30.19 8.13 22.32
C ASP C 249 29.28 9.14 21.61
N TYR C 250 28.01 9.10 21.97
CA TYR C 250 27.02 9.94 21.34
C TYR C 250 25.84 10.10 22.32
N GLU C 251 25.17 11.20 22.14
CA GLU C 251 24.03 11.57 22.94
C GLU C 251 22.82 10.90 22.40
N SER C 252 22.08 10.26 23.30
CA SER C 252 20.94 9.42 22.98
C SER C 252 19.73 9.76 23.87
N GLY C 253 19.44 11.02 24.09
CA GLY C 253 18.23 11.38 24.82
C GLY C 253 17.06 11.91 24.00
N TYR C 254 17.21 12.14 22.69
CA TYR C 254 16.13 12.76 21.91
C TYR C 254 15.34 11.59 21.45
N GLU C 255 14.22 11.36 22.13
CA GLU C 255 13.43 10.15 21.92
C GLU C 255 12.07 10.70 21.72
N ARG C 256 11.55 10.59 20.53
CA ARG C 256 10.26 11.16 20.22
C ARG C 256 10.19 12.70 20.37
N ARG C 257 11.34 13.37 20.32
CA ARG C 257 11.40 14.84 20.17
C ARG C 257 12.81 15.18 19.54
N LEU C 258 12.97 16.45 19.06
CA LEU C 258 14.23 16.87 18.39
C LEU C 258 14.71 18.22 18.89
N PRO C 259 15.98 18.50 18.80
CA PRO C 259 16.46 19.81 19.17
C PRO C 259 15.97 20.91 18.27
N ASP C 260 15.77 22.09 18.86
CA ASP C 260 15.21 23.19 18.16
C ASP C 260 16.26 23.73 17.20
N PRO C 261 15.92 23.92 15.93
CA PRO C 261 16.93 24.31 14.92
C PRO C 261 17.51 25.69 15.09
N VAL C 262 16.88 26.51 15.91
CA VAL C 262 17.38 27.86 16.24
C VAL C 262 18.02 27.91 17.59
N LYS C 263 17.37 27.32 18.59
CA LYS C 263 17.83 27.44 19.99
C LYS C 263 18.77 26.38 20.50
N ASP C 264 18.87 25.25 19.83
CA ASP C 264 19.62 24.15 20.38
C ASP C 264 20.82 23.76 19.54
N LEU C 265 21.49 24.75 18.97
CA LEU C 265 22.70 24.50 18.13
C LEU C 265 23.88 23.88 18.85
N LYS C 266 23.85 23.91 20.16
CA LYS C 266 24.86 23.22 20.92
C LYS C 266 25.02 21.75 20.55
N VAL C 267 23.94 21.10 20.09
CA VAL C 267 24.02 19.65 19.76
C VAL C 267 24.97 19.37 18.62
N THR C 268 25.28 20.38 17.81
CA THR C 268 26.21 20.18 16.70
C THR C 268 27.63 19.95 17.15
N GLN C 269 27.87 20.12 18.44
CA GLN C 269 29.21 19.88 19.02
C GLN C 269 29.50 18.46 19.32
N TRP C 270 28.48 17.60 19.39
CA TRP C 270 28.71 16.18 19.66
C TRP C 270 27.92 15.31 18.73
N ASP C 271 28.34 14.06 18.64
CA ASP C 271 27.52 13.05 17.92
C ASP C 271 26.27 12.76 18.76
N TRP C 272 25.19 12.47 18.05
CA TRP C 272 23.96 12.19 18.69
C TRP C 272 23.04 11.41 17.76
N GLU C 273 22.08 10.72 18.36
CA GLU C 273 21.11 9.92 17.60
C GLU C 273 19.74 10.03 18.26
N ALA C 274 18.76 10.41 17.45
CA ALA C 274 17.37 10.46 17.84
C ALA C 274 16.69 9.19 17.40
N CYS C 275 15.69 8.77 18.18
CA CYS C 275 14.87 7.64 17.81
CA CYS C 275 14.90 7.62 17.86
C CYS C 275 13.43 8.10 17.90
N MET C 276 12.59 7.49 17.06
CA MET C 276 11.22 7.94 16.93
C MET C 276 10.28 6.77 16.65
N THR C 277 9.05 6.94 17.06
CA THR C 277 7.98 6.01 16.81
C THR C 277 7.10 6.58 15.70
N ILE C 278 6.39 5.70 15.00
CA ILE C 278 5.47 6.10 14.01
C ILE C 278 4.12 6.64 14.64
N PRO C 279 3.46 5.87 15.53
CA PRO C 279 2.44 6.49 16.33
C PRO C 279 3.07 7.30 17.44
N GLU C 280 2.24 7.91 18.26
CA GLU C 280 2.74 8.81 19.26
C GLU C 280 3.65 8.16 20.27
N ASN C 281 3.24 7.01 20.76
CA ASN C 281 4.06 6.30 21.75
C ASN C 281 3.83 4.79 21.85
N GLN C 282 4.22 4.10 20.79
CA GLN C 282 4.18 2.64 20.75
C GLN C 282 5.51 2.19 20.12
N TRP C 283 6.27 1.37 20.82
CA TRP C 283 7.51 0.82 20.28
C TRP C 283 7.33 -0.63 19.85
N GLY C 284 6.92 -1.47 20.79
CA GLY C 284 6.46 -2.80 20.47
C GLY C 284 5.15 -2.81 19.72
N TYR C 285 4.83 -3.95 19.12
CA TYR C 285 3.59 -4.13 18.38
C TYR C 285 2.36 -3.91 19.24
N HIS C 286 1.53 -2.97 18.80
CA HIS C 286 0.19 -2.68 19.39
C HIS C 286 -0.86 -2.85 18.34
N LYS C 287 -1.88 -3.66 18.66
CA LYS C 287 -2.82 -4.09 17.64
C LYS C 287 -3.74 -2.96 17.18
N ASP C 288 -3.82 -1.90 17.93
CA ASP C 288 -4.74 -0.79 17.57
C ASP C 288 -4.08 0.59 17.48
N TRP C 289 -3.72 0.95 16.26
CA TRP C 289 -3.06 2.25 16.01
C TRP C 289 -4.06 3.40 15.83
N SER C 290 -5.36 3.10 15.88
CA SER C 290 -6.38 4.17 15.90
C SER C 290 -6.36 4.94 17.21
N LEU C 291 -5.64 4.48 18.24
CA LEU C 291 -5.68 5.18 19.55
C LEU C 291 -4.87 6.49 19.67
N SER C 292 -3.92 6.75 18.78
CA SER C 292 -3.13 8.01 18.86
C SER C 292 -2.78 8.41 17.44
N TYR C 293 -2.18 9.59 17.31
CA TYR C 293 -1.84 10.09 16.01
C TYR C 293 -0.75 9.19 15.40
N VAL C 294 -0.92 8.85 14.13
CA VAL C 294 0.06 8.09 13.36
C VAL C 294 0.70 9.04 12.35
N LYS C 295 2.01 9.14 12.40
CA LYS C 295 2.75 10.00 11.45
C LYS C 295 2.70 9.57 10.00
N THR C 296 2.56 10.54 9.10
CA THR C 296 2.64 10.29 7.67
C THR C 296 4.08 10.19 7.28
N PRO C 297 4.32 9.62 6.10
CA PRO C 297 5.72 9.51 5.65
C PRO C 297 6.47 10.85 5.54
N ILE C 298 5.82 11.90 5.09
CA ILE C 298 6.48 13.18 4.94
C ILE C 298 6.85 13.76 6.33
N GLU C 299 6.00 13.53 7.32
CA GLU C 299 6.28 13.93 8.70
C GLU C 299 7.50 13.20 9.23
N VAL C 300 7.70 11.95 8.81
CA VAL C 300 8.82 11.19 9.26
C VAL C 300 10.10 11.66 8.53
N ILE C 301 10.01 11.83 7.23
CA ILE C 301 11.11 12.35 6.40
C ILE C 301 11.56 13.76 6.91
N ASP C 302 10.61 14.59 7.29
CA ASP C 302 10.91 15.85 7.93
C ASP C 302 11.81 15.72 9.17
N ARG C 303 11.47 14.80 10.04
CA ARG C 303 12.25 14.50 11.21
C ARG C 303 13.64 13.92 10.88
N ILE C 304 13.72 13.02 9.90
CA ILE C 304 15.04 12.46 9.48
C ILE C 304 15.99 13.59 8.98
N VAL C 305 15.48 14.46 8.12
CA VAL C 305 16.26 15.55 7.59
C VAL C 305 16.61 16.62 8.66
N HIS C 306 15.66 16.92 9.52
CA HIS C 306 15.89 17.75 10.68
C HIS C 306 17.11 17.25 11.43
N ALA C 307 17.13 15.96 11.73
CA ALA C 307 18.21 15.44 12.55
C ALA C 307 19.56 15.65 11.87
N VAL C 308 19.64 15.22 10.62
CA VAL C 308 20.89 15.35 9.86
C VAL C 308 21.32 16.84 9.76
N SER C 309 20.36 17.75 9.57
CA SER C 309 20.62 19.13 9.47
C SER C 309 21.25 19.70 10.70
N MET C 310 21.14 19.02 11.81
CA MET C 310 21.74 19.40 13.07
C MET C 310 22.80 18.43 13.55
N GLY C 311 23.35 17.65 12.63
CA GLY C 311 24.47 16.81 12.91
C GLY C 311 24.13 15.52 13.66
N GLY C 312 22.89 15.05 13.57
CA GLY C 312 22.54 13.78 14.25
C GLY C 312 21.97 12.71 13.32
N ASN C 313 21.91 11.50 13.83
CA ASN C 313 21.29 10.38 13.20
C ASN C 313 19.84 10.29 13.58
N MET C 314 19.07 9.56 12.77
CA MET C 314 17.66 9.30 13.07
C MET C 314 17.33 7.85 12.83
N VAL C 315 16.63 7.26 13.80
CA VAL C 315 16.28 5.84 13.78
C VAL C 315 14.77 5.74 13.89
N VAL C 316 14.16 5.12 12.87
CA VAL C 316 12.73 5.03 12.79
C VAL C 316 12.35 3.65 13.34
N ASN C 317 11.47 3.63 14.33
CA ASN C 317 11.05 2.39 14.95
C ASN C 317 9.96 1.57 14.22
N PHE C 318 10.15 0.24 14.26
CA PHE C 318 9.21 -0.78 13.80
C PHE C 318 8.97 -1.80 14.91
N GLY C 319 7.69 -2.18 15.07
CA GLY C 319 7.26 -3.14 16.06
C GLY C 319 6.62 -4.37 15.34
N PRO C 320 7.43 -5.34 14.93
CA PRO C 320 6.87 -6.47 14.18
C PRO C 320 5.76 -7.25 14.90
N GLN C 321 4.85 -7.82 14.11
CA GLN C 321 3.81 -8.72 14.59
C GLN C 321 4.39 -9.98 15.22
N ALA C 322 3.59 -10.62 16.05
CA ALA C 322 3.96 -11.89 16.67
C ALA C 322 4.31 -12.97 15.64
N ASP C 323 3.68 -12.91 14.50
CA ASP C 323 3.93 -13.93 13.47
C ASP C 323 5.23 -13.73 12.72
N GLY C 324 5.86 -12.56 12.91
CA GLY C 324 7.17 -12.28 12.35
C GLY C 324 7.09 -11.54 11.06
N ASP C 325 5.91 -11.03 10.75
CA ASP C 325 5.71 -10.16 9.60
C ASP C 325 5.49 -8.72 10.14
N PHE C 326 5.47 -7.75 9.23
CA PHE C 326 5.22 -6.37 9.60
C PHE C 326 3.83 -5.99 9.18
N ARG C 327 3.19 -5.18 9.99
CA ARG C 327 1.90 -4.62 9.67
C ARG C 327 1.94 -3.73 8.47
N PRO C 328 0.77 -3.45 7.88
CA PRO C 328 0.76 -2.81 6.57
C PRO C 328 1.20 -1.38 6.63
N GLU C 329 0.90 -0.72 7.73
CA GLU C 329 1.27 0.71 7.87
C GLU C 329 2.80 0.83 7.89
N GLU C 330 3.49 -0.15 8.46
CA GLU C 330 4.93 -0.14 8.52
C GLU C 330 5.55 -0.46 7.17
N LYS C 331 5.00 -1.43 6.44
CA LYS C 331 5.49 -1.66 5.07
C LYS C 331 5.30 -0.46 4.19
N ALA C 332 4.19 0.18 4.31
CA ALA C 332 3.94 1.34 3.52
C ALA C 332 4.93 2.47 3.85
N MET C 333 5.17 2.65 5.12
CA MET C 333 6.13 3.70 5.60
C MET C 333 7.53 3.45 5.07
N ALA C 334 7.98 2.22 5.18
CA ALA C 334 9.30 1.88 4.73
C ALA C 334 9.48 2.11 3.24
N THR C 335 8.48 1.70 2.48
CA THR C 335 8.47 1.89 1.05
C THR C 335 8.48 3.36 0.68
N ALA C 336 7.61 4.14 1.31
CA ALA C 336 7.56 5.60 1.03
C ALA C 336 8.85 6.31 1.39
N ILE C 337 9.41 5.97 2.53
CA ILE C 337 10.75 6.52 2.91
C ILE C 337 11.83 6.12 1.91
N GLY C 338 11.85 4.85 1.56
CA GLY C 338 12.84 4.36 0.58
C GLY C 338 12.76 5.05 -0.79
N LYS C 339 11.56 5.27 -1.26
CA LYS C 339 11.34 5.98 -2.49
C LYS C 339 11.92 7.41 -2.47
N TRP C 340 11.66 8.13 -1.38
CA TRP C 340 12.18 9.47 -1.24
C TRP C 340 13.69 9.48 -1.11
N MET C 341 14.21 8.55 -0.30
CA MET C 341 15.66 8.45 -0.11
C MET C 341 16.39 8.13 -1.39
N ASN C 342 15.77 7.33 -2.25
CA ASN C 342 16.44 6.88 -3.46
C ASN C 342 16.58 8.08 -4.39
N ARG C 343 15.63 8.99 -4.33
CA ARG C 343 15.72 10.22 -5.10
C ARG C 343 16.56 11.34 -4.47
N TYR C 344 16.50 11.50 -3.14
CA TYR C 344 17.05 12.70 -2.50
C TYR C 344 18.12 12.41 -1.45
N GLY C 345 18.50 11.15 -1.32
CA GLY C 345 19.38 10.69 -0.29
C GLY C 345 20.75 11.25 -0.29
N LYS C 346 21.19 11.84 -1.38
CA LYS C 346 22.46 12.54 -1.36
C LYS C 346 22.54 13.71 -0.35
N ALA C 347 21.40 14.24 0.04
CA ALA C 347 21.30 15.31 1.00
C ALA C 347 21.18 14.80 2.44
N VAL C 348 21.16 13.47 2.61
CA VAL C 348 21.03 12.84 3.89
C VAL C 348 22.27 12.03 4.27
N TYR C 349 22.54 11.00 3.49
CA TYR C 349 23.66 10.13 3.84
C TYR C 349 24.99 10.92 3.79
N ALA C 350 25.83 10.68 4.79
CA ALA C 350 27.13 11.32 4.93
C ALA C 350 27.05 12.85 4.95
N CYS C 351 25.93 13.39 5.35
CA CYS C 351 25.79 14.81 5.45
C CYS C 351 25.82 15.27 6.89
N ASP C 352 25.86 16.58 7.08
CA ASP C 352 26.05 17.16 8.40
C ASP C 352 25.51 18.58 8.47
N TYR C 353 25.62 19.17 9.66
CA TYR C 353 25.21 20.55 9.88
C TYR C 353 25.93 21.49 8.93
N ALA C 354 25.22 22.45 8.31
CA ALA C 354 25.80 23.34 7.33
C ALA C 354 26.24 24.71 7.86
N GLY C 355 25.87 25.07 9.07
CA GLY C 355 26.28 26.36 9.62
C GLY C 355 25.53 27.56 9.11
N PHE C 356 24.42 27.36 8.42
CA PHE C 356 23.62 28.46 7.88
C PHE C 356 22.45 28.73 8.81
N GLU C 357 22.01 29.96 8.83
CA GLU C 357 20.85 30.33 9.63
C GLU C 357 19.57 29.67 9.08
N LYS C 358 18.79 29.08 9.98
CA LYS C 358 17.58 28.34 9.60
C LYS C 358 16.60 29.24 8.86
N GLN C 359 15.96 28.73 7.79
CA GLN C 359 14.92 29.41 7.10
C GLN C 359 13.66 28.58 7.08
N ASP C 360 12.55 29.22 6.80
CA ASP C 360 11.23 28.63 6.99
C ASP C 360 10.89 27.54 6.00
N TRP C 361 11.54 27.56 4.85
CA TRP C 361 11.24 26.62 3.78
C TRP C 361 11.64 25.19 4.10
N GLY C 362 12.52 24.99 5.03
CA GLY C 362 13.10 23.65 5.21
C GLY C 362 14.42 23.67 5.88
N TYR C 363 15.30 22.78 5.47
CA TYR C 363 16.56 22.55 6.16
C TYR C 363 17.75 22.57 5.19
N TYR C 364 18.90 23.00 5.67
CA TYR C 364 20.14 22.80 4.98
C TYR C 364 20.87 21.57 5.50
N THR C 365 21.50 20.82 4.57
CA THR C 365 22.53 19.88 4.94
C THR C 365 23.82 20.10 4.13
N ARG C 366 24.94 19.63 4.70
CA ARG C 366 26.24 19.83 4.10
C ARG C 366 26.88 18.51 3.79
N GLY C 367 27.30 18.37 2.55
CA GLY C 367 27.92 17.15 2.03
C GLY C 367 29.40 17.09 2.34
N LYS C 368 30.01 15.95 2.04
CA LYS C 368 31.40 15.72 2.32
C LYS C 368 32.33 16.64 1.50
N ASN C 369 31.88 17.13 0.36
CA ASN C 369 32.68 18.03 -0.47
C ASN C 369 32.10 19.42 -0.50
N ASP C 370 31.55 19.85 0.63
CA ASP C 370 31.00 21.19 0.77
C ASP C 370 29.86 21.57 -0.18
N GLU C 371 29.19 20.57 -0.72
CA GLU C 371 27.86 20.77 -1.25
C GLU C 371 26.95 21.30 -0.13
N VAL C 372 26.05 22.20 -0.45
CA VAL C 372 25.06 22.65 0.51
C VAL C 372 23.68 22.41 -0.09
N TYR C 373 22.94 21.52 0.57
CA TYR C 373 21.64 21.12 0.06
C TYR C 373 20.54 21.87 0.78
N MET C 374 19.59 22.38 0.01
CA MET C 374 18.41 22.97 0.51
C MET C 374 17.34 21.92 0.38
N VAL C 375 16.80 21.43 1.50
CA VAL C 375 15.73 20.47 1.46
C VAL C 375 14.46 21.20 1.82
N VAL C 376 13.55 21.36 0.83
CA VAL C 376 12.39 22.20 0.90
C VAL C 376 11.13 21.43 1.24
N PHE C 377 10.54 21.77 2.38
CA PHE C 377 9.33 21.11 2.87
C PHE C 377 8.14 22.04 2.85
N ASN C 378 8.40 23.35 2.85
CA ASN C 378 7.37 24.34 2.88
C ASN C 378 7.57 25.32 1.73
N GLN C 379 6.70 25.26 0.74
CA GLN C 379 6.88 25.98 -0.51
C GLN C 379 6.33 27.42 -0.39
N PRO C 380 7.19 28.41 -0.58
CA PRO C 380 6.73 29.78 -0.44
C PRO C 380 5.87 30.23 -1.63
N TYR C 381 4.78 30.89 -1.33
CA TYR C 381 3.94 31.54 -2.35
C TYR C 381 4.68 32.69 -3.04
N SER C 382 5.69 33.25 -2.39
CA SER C 382 6.57 34.24 -3.02
C SER C 382 7.37 33.68 -4.16
N GLU C 383 7.52 32.36 -4.22
CA GLU C 383 8.31 31.65 -5.26
C GLU C 383 9.77 31.84 -5.12
N ARG C 384 10.15 32.34 -3.94
CA ARG C 384 11.52 32.64 -3.65
C ARG C 384 11.90 31.97 -2.31
N LEU C 385 13.04 31.33 -2.29
CA LEU C 385 13.60 30.68 -1.13
C LEU C 385 14.75 31.48 -0.59
N ILE C 386 14.58 32.03 0.61
CA ILE C 386 15.59 32.91 1.16
C ILE C 386 16.78 32.12 1.64
N VAL C 387 17.97 32.57 1.23
CA VAL C 387 19.21 32.01 1.67
C VAL C 387 20.08 33.10 2.22
N LYS C 388 20.34 33.06 3.53
CA LYS C 388 21.23 34.00 4.18
C LYS C 388 22.52 33.25 4.46
N THR C 389 23.64 33.76 3.93
CA THR C 389 24.94 33.07 4.03
C THR C 389 25.73 33.54 5.23
N PRO C 390 26.48 32.67 5.84
CA PRO C 390 27.44 33.14 6.80
C PRO C 390 28.51 34.08 6.18
N LYS C 391 29.21 34.78 7.05
CA LYS C 391 30.27 35.77 6.72
C LYS C 391 31.26 35.09 5.80
N GLY C 392 31.47 35.67 4.61
CA GLY C 392 32.49 35.16 3.71
C GLY C 392 32.12 34.03 2.79
N ILE C 393 30.83 33.65 2.78
CA ILE C 393 30.34 32.62 1.92
C ILE C 393 29.43 33.21 0.88
N THR C 394 29.60 32.77 -0.35
CA THR C 394 28.78 33.21 -1.46
C THR C 394 28.21 32.01 -2.15
N VAL C 395 27.10 32.23 -2.84
CA VAL C 395 26.45 31.20 -3.58
C VAL C 395 26.81 31.44 -5.01
N GLU C 396 27.45 30.46 -5.65
CA GLU C 396 27.83 30.55 -7.07
C GLU C 396 26.79 29.95 -8.01
N LYS C 397 26.08 28.92 -7.55
CA LYS C 397 25.16 28.23 -8.42
C LYS C 397 24.11 27.49 -7.58
N ALA C 398 22.93 27.33 -8.18
CA ALA C 398 21.89 26.48 -7.63
C ALA C 398 21.45 25.57 -8.71
N THR C 399 21.22 24.32 -8.31
CA THR C 399 20.84 23.27 -9.21
C THR C 399 19.74 22.43 -8.59
N LEU C 400 18.68 22.17 -9.33
CA LEU C 400 17.73 21.16 -8.91
C LEU C 400 18.37 19.74 -8.93
N LEU C 401 18.35 19.07 -7.79
CA LEU C 401 19.10 17.83 -7.64
C LEU C 401 18.66 16.72 -8.59
N THR C 402 17.36 16.54 -8.76
CA THR C 402 16.88 15.44 -9.55
C THR C 402 17.19 15.64 -11.05
N THR C 403 17.06 16.85 -11.58
CA THR C 403 17.15 17.10 -13.03
C THR C 403 18.43 17.75 -13.49
N GLY C 404 19.21 18.30 -12.59
CA GLY C 404 20.38 19.08 -12.97
C GLY C 404 20.02 20.46 -13.54
N GLU C 405 18.74 20.78 -13.66
CA GLU C 405 18.38 22.10 -14.17
C GLU C 405 18.89 23.25 -13.26
N ASP C 406 19.31 24.33 -13.91
CA ASP C 406 19.90 25.45 -13.24
C ASP C 406 18.78 26.26 -12.61
N ILE C 407 19.05 26.84 -11.46
CA ILE C 407 18.02 27.54 -10.71
C ILE C 407 18.50 28.98 -10.49
N THR C 408 17.65 29.95 -10.80
CA THR C 408 18.05 31.35 -10.70
C THR C 408 18.33 31.75 -9.25
N VAL C 409 19.47 32.41 -9.04
CA VAL C 409 19.90 32.94 -7.76
C VAL C 409 20.00 34.45 -7.91
N VAL C 410 19.29 35.19 -7.07
CA VAL C 410 19.30 36.66 -7.13
C VAL C 410 19.78 37.20 -5.80
N GLU C 411 20.79 38.06 -5.82
CA GLU C 411 21.30 38.63 -4.61
C GLU C 411 20.34 39.73 -4.16
N THR C 412 19.96 39.74 -2.89
CA THR C 412 18.95 40.73 -2.47
C THR C 412 19.58 41.74 -1.56
N THR C 413 20.60 41.29 -0.85
CA THR C 413 21.30 42.13 0.09
C THR C 413 22.66 41.49 0.34
N ARG C 414 23.54 42.18 1.06
CA ARG C 414 24.81 41.60 1.48
C ARG C 414 24.49 40.30 2.22
N ASN C 415 25.08 39.19 1.83
CA ASN C 415 24.85 37.94 2.54
C ASN C 415 23.44 37.35 2.42
N GLU C 416 22.65 37.82 1.50
CA GLU C 416 21.37 37.21 1.31
C GLU C 416 20.97 37.11 -0.15
N TYR C 417 20.35 36.00 -0.47
CA TYR C 417 19.85 35.71 -1.78
C TYR C 417 18.41 35.24 -1.75
N ASN C 418 17.71 35.45 -2.87
CA ASN C 418 16.52 34.71 -3.25
C ASN C 418 16.88 33.60 -4.24
N VAL C 419 16.68 32.35 -3.86
CA VAL C 419 16.86 31.21 -4.78
C VAL C 419 15.49 30.86 -5.27
N SER C 420 15.28 30.89 -6.58
CA SER C 420 13.95 30.62 -7.14
C SER C 420 13.53 29.21 -6.89
N VAL C 421 12.22 29.03 -6.76
CA VAL C 421 11.69 27.68 -6.74
C VAL C 421 11.77 27.14 -8.16
N PRO C 422 11.76 25.82 -8.34
CA PRO C 422 11.81 25.31 -9.72
C PRO C 422 10.62 25.73 -10.55
N LYS C 423 10.80 25.79 -11.88
CA LYS C 423 9.74 26.22 -12.81
C LYS C 423 8.53 25.32 -12.66
N LYS C 424 8.75 24.02 -12.47
CA LYS C 424 7.69 23.06 -12.20
C LYS C 424 7.72 22.61 -10.73
N ASN C 425 6.61 22.76 -10.05
CA ASN C 425 6.53 22.41 -8.64
C ASN C 425 6.79 20.95 -8.45
N PRO C 426 7.85 20.59 -7.74
CA PRO C 426 8.12 19.14 -7.58
C PRO C 426 7.02 18.34 -6.92
N GLY C 427 6.10 19.01 -6.23
CA GLY C 427 4.98 18.32 -5.61
C GLY C 427 5.34 17.36 -4.47
N GLU C 428 6.55 17.45 -3.95
CA GLU C 428 6.97 16.68 -2.78
C GLU C 428 8.17 17.45 -2.20
N PRO C 429 8.57 17.14 -0.96
CA PRO C 429 9.82 17.75 -0.47
C PRO C 429 10.96 17.47 -1.43
N TYR C 430 11.72 18.49 -1.74
CA TYR C 430 12.70 18.39 -2.79
C TYR C 430 14.02 19.05 -2.41
N VAL C 431 15.07 18.79 -3.20
CA VAL C 431 16.36 19.31 -2.94
C VAL C 431 16.90 20.22 -4.03
N ILE C 432 17.43 21.36 -3.62
CA ILE C 432 18.22 22.24 -4.47
C ILE C 432 19.61 22.21 -3.94
N GLN C 433 20.57 21.86 -4.79
CA GLN C 433 21.97 21.80 -4.41
C GLN C 433 22.63 23.12 -4.72
N LEU C 434 23.38 23.64 -3.75
CA LEU C 434 24.07 24.88 -3.94
C LEU C 434 25.54 24.61 -4.06
N LYS C 435 26.19 25.40 -4.90
CA LYS C 435 27.64 25.51 -4.93
C LYS C 435 28.02 26.82 -4.29
N VAL C 436 28.81 26.73 -3.23
CA VAL C 436 29.21 27.88 -2.47
C VAL C 436 30.72 28.10 -2.54
N ARG C 437 31.16 29.32 -2.25
CA ARG C 437 32.58 29.66 -2.22
C ARG C 437 32.82 30.33 -0.90
N ALA C 438 33.87 29.89 -0.21
CA ALA C 438 34.31 30.45 1.04
C ALA C 438 35.52 31.30 0.78
N ALA C 439 35.50 32.56 1.18
CA ALA C 439 36.65 33.44 0.95
C ALA C 439 37.83 33.00 1.82
N LYS C 440 39.04 33.04 1.25
CA LYS C 440 40.27 32.84 2.03
C LYS C 440 40.34 33.94 3.09
N GLY C 441 40.63 33.55 4.34
CA GLY C 441 40.79 34.52 5.43
C GLY C 441 39.57 34.91 6.28
N THR C 442 38.37 34.34 6.03
CA THR C 442 37.27 34.46 7.02
C THR C 442 37.14 33.17 7.81
N LYS C 443 36.97 33.29 9.12
CA LYS C 443 36.85 32.12 9.99
C LYS C 443 35.46 31.51 9.78
N SER C 444 35.42 30.42 9.02
CA SER C 444 34.20 29.64 8.75
C SER C 444 34.57 28.15 8.65
N ILE C 445 33.58 27.25 8.69
CA ILE C 445 33.84 25.81 8.66
C ILE C 445 34.13 25.22 7.25
N TYR C 446 34.01 26.03 6.18
CA TYR C 446 34.23 25.57 4.79
C TYR C 446 35.66 25.80 4.30
N GLU D 2 48.36 -42.15 38.27
CA GLU D 2 47.44 -41.19 37.59
C GLU D 2 47.93 -39.73 37.65
N ILE D 3 47.82 -39.01 36.54
CA ILE D 3 48.29 -37.62 36.37
C ILE D 3 47.14 -36.59 36.39
N PRO D 4 47.26 -35.50 37.17
CA PRO D 4 46.21 -34.48 37.03
C PRO D 4 46.41 -33.59 35.81
N LEU D 5 45.29 -33.16 35.24
CA LEU D 5 45.29 -32.45 33.97
C LEU D 5 44.17 -31.46 33.99
N LYS D 6 44.41 -30.28 33.42
CA LYS D 6 43.32 -29.33 33.17
C LYS D 6 42.73 -29.42 31.76
N TYR D 7 43.46 -30.04 30.83
CA TYR D 7 43.05 -30.05 29.43
C TYR D 7 42.92 -31.46 28.87
N GLY D 8 42.72 -32.44 29.75
CA GLY D 8 42.47 -33.81 29.33
C GLY D 8 40.99 -34.10 29.11
N ALA D 9 40.60 -35.37 29.22
CA ALA D 9 39.25 -35.77 28.86
C ALA D 9 38.18 -35.09 29.73
N THR D 10 37.01 -34.89 29.13
CA THR D 10 35.86 -34.30 29.82
C THR D 10 34.73 -35.35 29.97
N ASN D 11 34.33 -36.01 28.87
CA ASN D 11 33.37 -37.14 28.90
C ASN D 11 33.95 -38.35 29.64
N GLU D 12 33.12 -39.07 30.39
CA GLU D 12 33.50 -40.37 30.99
C GLU D 12 32.60 -41.38 30.34
N GLY D 13 33.03 -41.94 29.20
CA GLY D 13 32.27 -42.89 28.40
C GLY D 13 31.50 -42.22 27.28
N LYS D 14 30.63 -42.98 26.64
CA LYS D 14 29.88 -42.46 25.50
C LYS D 14 28.80 -41.46 25.89
N ARG D 15 28.68 -40.40 25.11
CA ARG D 15 27.54 -39.52 25.21
C ARG D 15 26.29 -40.28 24.82
N GLN D 16 25.19 -40.00 25.52
CA GLN D 16 23.91 -40.65 25.19
C GLN D 16 22.76 -39.66 24.96
N ASP D 17 23.08 -38.37 24.87
CA ASP D 17 22.09 -37.37 24.47
C ASP D 17 21.66 -37.69 23.05
N PRO D 18 20.52 -37.14 22.62
CA PRO D 18 19.94 -37.47 21.34
C PRO D 18 20.81 -37.07 20.18
N ALA D 19 21.51 -35.95 20.31
CA ALA D 19 22.38 -35.48 19.22
C ALA D 19 23.50 -36.49 18.96
N MET D 20 24.12 -36.98 20.02
CA MET D 20 25.13 -38.03 19.86
C MET D 20 24.55 -39.36 19.33
N GLN D 21 23.35 -39.70 19.78
CA GLN D 21 22.67 -40.90 19.31
C GLN D 21 22.36 -40.82 17.83
N LYS D 22 22.04 -39.63 17.37
CA LYS D 22 21.80 -39.41 15.99
C LYS D 22 23.14 -39.53 15.22
N PHE D 23 24.19 -38.91 15.74
CA PHE D 23 25.56 -38.99 15.10
C PHE D 23 25.93 -40.45 14.87
N ARG D 24 25.74 -41.25 15.90
CA ARG D 24 26.02 -42.69 15.89
C ARG D 24 25.09 -43.47 14.97
N ASP D 25 23.79 -43.23 15.08
CA ASP D 25 22.84 -44.06 14.34
C ASP D 25 22.95 -43.85 12.87
N ASN D 26 23.37 -42.65 12.50
CA ASN D 26 23.53 -42.32 11.11
C ASN D 26 24.44 -43.33 10.36
N ARG D 27 25.52 -43.74 11.05
CA ARG D 27 26.54 -44.70 10.63
C ARG D 27 27.29 -44.43 9.36
N LEU D 28 26.60 -44.19 8.26
CA LEU D 28 27.24 -44.04 7.00
C LEU D 28 27.22 -42.56 6.56
N GLY D 29 28.41 -42.04 6.34
CA GLY D 29 28.58 -40.67 5.83
C GLY D 29 29.42 -40.60 4.56
N ALA D 30 29.38 -39.43 3.92
CA ALA D 30 30.25 -39.13 2.77
C ALA D 30 31.19 -37.98 3.19
N PHE D 31 32.38 -37.99 2.62
CA PHE D 31 33.34 -36.90 2.83
C PHE D 31 33.38 -36.18 1.50
N ILE D 32 33.43 -34.86 1.55
CA ILE D 32 33.69 -34.04 0.40
C ILE D 32 34.97 -33.27 0.63
N HIS D 33 35.97 -33.52 -0.22
CA HIS D 33 37.20 -32.70 -0.27
C HIS D 33 37.13 -31.84 -1.51
N TRP D 34 36.87 -30.56 -1.33
CA TRP D 34 36.79 -29.65 -2.51
C TRP D 34 37.48 -28.36 -2.14
N GLY D 35 38.43 -28.02 -2.99
CA GLY D 35 39.30 -26.86 -2.76
C GLY D 35 40.03 -26.55 -4.06
N LEU D 36 40.91 -25.59 -3.99
CA LEU D 36 41.67 -25.10 -5.19
C LEU D 36 42.47 -26.20 -5.86
N TYR D 37 42.86 -27.19 -5.07
CA TYR D 37 43.57 -28.37 -5.59
C TYR D 37 42.82 -29.10 -6.68
N ALA D 38 41.51 -28.94 -6.73
CA ALA D 38 40.77 -29.62 -7.77
C ALA D 38 41.10 -29.09 -9.17
N ILE D 39 41.59 -27.85 -9.23
CA ILE D 39 41.86 -27.22 -10.53
C ILE D 39 43.02 -27.93 -11.19
N PRO D 40 44.22 -27.90 -10.59
CA PRO D 40 45.33 -28.63 -11.23
C PRO D 40 45.18 -30.16 -11.24
N GLY D 41 44.45 -30.69 -10.26
CA GLY D 41 44.09 -32.11 -10.26
C GLY D 41 45.31 -33.03 -10.22
N GLY D 42 46.31 -32.66 -9.46
CA GLY D 42 47.50 -33.49 -9.29
C GLY D 42 48.70 -33.16 -10.19
N GLU D 43 48.49 -32.20 -11.10
CA GLU D 43 49.50 -31.85 -12.10
C GLU D 43 49.93 -30.41 -11.96
N TRP D 44 51.24 -30.20 -11.92
CA TRP D 44 51.82 -28.88 -11.81
C TRP D 44 52.94 -28.67 -12.82
N ASN D 45 52.79 -27.65 -13.64
CA ASN D 45 53.80 -27.28 -14.63
C ASN D 45 54.20 -28.49 -15.46
N GLY D 46 53.23 -29.23 -16.01
CA GLY D 46 53.52 -30.40 -16.85
C GLY D 46 53.90 -31.70 -16.14
N LYS D 47 54.17 -31.66 -14.83
CA LYS D 47 54.50 -32.87 -14.07
C LYS D 47 53.26 -33.35 -13.28
N VAL D 48 52.84 -34.59 -13.52
CA VAL D 48 51.81 -35.26 -12.72
C VAL D 48 52.45 -35.85 -11.49
N TYR D 49 52.04 -35.42 -10.31
CA TYR D 49 52.57 -35.97 -9.07
C TYR D 49 51.64 -37.09 -8.55
N GLY D 50 52.26 -38.15 -8.01
CA GLY D 50 51.54 -39.37 -7.56
C GLY D 50 50.91 -39.19 -6.17
N GLY D 51 51.47 -38.29 -5.38
CA GLY D 51 50.93 -37.96 -4.08
C GLY D 51 49.50 -37.44 -4.10
N ALA D 52 48.92 -37.42 -2.90
CA ALA D 52 47.55 -36.92 -2.69
C ALA D 52 47.40 -35.51 -3.29
N ALA D 53 46.44 -35.39 -4.21
CA ALA D 53 46.24 -34.17 -4.96
C ALA D 53 46.03 -32.93 -4.11
N GLU D 54 45.40 -33.10 -2.95
CA GLU D 54 45.13 -31.95 -2.09
C GLU D 54 46.38 -31.46 -1.43
N TRP D 55 47.46 -32.24 -1.57
CA TRP D 55 48.81 -31.84 -1.07
C TRP D 55 49.73 -31.39 -2.22
N LEU D 56 49.20 -31.19 -3.43
CA LEU D 56 50.04 -30.82 -4.59
C LEU D 56 50.88 -29.58 -4.34
N LYS D 57 50.33 -28.60 -3.61
CA LYS D 57 51.11 -27.42 -3.22
C LYS D 57 52.44 -27.87 -2.60
N SER D 58 52.38 -28.88 -1.78
CA SER D 58 53.55 -29.36 -1.07
C SER D 58 54.44 -30.20 -2.02
N TRP D 59 53.86 -31.13 -2.77
CA TRP D 59 54.65 -31.98 -3.64
C TRP D 59 55.42 -31.17 -4.69
N ALA D 60 54.77 -30.16 -5.26
CA ALA D 60 55.40 -29.36 -6.31
C ALA D 60 56.07 -28.11 -5.75
N LYS D 61 56.19 -28.00 -4.42
CA LYS D 61 56.86 -26.86 -3.81
C LYS D 61 56.34 -25.50 -4.33
N VAL D 62 55.02 -25.32 -4.38
CA VAL D 62 54.44 -24.09 -4.90
C VAL D 62 54.31 -23.09 -3.76
N PRO D 63 54.85 -21.87 -3.93
CA PRO D 63 54.65 -20.86 -2.88
C PRO D 63 53.18 -20.43 -2.74
N ALA D 64 52.82 -20.01 -1.55
CA ALA D 64 51.44 -19.65 -1.23
C ALA D 64 50.80 -18.67 -2.23
N ASP D 65 51.50 -17.56 -2.51
CA ASP D 65 50.98 -16.53 -3.38
C ASP D 65 50.62 -17.15 -4.69
N GLU D 66 51.50 -17.99 -5.23
CA GLU D 66 51.20 -18.58 -6.52
C GLU D 66 50.09 -19.65 -6.45
N TRP D 67 50.12 -20.47 -5.41
CA TRP D 67 49.06 -21.51 -5.23
C TRP D 67 47.69 -20.85 -5.12
N LEU D 68 47.61 -19.83 -4.28
CA LEU D 68 46.32 -19.13 -4.07
C LEU D 68 45.76 -18.30 -5.27
N LYS D 69 46.60 -17.99 -6.27
CA LYS D 69 46.15 -17.43 -7.55
C LYS D 69 45.25 -18.36 -8.34
N LEU D 70 45.23 -19.63 -7.97
CA LEU D 70 44.20 -20.52 -8.48
C LEU D 70 42.77 -20.03 -8.21
N MET D 71 42.57 -19.21 -7.17
CA MET D 71 41.29 -18.53 -6.96
C MET D 71 40.74 -17.87 -8.20
N ASP D 72 41.63 -17.33 -9.03
CA ASP D 72 41.24 -16.65 -10.28
C ASP D 72 40.61 -17.61 -11.26
N GLN D 73 40.88 -18.92 -11.14
CA GLN D 73 40.23 -19.90 -12.01
C GLN D 73 39.05 -20.62 -11.35
N TRP D 74 38.70 -20.23 -10.12
CA TRP D 74 37.61 -20.92 -9.40
C TRP D 74 36.25 -20.44 -9.89
N ASN D 75 35.67 -21.28 -10.74
CA ASN D 75 34.39 -20.98 -11.36
C ASN D 75 33.64 -22.27 -11.74
N PRO D 76 33.17 -23.02 -10.72
CA PRO D 76 32.57 -24.35 -10.93
C PRO D 76 31.18 -24.17 -11.47
N THR D 77 31.10 -24.00 -12.78
CA THR D 77 29.84 -23.64 -13.40
C THR D 77 28.84 -24.79 -13.35
N LYS D 78 29.32 -26.04 -13.32
CA LYS D 78 28.39 -27.20 -13.18
C LYS D 78 27.95 -27.52 -11.72
N PHE D 79 28.41 -26.74 -10.76
CA PHE D 79 28.00 -26.94 -9.38
C PHE D 79 26.52 -26.74 -9.19
N ASP D 80 25.87 -27.71 -8.56
CA ASP D 80 24.49 -27.55 -8.19
C ASP D 80 24.30 -28.29 -6.89
N ALA D 81 24.12 -27.56 -5.80
CA ALA D 81 24.04 -28.13 -4.47
C ALA D 81 22.91 -29.14 -4.33
N LYS D 82 21.79 -28.90 -5.02
CA LYS D 82 20.64 -29.83 -4.93
C LYS D 82 20.99 -31.17 -5.57
N LYS D 83 21.75 -31.13 -6.65
CA LYS D 83 22.23 -32.35 -7.32
C LYS D 83 23.17 -33.13 -6.40
N TRP D 84 24.04 -32.41 -5.72
CA TRP D 84 24.97 -33.04 -4.76
C TRP D 84 24.22 -33.73 -3.66
N ALA D 85 23.19 -33.04 -3.15
CA ALA D 85 22.42 -33.55 -2.05
C ALA D 85 21.62 -34.79 -2.48
N LYS D 86 21.08 -34.77 -3.70
CA LYS D 86 20.39 -35.92 -4.30
C LYS D 86 21.36 -37.13 -4.47
N MET D 87 22.55 -36.88 -4.97
CA MET D 87 23.56 -37.95 -5.10
C MET D 87 23.88 -38.59 -3.74
N ALA D 88 24.05 -37.77 -2.70
CA ALA D 88 24.26 -38.30 -1.35
C ALA D 88 23.05 -39.07 -0.83
N LYS D 89 21.86 -38.54 -1.04
CA LYS D 89 20.62 -39.22 -0.63
C LYS D 89 20.51 -40.63 -1.27
N GLU D 90 20.76 -40.67 -2.57
CA GLU D 90 20.72 -41.89 -3.36
C GLU D 90 21.78 -42.89 -2.92
N MET D 91 22.94 -42.41 -2.50
CA MET D 91 23.99 -43.33 -1.97
C MET D 91 23.59 -43.99 -0.63
N GLY D 92 22.62 -43.43 0.07
CA GLY D 92 22.27 -43.92 1.37
C GLY D 92 23.05 -43.26 2.52
N THR D 93 23.76 -42.16 2.25
CA THR D 93 24.46 -41.48 3.34
C THR D 93 23.52 -40.66 4.19
N LYS D 94 23.71 -40.71 5.49
CA LYS D 94 22.89 -39.95 6.43
C LYS D 94 23.52 -38.61 6.81
N TYR D 95 24.76 -38.44 6.41
CA TYR D 95 25.51 -37.21 6.70
C TYR D 95 26.63 -37.03 5.75
N VAL D 96 27.03 -35.76 5.62
CA VAL D 96 28.14 -35.38 4.82
C VAL D 96 29.10 -34.49 5.63
N LYS D 97 30.40 -34.79 5.51
CA LYS D 97 31.46 -34.01 6.12
C LYS D 97 32.13 -33.20 5.01
N ILE D 98 32.20 -31.87 5.18
CA ILE D 98 32.67 -31.01 4.13
C ILE D 98 33.91 -30.26 4.54
N THR D 99 34.90 -30.20 3.63
CA THR D 99 36.07 -29.40 3.84
C THR D 99 35.76 -27.91 3.76
N THR D 100 35.59 -27.27 4.90
CA THR D 100 35.28 -25.83 4.96
C THR D 100 36.53 -25.08 4.56
N LYS D 101 37.66 -25.60 4.99
CA LYS D 101 38.99 -25.07 4.63
C LYS D 101 39.96 -26.25 4.80
N HIS D 102 40.75 -26.54 3.76
CA HIS D 102 41.80 -27.56 3.86
C HIS D 102 43.12 -26.86 4.20
N HIS D 103 44.26 -27.59 4.15
CA HIS D 103 45.54 -26.99 4.52
C HIS D 103 45.86 -25.76 3.70
N GLU D 104 45.49 -25.75 2.40
CA GLU D 104 45.74 -24.61 1.51
C GLU D 104 45.15 -23.30 2.06
N GLY D 105 44.09 -23.39 2.88
CA GLY D 105 43.55 -22.23 3.58
C GLY D 105 42.42 -21.49 2.85
N PHE D 106 42.11 -21.93 1.64
CA PHE D 106 41.03 -21.41 0.87
C PHE D 106 39.68 -21.80 1.46
N CYS D 107 38.83 -20.81 1.74
CA CYS D 107 37.61 -21.04 2.46
C CYS D 107 36.44 -21.15 1.57
N LEU D 108 35.62 -22.17 1.82
CA LEU D 108 34.44 -22.39 1.01
C LEU D 108 33.23 -21.53 1.47
N TRP D 109 33.41 -20.74 2.52
CA TRP D 109 32.43 -19.77 2.96
C TRP D 109 33.13 -18.41 2.95
N PRO D 110 32.35 -17.32 2.96
CA PRO D 110 32.98 -16.01 2.75
C PRO D 110 33.44 -15.45 4.08
N SER D 111 34.56 -15.98 4.58
CA SER D 111 35.06 -15.58 5.87
C SER D 111 35.43 -14.10 5.84
N LYS D 112 35.19 -13.44 6.97
CA LYS D 112 35.58 -12.07 7.11
C LYS D 112 36.98 -11.96 7.68
N TYR D 113 37.63 -13.09 7.98
CA TYR D 113 38.97 -13.06 8.54
C TYR D 113 40.13 -13.34 7.58
N THR D 114 39.85 -13.52 6.30
CA THR D 114 40.89 -13.70 5.30
C THR D 114 40.28 -13.40 3.96
N LYS D 115 41.15 -13.05 3.03
CA LYS D 115 40.71 -12.77 1.68
C LYS D 115 40.65 -14.03 0.84
N TYR D 116 41.24 -15.13 1.34
CA TYR D 116 41.31 -16.36 0.58
C TYR D 116 40.04 -17.16 0.73
N THR D 117 38.98 -16.67 0.10
CA THR D 117 37.67 -17.27 0.18
C THR D 117 36.96 -17.26 -1.14
N VAL D 118 35.87 -18.01 -1.19
CA VAL D 118 35.02 -18.11 -2.34
C VAL D 118 34.53 -16.73 -2.80
N ALA D 119 34.41 -15.79 -1.88
CA ALA D 119 33.93 -14.44 -2.21
C ALA D 119 34.83 -13.69 -3.21
N ASN D 120 36.12 -13.98 -3.17
CA ASN D 120 37.07 -13.32 -4.03
C ASN D 120 37.46 -14.17 -5.20
N THR D 121 36.54 -15.00 -5.65
CA THR D 121 36.72 -15.79 -6.84
C THR D 121 35.68 -15.33 -7.85
N PRO D 122 35.88 -15.65 -9.11
CA PRO D 122 34.84 -15.29 -10.07
C PRO D 122 33.47 -15.84 -9.65
N TYR D 123 33.44 -17.01 -9.01
CA TYR D 123 32.17 -17.62 -8.66
C TYR D 123 31.44 -16.85 -7.58
N LYS D 124 32.17 -16.25 -6.66
CA LYS D 124 31.63 -15.39 -5.57
C LYS D 124 30.72 -16.04 -4.53
N ARG D 125 30.01 -17.09 -4.88
CA ARG D 125 28.90 -17.58 -4.04
C ARG D 125 29.34 -18.36 -2.80
N ASP D 126 28.52 -18.32 -1.75
CA ASP D 126 28.79 -19.07 -0.53
C ASP D 126 28.49 -20.57 -0.73
N ILE D 127 29.43 -21.26 -1.37
CA ILE D 127 29.29 -22.70 -1.63
C ILE D 127 28.92 -23.50 -0.40
N LEU D 128 29.57 -23.20 0.71
CA LEU D 128 29.30 -23.96 1.94
C LEU D 128 27.85 -23.74 2.43
N GLY D 129 27.39 -22.50 2.39
CA GLY D 129 25.98 -22.21 2.77
C GLY D 129 25.01 -22.91 1.86
N GLU D 130 25.31 -22.94 0.57
CA GLU D 130 24.48 -23.62 -0.40
C GLU D 130 24.38 -25.12 -0.11
N LEU D 131 25.51 -25.73 0.26
CA LEU D 131 25.54 -27.13 0.56
C LEU D 131 24.79 -27.43 1.81
N VAL D 132 25.02 -26.65 2.84
CA VAL D 132 24.33 -26.86 4.09
C VAL D 132 22.81 -26.90 3.87
N LYS D 133 22.31 -25.90 3.17
CA LYS D 133 20.87 -25.83 2.84
C LYS D 133 20.38 -27.09 2.10
N ALA D 134 21.10 -27.44 1.03
CA ALA D 134 20.69 -28.51 0.14
C ALA D 134 20.72 -29.86 0.84
N TYR D 135 21.78 -30.10 1.60
CA TYR D 135 21.83 -31.36 2.34
C TYR D 135 20.74 -31.43 3.38
N ASN D 136 20.62 -30.38 4.17
CA ASN D 136 19.61 -30.33 5.20
C ASN D 136 18.22 -30.49 4.61
N ASP D 137 17.95 -29.92 3.44
CA ASP D 137 16.65 -30.13 2.74
C ASP D 137 16.40 -31.59 2.40
N GLU D 138 17.44 -32.37 2.16
CA GLU D 138 17.27 -33.81 1.96
C GLU D 138 17.26 -34.60 3.26
N GLY D 139 17.31 -33.94 4.41
CA GLY D 139 17.34 -34.64 5.70
C GLY D 139 18.72 -35.24 6.03
N ILE D 140 19.77 -34.72 5.43
CA ILE D 140 21.17 -35.16 5.67
C ILE D 140 21.89 -34.16 6.63
N ASP D 141 22.45 -34.69 7.72
CA ASP D 141 23.23 -33.87 8.66
C ASP D 141 24.52 -33.37 7.97
N VAL D 142 24.99 -32.18 8.38
CA VAL D 142 26.27 -31.66 7.85
C VAL D 142 27.28 -31.47 8.95
N HIS D 143 28.48 -31.94 8.66
CA HIS D 143 29.64 -31.89 9.56
C HIS D 143 30.70 -31.08 8.84
N PHE D 144 31.42 -30.27 9.62
CA PHE D 144 32.46 -29.39 9.10
C PHE D 144 33.85 -29.92 9.37
N TYR D 145 34.53 -30.28 8.30
CA TYR D 145 35.99 -30.52 8.36
C TYR D 145 36.65 -29.15 8.41
N PHE D 146 37.64 -29.03 9.28
CA PHE D 146 38.40 -27.77 9.42
C PHE D 146 39.90 -28.11 9.66
N SER D 147 40.75 -27.62 8.78
CA SER D 147 42.18 -27.77 8.96
C SER D 147 42.75 -26.61 9.79
N VAL D 148 43.34 -26.91 10.94
CA VAL D 148 43.99 -25.92 11.74
C VAL D 148 45.24 -25.42 11.00
N MET D 149 46.10 -26.36 10.59
CA MET D 149 47.24 -26.05 9.75
C MET D 149 46.75 -25.28 8.54
N ASP D 150 47.34 -24.11 8.29
CA ASP D 150 46.86 -23.24 7.24
C ASP D 150 48.06 -22.64 6.48
N TRP D 151 48.26 -23.09 5.27
CA TRP D 151 49.41 -22.71 4.45
C TRP D 151 49.26 -21.34 3.84
N SER D 152 48.09 -20.71 4.06
CA SER D 152 47.83 -19.41 3.47
C SER D 152 48.13 -18.29 4.43
N ASN D 153 48.21 -18.61 5.72
CA ASN D 153 48.43 -17.62 6.74
C ASN D 153 49.89 -17.68 7.19
N PRO D 154 50.68 -16.62 6.93
CA PRO D 154 52.09 -16.61 7.35
C PRO D 154 52.32 -16.62 8.87
N ASP D 155 51.30 -16.37 9.69
CA ASP D 155 51.44 -16.52 11.16
C ASP D 155 51.40 -17.97 11.62
N TYR D 156 51.10 -18.90 10.71
CA TYR D 156 51.12 -20.30 11.12
C TYR D 156 52.57 -20.67 11.47
N ARG D 157 52.74 -21.51 12.50
CA ARG D 157 54.03 -22.09 12.86
C ARG D 157 53.96 -23.59 13.10
N TYR D 158 54.99 -24.29 12.61
CA TYR D 158 55.13 -25.72 12.75
C TYR D 158 55.62 -26.07 14.14
N ASP D 159 56.38 -25.15 14.72
CA ASP D 159 56.86 -25.31 16.05
C ASP D 159 57.14 -23.94 16.64
N ILE D 160 57.21 -23.87 17.95
CA ILE D 160 57.50 -22.63 18.69
C ILE D 160 58.94 -22.68 19.21
N LYS D 161 59.84 -22.01 18.50
CA LYS D 161 61.28 -22.02 18.85
C LYS D 161 61.78 -20.63 19.32
N SER D 162 60.91 -19.63 19.38
CA SER D 162 61.31 -18.25 19.69
C SER D 162 60.14 -17.45 20.20
N LYS D 163 60.42 -16.27 20.73
CA LYS D 163 59.37 -15.39 21.23
C LYS D 163 58.58 -14.81 20.05
N GLU D 164 59.25 -14.65 18.91
CA GLU D 164 58.60 -14.17 17.68
C GLU D 164 57.60 -15.23 17.14
N ASP D 165 58.07 -16.48 17.08
CA ASP D 165 57.21 -17.63 16.77
C ASP D 165 55.97 -17.59 17.64
N SER D 166 56.17 -17.44 18.94
CA SER D 166 55.05 -17.45 19.88
C SER D 166 54.03 -16.31 19.65
N ILE D 167 54.55 -15.14 19.31
CA ILE D 167 53.70 -13.99 19.05
C ILE D 167 52.82 -14.23 17.82
N ALA D 168 53.48 -14.69 16.75
CA ALA D 168 52.84 -15.01 15.47
C ALA D 168 51.78 -16.10 15.63
N PHE D 169 52.14 -17.16 16.35
CA PHE D 169 51.22 -18.31 16.56
C PHE D 169 50.02 -17.90 17.40
N SER D 170 50.24 -16.95 18.31
CA SER D 170 49.18 -16.49 19.15
C SER D 170 48.12 -15.77 18.31
N ARG D 171 48.58 -14.93 17.38
CA ARG D 171 47.65 -14.29 16.43
C ARG D 171 46.91 -15.33 15.58
N PHE D 172 47.66 -16.35 15.15
CA PHE D 172 47.13 -17.44 14.37
C PHE D 172 45.97 -18.19 15.09
N LEU D 173 46.14 -18.47 16.38
CA LEU D 173 45.10 -19.10 17.15
C LEU D 173 43.87 -18.24 17.31
N GLU D 174 44.07 -16.91 17.44
CA GLU D 174 42.91 -15.97 17.49
C GLU D 174 42.15 -15.96 16.17
N PHE D 175 42.90 -15.91 15.07
CA PHE D 175 42.35 -16.01 13.71
C PHE D 175 41.54 -17.30 13.55
N THR D 176 42.08 -18.39 14.07
CA THR D 176 41.42 -19.69 14.00
C THR D 176 40.13 -19.67 14.78
N ASP D 177 40.20 -19.14 15.99
CA ASP D 177 39.02 -19.01 16.84
C ASP D 177 37.92 -18.22 16.15
N ASN D 178 38.33 -17.15 15.48
CA ASN D 178 37.41 -16.28 14.81
C ASN D 178 36.68 -16.99 13.68
N GLN D 179 37.43 -17.70 12.84
CA GLN D 179 36.82 -18.50 11.79
C GLN D 179 35.86 -19.55 12.39
N LEU D 180 36.27 -20.21 13.47
CA LEU D 180 35.44 -21.27 14.07
C LEU D 180 34.10 -20.70 14.59
N LYS D 181 34.16 -19.55 15.27
CA LYS D 181 32.96 -18.89 15.77
C LYS D 181 32.05 -18.47 14.67
N GLU D 182 32.67 -17.95 13.62
CA GLU D 182 31.94 -17.56 12.46
C GLU D 182 31.19 -18.73 11.83
N LEU D 183 31.85 -19.88 11.71
CA LEU D 183 31.20 -21.03 11.09
C LEU D 183 30.02 -21.50 11.96
N ALA D 184 30.26 -21.51 13.27
CA ALA D 184 29.26 -21.98 14.23
C ALA D 184 28.01 -21.10 14.32
N THR D 185 28.19 -19.80 14.11
CA THR D 185 27.07 -18.83 14.17
C THR D 185 26.43 -18.57 12.85
N ARG D 186 27.21 -18.63 11.80
CA ARG D 186 26.67 -18.52 10.50
C ARG D 186 25.92 -19.76 10.00
N TYR D 187 26.25 -20.94 10.47
CA TYR D 187 25.61 -22.22 9.97
C TYR D 187 25.22 -23.07 11.17
N PRO D 188 24.19 -22.61 11.93
CA PRO D 188 23.90 -23.22 13.24
C PRO D 188 23.29 -24.66 13.18
N THR D 189 22.89 -25.12 12.00
CA THR D 189 22.49 -26.53 11.86
C THR D 189 23.68 -27.53 11.84
N VAL D 190 24.93 -27.02 11.90
CA VAL D 190 26.14 -27.89 11.91
C VAL D 190 26.09 -28.86 13.09
N LYS D 191 26.43 -30.11 12.83
CA LYS D 191 26.33 -31.14 13.86
C LYS D 191 27.65 -31.65 14.41
N ASP D 192 28.75 -31.26 13.78
CA ASP D 192 30.08 -31.81 14.13
C ASP D 192 31.17 -30.90 13.55
N PHE D 193 32.24 -30.73 14.30
CA PHE D 193 33.48 -30.20 13.75
C PHE D 193 34.56 -31.31 13.79
N TRP D 194 35.16 -31.55 12.62
CA TRP D 194 36.18 -32.61 12.47
C TRP D 194 37.47 -31.92 12.11
N PHE D 195 38.31 -31.77 13.12
CA PHE D 195 39.53 -31.06 12.98
C PHE D 195 40.64 -31.95 12.37
N ASP D 196 41.45 -31.36 11.50
CA ASP D 196 42.60 -32.00 10.87
C ASP D 196 43.77 -30.99 11.00
N GLY D 197 44.96 -31.42 10.60
CA GLY D 197 46.10 -30.55 10.56
C GLY D 197 46.47 -30.05 11.94
N THR D 198 46.43 -30.93 12.93
CA THR D 198 46.63 -30.57 14.34
C THR D 198 47.83 -31.30 14.97
N TRP D 199 48.64 -31.90 14.11
CA TRP D 199 49.67 -32.81 14.61
C TRP D 199 51.02 -32.06 14.81
N ASP D 200 51.14 -30.81 14.35
CA ASP D 200 52.44 -30.09 14.50
C ASP D 200 52.73 -29.78 15.96
N ALA D 201 54.01 -29.74 16.28
CA ALA D 201 54.48 -29.42 17.65
C ALA D 201 53.85 -28.14 18.20
N SER D 202 53.62 -27.15 17.34
CA SER D 202 53.01 -25.92 17.82
C SER D 202 51.70 -26.20 18.51
N VAL D 203 50.90 -27.09 17.93
CA VAL D 203 49.58 -27.34 18.50
C VAL D 203 49.72 -28.24 19.74
N LYS D 204 50.58 -29.26 19.64
CA LYS D 204 50.85 -30.19 20.76
C LYS D 204 51.29 -29.40 22.03
N LYS D 205 52.06 -28.31 21.83
CA LYS D 205 52.49 -27.45 22.95
C LYS D 205 51.35 -26.59 23.47
N ASN D 206 50.25 -26.50 22.75
CA ASN D 206 49.13 -25.65 23.14
C ASN D 206 47.83 -26.39 23.38
N GLY D 207 47.94 -27.44 24.17
CA GLY D 207 46.80 -28.28 24.57
C GLY D 207 45.59 -27.48 25.02
N TRP D 208 45.89 -26.44 25.79
CA TRP D 208 44.87 -25.59 26.39
C TRP D 208 43.96 -25.07 25.29
N TRP D 209 44.53 -24.72 24.15
CA TRP D 209 43.74 -24.13 23.09
C TRP D 209 42.75 -25.16 22.50
N THR D 210 43.22 -26.40 22.35
CA THR D 210 42.34 -27.47 21.81
C THR D 210 41.11 -27.69 22.70
N ALA D 211 41.34 -27.72 24.02
CA ALA D 211 40.23 -27.85 24.98
C ALA D 211 39.27 -26.65 24.93
N HIS D 212 39.85 -25.47 24.76
CA HIS D 212 39.10 -24.22 24.67
C HIS D 212 38.26 -24.18 23.38
N ALA D 213 38.85 -24.59 22.27
CA ALA D 213 38.12 -24.67 21.00
C ALA D 213 36.91 -25.59 21.17
N GLU D 214 37.11 -26.70 21.83
CA GLU D 214 36.03 -27.68 22.04
C GLU D 214 34.89 -27.07 22.84
N GLN D 215 35.25 -26.42 23.93
CA GLN D 215 34.26 -25.84 24.84
C GLN D 215 33.53 -24.70 24.18
N MET D 216 34.29 -23.85 23.49
CA MET D 216 33.74 -22.70 22.81
C MET D 216 32.67 -23.12 21.82
N LEU D 217 32.99 -24.15 21.04
CA LEU D 217 32.05 -24.58 20.05
C LEU D 217 30.80 -25.22 20.69
N LYS D 218 31.01 -25.98 21.75
CA LYS D 218 29.88 -26.65 22.40
C LYS D 218 28.90 -25.61 22.94
N GLU D 219 29.43 -24.46 23.36
CA GLU D 219 28.57 -23.38 23.88
C GLU D 219 27.83 -22.70 22.79
N LEU D 220 28.43 -22.66 21.60
CA LEU D 220 27.76 -22.05 20.51
C LEU D 220 26.77 -22.93 19.74
N VAL D 221 27.00 -24.24 19.78
CA VAL D 221 26.19 -25.19 19.01
C VAL D 221 25.74 -26.34 19.89
N PRO D 222 24.48 -26.26 20.37
CA PRO D 222 24.02 -27.31 21.31
C PRO D 222 24.09 -28.71 20.70
N GLY D 223 24.74 -29.62 21.41
CA GLY D 223 24.81 -31.02 20.98
C GLY D 223 25.90 -31.34 19.96
N VAL D 224 26.68 -30.33 19.57
CA VAL D 224 27.67 -30.50 18.53
C VAL D 224 28.70 -31.52 18.99
N ALA D 225 29.16 -32.31 18.03
CA ALA D 225 30.20 -33.32 18.27
C ALA D 225 31.52 -32.73 17.84
N ILE D 226 32.55 -33.15 18.53
CA ILE D 226 33.88 -32.69 18.28
C ILE D 226 34.80 -33.89 18.25
N ASN D 227 35.63 -33.98 17.22
CA ASN D 227 36.51 -35.19 17.03
C ASN D 227 37.71 -35.24 17.92
N SER D 228 38.25 -36.45 18.14
CA SER D 228 39.38 -36.60 19.07
C SER D 228 40.67 -35.97 18.49
N ARG D 229 40.73 -35.88 17.16
CA ARG D 229 41.96 -35.43 16.47
C ARG D 229 42.29 -33.94 16.79
N LEU D 230 41.30 -33.19 17.19
CA LEU D 230 41.52 -31.83 17.64
C LEU D 230 42.46 -31.80 18.84
N ARG D 231 42.33 -32.78 19.74
CA ARG D 231 42.65 -32.56 21.11
C ARG D 231 44.04 -33.00 21.49
N ALA D 232 44.70 -32.11 22.23
CA ALA D 232 45.95 -32.42 22.94
C ALA D 232 45.77 -32.07 24.40
N ASP D 233 46.36 -32.87 25.29
CA ASP D 233 46.30 -32.53 26.70
C ASP D 233 47.48 -31.58 27.12
N ASP D 234 47.57 -31.38 28.44
CA ASP D 234 48.61 -30.54 29.08
C ASP D 234 50.03 -30.98 28.71
N LYS D 235 50.22 -32.28 28.47
CA LYS D 235 51.56 -32.83 28.16
C LYS D 235 51.78 -33.03 26.68
N GLY D 236 50.86 -32.55 25.84
CA GLY D 236 50.98 -32.71 24.39
C GLY D 236 50.56 -34.08 23.83
N LYS D 237 49.92 -34.93 24.66
CA LYS D 237 49.41 -36.24 24.18
C LYS D 237 48.08 -36.02 23.43
N ARG D 238 47.98 -36.57 22.22
CA ARG D 238 46.84 -36.32 21.30
C ARG D 238 45.81 -37.48 21.27
N HIS D 239 44.54 -37.16 20.99
CA HIS D 239 43.40 -38.12 20.95
C HIS D 239 42.97 -38.65 22.34
N PHE D 240 43.86 -39.37 22.98
CA PHE D 240 43.64 -39.88 24.31
C PHE D 240 44.63 -39.13 25.21
N ASP D 241 44.14 -38.68 26.35
CA ASP D 241 44.99 -37.92 27.24
C ASP D 241 46.02 -38.82 27.97
N SER D 242 46.82 -38.21 28.83
CA SER D 242 47.86 -38.90 29.57
C SER D 242 47.34 -39.97 30.55
N ASN D 243 46.07 -39.89 30.91
CA ASN D 243 45.42 -40.95 31.70
C ASN D 243 44.70 -42.01 30.86
N GLY D 244 44.97 -42.01 29.55
CA GLY D 244 44.35 -42.96 28.64
C GLY D 244 42.89 -42.68 28.33
N ARG D 245 42.37 -41.51 28.68
CA ARG D 245 40.97 -41.24 28.46
C ARG D 245 40.79 -40.50 27.12
N LEU D 246 39.75 -40.90 26.40
CA LEU D 246 39.42 -40.30 25.12
C LEU D 246 39.02 -38.84 25.26
N MET D 247 39.64 -38.00 24.44
CA MET D 247 39.26 -36.57 24.41
C MET D 247 38.36 -36.35 23.22
N GLY D 248 37.52 -35.35 23.35
CA GLY D 248 36.49 -35.11 22.34
C GLY D 248 35.43 -36.20 22.44
N ASP D 249 34.54 -36.23 21.45
CA ASP D 249 33.32 -36.98 21.58
C ASP D 249 33.41 -38.36 20.95
N TYR D 250 34.39 -38.51 20.06
CA TYR D 250 34.55 -39.76 19.34
C TYR D 250 35.97 -39.83 18.81
N GLU D 251 36.45 -41.05 18.67
CA GLU D 251 37.78 -41.35 18.17
C GLU D 251 37.81 -41.30 16.63
N SER D 252 38.77 -40.55 16.09
CA SER D 252 38.87 -40.21 14.68
C SER D 252 40.29 -40.46 14.14
N GLY D 253 40.94 -41.52 14.52
CA GLY D 253 42.22 -41.85 13.93
C GLY D 253 42.27 -42.88 12.81
N TYR D 254 41.18 -43.61 12.57
CA TYR D 254 41.20 -44.74 11.61
C TYR D 254 40.94 -44.11 10.28
N GLU D 255 42.01 -43.89 9.53
CA GLU D 255 41.95 -43.17 8.25
C GLU D 255 42.63 -44.07 7.22
N ARG D 256 41.84 -44.60 6.30
CA ARG D 256 42.34 -45.55 5.34
C ARG D 256 42.85 -46.86 6.02
N ARG D 257 42.40 -47.12 7.25
CA ARG D 257 42.64 -48.42 7.91
C ARG D 257 41.56 -48.60 8.98
N LEU D 258 41.40 -49.84 9.44
CA LEU D 258 40.32 -50.17 10.38
C LEU D 258 40.82 -51.07 11.53
N PRO D 259 40.20 -50.99 12.70
CA PRO D 259 40.58 -51.87 13.78
C PRO D 259 40.38 -53.36 13.47
N ASP D 260 41.27 -54.17 14.02
CA ASP D 260 41.24 -55.58 13.75
C ASP D 260 40.04 -56.19 14.48
N PRO D 261 39.23 -56.98 13.78
CA PRO D 261 37.99 -57.48 14.39
C PRO D 261 38.16 -58.50 15.51
N VAL D 262 39.37 -59.03 15.66
CA VAL D 262 39.70 -59.93 16.74
C VAL D 262 40.49 -59.21 17.83
N LYS D 263 41.49 -58.43 17.43
CA LYS D 263 42.44 -57.87 18.39
C LYS D 263 42.13 -56.48 18.92
N ASP D 264 41.28 -55.73 18.26
CA ASP D 264 41.04 -54.35 18.64
C ASP D 264 39.64 -54.09 19.14
N LEU D 265 39.10 -55.04 19.88
CA LEU D 265 37.72 -54.88 20.43
C LEU D 265 37.57 -53.72 21.45
N LYS D 266 38.68 -53.22 21.94
CA LYS D 266 38.64 -52.05 22.81
C LYS D 266 37.89 -50.89 22.20
N VAL D 267 37.84 -50.80 20.87
CA VAL D 267 37.16 -49.68 20.22
C VAL D 267 35.67 -49.65 20.50
N THR D 268 35.09 -50.78 20.88
CA THR D 268 33.67 -50.83 21.11
C THR D 268 33.26 -50.04 22.35
N GLN D 269 34.25 -49.61 23.11
CA GLN D 269 34.01 -48.88 24.36
C GLN D 269 33.76 -47.41 24.13
N TRP D 270 34.05 -46.90 22.95
CA TRP D 270 33.80 -45.51 22.66
C TRP D 270 33.20 -45.34 21.28
N ASP D 271 32.59 -44.20 21.06
CA ASP D 271 32.19 -43.78 19.76
C ASP D 271 33.45 -43.49 18.90
N TRP D 272 33.33 -43.76 17.60
CA TRP D 272 34.45 -43.61 16.69
C TRP D 272 33.97 -43.59 15.27
N GLU D 273 34.72 -42.90 14.45
CA GLU D 273 34.41 -42.77 13.06
C GLU D 273 35.68 -42.95 12.21
N ALA D 274 35.56 -43.77 11.20
CA ALA D 274 36.63 -44.01 10.25
C ALA D 274 36.31 -43.28 9.00
N CYS D 275 37.35 -42.93 8.25
CA CYS D 275 37.20 -42.35 6.92
CA CYS D 275 37.20 -42.32 6.95
C CYS D 275 38.08 -43.10 5.93
N MET D 276 37.70 -43.08 4.65
CA MET D 276 38.40 -43.83 3.62
C MET D 276 38.32 -43.18 2.25
N THR D 277 39.30 -43.51 1.42
CA THR D 277 39.36 -43.08 0.03
C THR D 277 39.09 -44.21 -0.88
N ILE D 278 38.68 -43.87 -2.10
CA ILE D 278 38.32 -44.89 -3.11
C ILE D 278 39.59 -45.40 -3.75
N PRO D 279 40.43 -44.50 -4.32
CA PRO D 279 41.78 -44.99 -4.61
C PRO D 279 42.60 -45.13 -3.32
N GLU D 280 43.87 -45.50 -3.46
CA GLU D 280 44.70 -45.76 -2.30
C GLU D 280 44.92 -44.58 -1.42
N ASN D 281 45.22 -43.44 -2.03
CA ASN D 281 45.49 -42.24 -1.26
C ASN D 281 45.27 -40.94 -2.07
N GLN D 282 44.01 -40.66 -2.36
CA GLN D 282 43.61 -39.41 -3.02
C GLN D 282 42.33 -38.91 -2.35
N TRP D 283 42.37 -37.74 -1.76
CA TRP D 283 41.16 -37.17 -1.15
C TRP D 283 40.56 -36.09 -2.05
N GLY D 284 41.35 -35.08 -2.34
CA GLY D 284 41.01 -34.12 -3.42
C GLY D 284 41.03 -34.77 -4.81
N TYR D 285 40.39 -34.11 -5.77
CA TYR D 285 40.37 -34.55 -7.16
C TYR D 285 41.73 -34.70 -7.79
N HIS D 286 42.02 -35.91 -8.27
CA HIS D 286 43.22 -36.21 -9.02
C HIS D 286 42.82 -36.70 -10.39
N LYS D 287 43.43 -36.15 -11.43
CA LYS D 287 42.97 -36.40 -12.78
C LYS D 287 43.30 -37.82 -13.26
N ASP D 288 44.23 -38.48 -12.62
CA ASP D 288 44.63 -39.81 -13.07
C ASP D 288 44.54 -40.90 -11.97
N TRP D 289 43.42 -41.60 -11.98
CA TRP D 289 43.21 -42.70 -11.02
C TRP D 289 43.88 -44.03 -11.43
N SER D 290 44.47 -44.07 -12.62
CA SER D 290 45.22 -45.27 -13.04
C SER D 290 46.51 -45.45 -12.22
N LEU D 291 46.90 -44.45 -11.43
CA LEU D 291 48.19 -44.57 -10.70
C LEU D 291 48.21 -45.45 -9.46
N SER D 292 47.04 -45.76 -8.87
CA SER D 292 47.01 -46.63 -7.68
C SER D 292 45.78 -47.45 -7.75
N TYR D 293 45.68 -48.40 -6.83
CA TYR D 293 44.54 -49.29 -6.80
C TYR D 293 43.28 -48.53 -6.45
N VAL D 294 42.22 -48.78 -7.20
CA VAL D 294 40.90 -48.17 -6.99
C VAL D 294 39.96 -49.25 -6.48
N LYS D 295 39.37 -49.01 -5.32
CA LYS D 295 38.50 -50.00 -4.69
C LYS D 295 37.22 -50.22 -5.44
N THR D 296 36.77 -51.48 -5.46
CA THR D 296 35.49 -51.80 -6.02
C THR D 296 34.40 -51.51 -5.00
N PRO D 297 33.13 -51.47 -5.45
CA PRO D 297 32.07 -51.19 -4.53
C PRO D 297 31.96 -52.21 -3.42
N ILE D 298 32.20 -53.48 -3.71
CA ILE D 298 32.08 -54.50 -2.64
C ILE D 298 33.18 -54.33 -1.58
N GLU D 299 34.38 -53.96 -2.03
CA GLU D 299 35.47 -53.64 -1.13
C GLU D 299 35.13 -52.46 -0.23
N VAL D 300 34.38 -51.50 -0.74
CA VAL D 300 33.99 -50.38 0.08
C VAL D 300 32.90 -50.80 1.07
N ILE D 301 31.95 -51.56 0.59
CA ILE D 301 30.84 -52.03 1.41
C ILE D 301 31.37 -52.91 2.56
N ASP D 302 32.36 -53.72 2.27
CA ASP D 302 33.08 -54.51 3.29
C ASP D 302 33.59 -53.60 4.44
N ARG D 303 34.22 -52.49 4.09
CA ARG D 303 34.77 -51.59 5.04
C ARG D 303 33.68 -50.92 5.84
N ILE D 304 32.59 -50.52 5.18
CA ILE D 304 31.49 -49.90 5.89
C ILE D 304 30.93 -50.82 6.97
N VAL D 305 30.66 -52.04 6.59
CA VAL D 305 30.05 -53.04 7.52
C VAL D 305 31.00 -53.45 8.63
N HIS D 306 32.30 -53.54 8.27
CA HIS D 306 33.34 -53.74 9.22
C HIS D 306 33.27 -52.70 10.33
N ALA D 307 33.18 -51.42 9.94
CA ALA D 307 33.16 -50.38 10.90
C ALA D 307 31.94 -50.49 11.85
N VAL D 308 30.77 -50.60 11.27
CA VAL D 308 29.55 -50.74 12.05
C VAL D 308 29.57 -51.99 12.95
N SER D 309 30.16 -53.09 12.46
CA SER D 309 30.31 -54.32 13.29
C SER D 309 31.11 -54.12 14.50
N MET D 310 31.91 -53.05 14.51
CA MET D 310 32.77 -52.72 15.65
C MET D 310 32.39 -51.40 16.29
N GLY D 311 31.15 -50.99 16.07
CA GLY D 311 30.59 -49.90 16.77
C GLY D 311 31.00 -48.54 16.28
N GLY D 312 31.41 -48.45 15.01
CA GLY D 312 31.89 -47.18 14.49
C GLY D 312 31.15 -46.75 13.25
N ASN D 313 31.32 -45.48 12.92
CA ASN D 313 30.85 -44.94 11.68
C ASN D 313 31.88 -45.10 10.58
N MET D 314 31.43 -45.04 9.31
CA MET D 314 32.31 -45.00 8.18
C MET D 314 31.90 -43.83 7.24
N VAL D 315 32.91 -43.07 6.79
CA VAL D 315 32.72 -41.93 5.88
C VAL D 315 33.52 -42.17 4.64
N VAL D 316 32.84 -42.26 3.52
CA VAL D 316 33.46 -42.56 2.26
C VAL D 316 33.74 -41.22 1.57
N ASN D 317 34.99 -41.05 1.13
CA ASN D 317 35.36 -39.79 0.50
C ASN D 317 35.08 -39.64 -0.99
N PHE D 318 34.69 -38.41 -1.34
CA PHE D 318 34.57 -37.93 -2.72
C PHE D 318 35.39 -36.63 -2.94
N GLY D 319 36.03 -36.55 -4.11
CA GLY D 319 36.84 -35.39 -4.52
C GLY D 319 36.26 -34.78 -5.81
N PRO D 320 35.28 -33.90 -5.66
CA PRO D 320 34.66 -33.30 -6.87
C PRO D 320 35.61 -32.61 -7.83
N GLN D 321 35.21 -32.61 -9.10
CA GLN D 321 35.96 -31.90 -10.16
C GLN D 321 35.93 -30.39 -9.95
N ALA D 322 36.87 -29.72 -10.59
CA ALA D 322 36.93 -28.23 -10.55
C ALA D 322 35.63 -27.60 -11.06
N ASP D 323 34.99 -28.26 -12.02
CA ASP D 323 33.76 -27.71 -12.59
C ASP D 323 32.54 -27.87 -11.72
N GLY D 324 32.67 -28.67 -10.65
CA GLY D 324 31.61 -28.79 -9.65
C GLY D 324 30.71 -29.98 -9.90
N ASP D 325 31.13 -30.83 -10.83
CA ASP D 325 30.50 -32.14 -11.02
C ASP D 325 31.37 -33.24 -10.38
N PHE D 326 30.85 -34.47 -10.30
CA PHE D 326 31.64 -35.64 -9.86
C PHE D 326 32.04 -36.52 -11.03
N ARG D 327 33.26 -37.02 -10.97
CA ARG D 327 33.78 -37.92 -11.98
C ARG D 327 32.93 -39.20 -12.06
N PRO D 328 33.02 -39.94 -13.18
CA PRO D 328 32.16 -41.10 -13.42
C PRO D 328 32.36 -42.28 -12.45
N GLU D 329 33.59 -42.51 -12.03
CA GLU D 329 33.88 -43.57 -11.07
C GLU D 329 33.19 -43.28 -9.75
N GLU D 330 33.09 -42.01 -9.35
CA GLU D 330 32.44 -41.66 -8.10
C GLU D 330 30.94 -41.78 -8.20
N LYS D 331 30.34 -41.35 -9.31
CA LYS D 331 28.93 -41.55 -9.49
C LYS D 331 28.57 -43.06 -9.49
N ALA D 332 29.39 -43.86 -10.12
CA ALA D 332 29.15 -45.30 -10.18
C ALA D 332 29.22 -45.92 -8.77
N MET D 333 30.21 -45.49 -8.01
CA MET D 333 30.39 -45.95 -6.63
C MET D 333 29.20 -45.58 -5.75
N ALA D 334 28.76 -44.34 -5.81
CA ALA D 334 27.67 -43.91 -4.95
C ALA D 334 26.43 -44.68 -5.27
N THR D 335 26.20 -44.87 -6.57
CA THR D 335 25.03 -45.62 -7.02
C THR D 335 25.08 -47.08 -6.54
N ALA D 336 26.23 -47.73 -6.70
CA ALA D 336 26.40 -49.15 -6.28
C ALA D 336 26.20 -49.29 -4.77
N ILE D 337 26.84 -48.41 -4.02
CA ILE D 337 26.64 -48.40 -2.59
C ILE D 337 25.14 -48.21 -2.25
N GLY D 338 24.51 -47.21 -2.85
CA GLY D 338 23.07 -46.91 -2.58
C GLY D 338 22.11 -48.09 -2.89
N LYS D 339 22.41 -48.80 -3.97
CA LYS D 339 21.66 -50.01 -4.33
C LYS D 339 21.76 -51.10 -3.21
N TRP D 340 22.98 -51.35 -2.73
CA TRP D 340 23.20 -52.36 -1.72
C TRP D 340 22.57 -51.93 -0.43
N MET D 341 22.73 -50.63 -0.08
CA MET D 341 22.18 -50.11 1.17
C MET D 341 20.67 -50.10 1.20
N ASN D 342 20.07 -49.85 0.05
CA ASN D 342 18.61 -49.85 -0.02
C ASN D 342 18.10 -51.28 0.29
N ARG D 343 18.84 -52.29 -0.13
CA ARG D 343 18.44 -53.68 0.14
C ARG D 343 18.80 -54.20 1.54
N TYR D 344 19.99 -53.83 2.04
CA TYR D 344 20.55 -54.49 3.20
C TYR D 344 20.83 -53.55 4.34
N GLY D 345 20.47 -52.28 4.14
CA GLY D 345 20.76 -51.26 5.12
C GLY D 345 20.16 -51.38 6.48
N LYS D 346 19.16 -52.24 6.65
CA LYS D 346 18.68 -52.53 8.02
C LYS D 346 19.76 -53.15 8.93
N ALA D 347 20.78 -53.74 8.34
CA ALA D 347 21.95 -54.27 9.09
C ALA D 347 23.09 -53.26 9.29
N VAL D 348 22.90 -52.04 8.79
CA VAL D 348 23.88 -50.95 8.92
C VAL D 348 23.36 -49.78 9.76
N TYR D 349 22.29 -49.13 9.31
CA TYR D 349 21.79 -47.96 10.01
C TYR D 349 21.32 -48.30 11.37
N ALA D 350 21.69 -47.48 12.33
CA ALA D 350 21.31 -47.65 13.72
C ALA D 350 21.72 -49.02 14.25
N CYS D 351 22.76 -49.59 13.70
CA CYS D 351 23.28 -50.83 14.25
C CYS D 351 24.58 -50.63 15.04
N ASP D 352 25.02 -51.67 15.70
CA ASP D 352 26.18 -51.59 16.58
C ASP D 352 26.88 -52.96 16.71
N TYR D 353 27.94 -52.99 17.51
CA TYR D 353 28.66 -54.19 17.81
C TYR D 353 27.74 -55.26 18.44
N ALA D 354 27.85 -56.51 17.98
CA ALA D 354 26.97 -57.59 18.47
C ALA D 354 27.52 -58.43 19.63
N GLY D 355 28.80 -58.32 19.93
CA GLY D 355 29.37 -59.12 20.99
C GLY D 355 29.60 -60.59 20.69
N PHE D 356 29.57 -60.96 19.43
CA PHE D 356 29.87 -62.32 19.04
C PHE D 356 31.32 -62.43 18.50
N GLU D 357 31.91 -63.58 18.71
CA GLU D 357 33.22 -63.92 18.14
C GLU D 357 33.20 -63.88 16.59
N LYS D 358 34.14 -63.18 16.02
CA LYS D 358 34.26 -62.99 14.58
C LYS D 358 34.40 -64.30 13.87
N GLN D 359 33.71 -64.44 12.76
CA GLN D 359 33.79 -65.65 11.92
C GLN D 359 34.23 -65.25 10.51
N ASP D 360 34.74 -66.23 9.76
CA ASP D 360 35.38 -66.00 8.48
C ASP D 360 34.43 -65.53 7.38
N TRP D 361 33.14 -65.82 7.52
CA TRP D 361 32.21 -65.50 6.46
C TRP D 361 31.90 -64.04 6.31
N GLY D 362 32.15 -63.26 7.36
CA GLY D 362 31.72 -61.87 7.33
C GLY D 362 31.59 -61.27 8.72
N TYR D 363 30.58 -60.43 8.92
CA TYR D 363 30.46 -59.61 10.10
C TYR D 363 29.09 -59.74 10.70
N TYR D 364 29.02 -59.64 12.01
CA TYR D 364 27.75 -59.48 12.71
C TYR D 364 27.49 -58.00 12.99
N THR D 365 26.21 -57.60 12.87
CA THR D 365 25.79 -56.34 13.48
C THR D 365 24.52 -56.54 14.32
N ARG D 366 24.32 -55.64 15.26
CA ARG D 366 23.21 -55.73 16.17
C ARG D 366 22.28 -54.53 16.01
N GLY D 367 21.01 -54.82 15.79
CA GLY D 367 19.95 -53.80 15.65
C GLY D 367 19.43 -53.28 16.97
N LYS D 368 18.57 -52.26 16.88
CA LYS D 368 18.04 -51.62 18.08
C LYS D 368 17.18 -52.51 18.95
N ASN D 369 16.59 -53.53 18.35
CA ASN D 369 15.76 -54.46 19.09
C ASN D 369 16.37 -55.85 19.16
N ASP D 370 17.69 -55.91 19.25
CA ASP D 370 18.40 -57.13 19.42
C ASP D 370 18.33 -58.10 18.30
N GLU D 371 17.97 -57.62 17.12
CA GLU D 371 18.18 -58.34 15.91
C GLU D 371 19.69 -58.58 15.76
N VAL D 372 20.11 -59.77 15.30
CA VAL D 372 21.52 -60.02 15.03
C VAL D 372 21.65 -60.36 13.59
N TYR D 373 22.36 -59.51 12.86
CA TYR D 373 22.50 -59.66 11.44
C TYR D 373 23.85 -60.32 11.12
N MET D 374 23.83 -61.28 10.23
CA MET D 374 25.01 -61.89 9.69
C MET D 374 25.16 -61.34 8.33
N VAL D 375 26.24 -60.59 8.07
CA VAL D 375 26.46 -60.03 6.77
C VAL D 375 27.58 -60.82 6.15
N VAL D 376 27.23 -61.58 5.14
CA VAL D 376 28.10 -62.55 4.53
C VAL D 376 28.80 -62.06 3.31
N PHE D 377 30.12 -62.02 3.39
CA PHE D 377 30.95 -61.55 2.28
C PHE D 377 31.74 -62.70 1.65
N ASN D 378 31.93 -63.77 2.38
CA ASN D 378 32.81 -64.85 1.93
C ASN D 378 32.07 -66.14 2.09
N GLN D 379 31.68 -66.72 0.97
CA GLN D 379 30.70 -67.80 0.96
C GLN D 379 31.41 -69.15 1.12
N PRO D 380 31.09 -69.90 2.17
CA PRO D 380 31.77 -71.18 2.41
C PRO D 380 31.32 -72.29 1.50
N TYR D 381 32.26 -73.03 0.97
CA TYR D 381 31.97 -74.23 0.20
C TYR D 381 31.31 -75.31 1.03
N SER D 382 31.52 -75.29 2.34
CA SER D 382 30.80 -76.19 3.22
C SER D 382 29.30 -75.98 3.21
N GLU D 383 28.85 -74.81 2.79
CA GLU D 383 27.46 -74.42 2.76
C GLU D 383 26.92 -74.16 4.12
N ARG D 384 27.83 -74.00 5.08
CA ARG D 384 27.46 -73.82 6.46
C ARG D 384 28.20 -72.60 7.01
N LEU D 385 27.47 -71.75 7.72
CA LEU D 385 27.98 -70.52 8.29
C LEU D 385 28.07 -70.70 9.77
N ILE D 386 29.26 -70.73 10.29
CA ILE D 386 29.47 -71.03 11.70
C ILE D 386 29.09 -69.86 12.56
N VAL D 387 28.28 -70.14 13.58
CA VAL D 387 27.88 -69.12 14.53
C VAL D 387 28.16 -69.62 15.93
N LYS D 388 29.11 -69.01 16.57
CA LYS D 388 29.45 -69.35 17.93
C LYS D 388 28.85 -68.25 18.79
N THR D 389 28.00 -68.65 19.73
CA THR D 389 27.23 -67.69 20.56
C THR D 389 27.93 -67.42 21.85
N PRO D 390 27.76 -66.21 22.39
CA PRO D 390 28.24 -66.00 23.74
C PRO D 390 27.45 -66.84 24.76
N LYS D 391 28.03 -66.96 25.97
CA LYS D 391 27.46 -67.69 27.11
C LYS D 391 26.03 -67.23 27.33
N GLY D 392 25.10 -68.18 27.31
CA GLY D 392 23.71 -67.90 27.58
C GLY D 392 22.83 -67.46 26.43
N ILE D 393 23.40 -67.37 25.24
CA ILE D 393 22.66 -66.92 24.08
C ILE D 393 22.40 -68.09 23.17
N THR D 394 21.17 -68.16 22.66
CA THR D 394 20.79 -69.16 21.73
C THR D 394 20.23 -68.50 20.50
N VAL D 395 20.27 -69.23 19.42
CA VAL D 395 19.69 -68.80 18.17
C VAL D 395 18.39 -69.53 17.97
N GLU D 396 17.28 -68.80 17.84
CA GLU D 396 15.94 -69.39 17.69
C GLU D 396 15.55 -69.51 16.26
N LYS D 397 16.00 -68.58 15.45
CA LYS D 397 15.57 -68.57 14.07
C LYS D 397 16.59 -67.83 13.22
N ALA D 398 16.64 -68.22 11.96
CA ALA D 398 17.40 -67.52 10.94
C ALA D 398 16.49 -67.27 9.77
N THR D 399 16.59 -66.07 9.23
CA THR D 399 15.75 -65.61 8.16
C THR D 399 16.57 -64.87 7.13
N LEU D 400 16.43 -65.19 5.86
CA LEU D 400 17.04 -64.38 4.81
C LEU D 400 16.36 -63.01 4.70
N LEU D 401 17.13 -61.95 4.83
CA LEU D 401 16.57 -60.62 5.05
C LEU D 401 15.74 -60.15 3.88
N THR D 402 16.21 -60.40 2.67
CA THR D 402 15.51 -59.89 1.51
C THR D 402 14.19 -60.59 1.28
N THR D 403 14.13 -61.90 1.46
CA THR D 403 12.94 -62.70 1.09
C THR D 403 12.06 -63.13 2.23
N GLY D 404 12.55 -63.05 3.45
CA GLY D 404 11.85 -63.59 4.61
C GLY D 404 11.89 -65.11 4.69
N GLU D 405 12.49 -65.78 3.69
CA GLU D 405 12.55 -67.22 3.77
C GLU D 405 13.32 -67.70 5.04
N ASP D 406 12.85 -68.81 5.59
CA ASP D 406 13.43 -69.40 6.76
C ASP D 406 14.73 -70.14 6.40
N ILE D 407 15.69 -70.11 7.31
CA ILE D 407 17.03 -70.67 7.03
C ILE D 407 17.35 -71.68 8.11
N THR D 408 17.77 -72.87 7.71
CA THR D 408 18.03 -73.92 8.66
C THR D 408 19.17 -73.57 9.59
N VAL D 409 18.97 -73.83 10.88
CA VAL D 409 19.96 -73.67 11.91
C VAL D 409 20.18 -75.02 12.57
N VAL D 410 21.43 -75.48 12.63
CA VAL D 410 21.71 -76.78 13.27
C VAL D 410 22.72 -76.60 14.37
N GLU D 411 22.42 -77.14 15.54
CA GLU D 411 23.34 -77.03 16.65
C GLU D 411 24.47 -78.04 16.43
N THR D 412 25.71 -77.61 16.60
CA THR D 412 26.84 -78.54 16.42
C THR D 412 27.54 -78.88 17.72
N THR D 413 27.54 -77.94 18.64
CA THR D 413 28.23 -78.01 19.93
C THR D 413 27.42 -77.13 20.88
N ARG D 414 27.69 -77.25 22.18
CA ARG D 414 27.26 -76.23 23.14
C ARG D 414 27.76 -74.87 22.61
N ASN D 415 26.89 -73.93 22.46
CA ASN D 415 27.33 -72.60 21.98
C ASN D 415 27.80 -72.50 20.54
N GLU D 416 27.52 -73.48 19.73
CA GLU D 416 27.81 -73.32 18.32
C GLU D 416 26.77 -73.94 17.42
N TYR D 417 26.51 -73.24 16.32
CA TYR D 417 25.63 -73.65 15.29
C TYR D 417 26.25 -73.59 13.93
N ASN D 418 25.71 -74.38 13.01
CA ASN D 418 25.82 -74.18 11.60
C ASN D 418 24.54 -73.53 11.08
N VAL D 419 24.62 -72.32 10.57
CA VAL D 419 23.50 -71.69 9.86
C VAL D 419 23.70 -71.95 8.40
N SER D 420 22.72 -72.52 7.73
CA SER D 420 22.86 -72.86 6.31
C SER D 420 22.87 -71.64 5.44
N VAL D 421 23.59 -71.75 4.34
CA VAL D 421 23.54 -70.70 3.32
C VAL D 421 22.18 -70.81 2.63
N PRO D 422 21.70 -69.74 2.00
CA PRO D 422 20.41 -69.85 1.33
C PRO D 422 20.45 -70.86 0.19
N LYS D 423 19.27 -71.42 -0.13
CA LYS D 423 19.15 -72.48 -1.12
C LYS D 423 19.62 -71.95 -2.43
N LYS D 424 19.30 -70.69 -2.72
CA LYS D 424 19.82 -70.01 -3.89
C LYS D 424 20.92 -69.00 -3.47
N ASN D 425 22.07 -69.11 -4.08
CA ASN D 425 23.16 -68.19 -3.80
C ASN D 425 22.82 -66.76 -4.15
N PRO D 426 22.76 -65.86 -3.14
CA PRO D 426 22.39 -64.50 -3.45
C PRO D 426 23.26 -63.80 -4.46
N GLY D 427 24.47 -64.28 -4.67
CA GLY D 427 25.37 -63.70 -5.67
C GLY D 427 25.94 -62.32 -5.32
N GLU D 428 25.80 -61.88 -4.07
CA GLU D 428 26.37 -60.60 -3.59
C GLU D 428 26.45 -60.76 -2.08
N PRO D 429 27.16 -59.85 -1.39
CA PRO D 429 27.11 -59.87 0.05
C PRO D 429 25.71 -59.73 0.55
N TYR D 430 25.31 -60.58 1.47
CA TYR D 430 23.93 -60.72 1.83
C TYR D 430 23.74 -60.83 3.30
N VAL D 431 22.51 -60.65 3.76
CA VAL D 431 22.21 -60.65 5.16
C VAL D 431 21.24 -61.77 5.59
N ILE D 432 21.61 -62.46 6.67
CA ILE D 432 20.75 -63.38 7.36
C ILE D 432 20.48 -62.79 8.69
N GLN D 433 19.20 -62.61 9.01
CA GLN D 433 18.83 -62.06 10.30
C GLN D 433 18.56 -63.18 11.26
N LEU D 434 19.10 -63.05 12.47
CA LEU D 434 18.93 -64.03 13.48
C LEU D 434 18.05 -63.49 14.55
N LYS D 435 17.24 -64.40 15.11
CA LYS D 435 16.55 -64.13 16.31
C LYS D 435 17.24 -64.89 17.40
N VAL D 436 17.68 -64.18 18.42
CA VAL D 436 18.40 -64.75 19.53
C VAL D 436 17.68 -64.53 20.85
N ARG D 437 18.02 -65.37 21.83
CA ARG D 437 17.41 -65.32 23.12
C ARG D 437 18.52 -65.41 24.11
N ALA D 438 18.42 -64.60 25.14
CA ALA D 438 19.34 -64.61 26.23
C ALA D 438 18.67 -65.32 27.41
N ALA D 439 19.38 -66.22 28.06
CA ALA D 439 18.88 -66.82 29.31
C ALA D 439 18.85 -65.78 30.43
N LYS D 440 17.79 -65.80 31.24
CA LYS D 440 17.63 -64.85 32.35
C LYS D 440 18.76 -65.04 33.40
N GLY D 441 19.35 -63.92 33.83
CA GLY D 441 20.44 -63.93 34.80
C GLY D 441 21.76 -63.95 34.04
N THR D 442 21.89 -64.90 33.11
CA THR D 442 23.13 -65.12 32.31
C THR D 442 23.57 -63.76 31.83
N LYS D 443 24.66 -63.24 32.39
CA LYS D 443 25.01 -61.85 32.19
C LYS D 443 25.59 -61.65 30.82
N SER D 444 24.84 -60.94 29.98
CA SER D 444 25.35 -60.50 28.70
C SER D 444 24.95 -59.04 28.51
N ILE D 445 24.72 -58.67 27.26
CA ILE D 445 24.35 -57.34 26.84
C ILE D 445 22.99 -57.39 26.15
N TYR D 446 22.41 -58.59 26.05
CA TYR D 446 21.09 -58.77 25.47
C TYR D 446 20.08 -58.72 26.60
N ARG D 447 18.89 -58.21 26.26
CA ARG D 447 17.85 -57.80 27.23
C ARG D 447 17.64 -58.80 28.38
S SO4 E . -41.24 41.84 -27.26
O1 SO4 E . -40.46 40.98 -28.19
O2 SO4 E . -41.77 41.01 -26.15
O3 SO4 E . -40.42 42.96 -26.74
O4 SO4 E . -42.40 42.45 -27.96
S SO4 F . -23.10 49.27 -38.84
O1 SO4 F . -24.38 49.17 -39.60
O2 SO4 F . -22.70 47.85 -38.65
O3 SO4 F . -23.33 49.98 -37.54
O4 SO4 F . -22.08 50.04 -39.57
N1 IMD G . -22.19 37.29 -13.88
C2 IMD G . -22.83 36.06 -13.80
N3 IMD G . -21.91 35.09 -13.75
C4 IMD G . -20.71 35.67 -13.83
C5 IMD G . -20.87 37.03 -13.92
CAO 2OX H . -35.72 42.15 -32.82
CAP 2OX H . -36.76 42.49 -33.69
CAQ 2OX H . -38.06 42.60 -33.20
CAR 2OX H . -38.32 42.37 -31.84
CAS 2OX H . -37.27 42.04 -30.97
CAN 2OX H . -35.95 41.94 -31.44
NAK 2OX H . -34.90 41.57 -30.64
CAJ 2OX H . -34.89 40.81 -29.53
NAL 2OX H . -33.69 41.83 -30.89
NAM 2OX H . -32.90 41.36 -30.06
CAF 2OX H . -33.61 40.72 -29.16
CAD 2OX H . -32.97 39.92 -27.94
NAE 2OX H . -33.61 40.07 -26.61
CAA 2OX H . -32.52 40.43 -25.67
CAG 2OX H . -32.84 39.98 -24.25
CAB 2OX H . -31.31 39.72 -26.28
OAH 2OX H . -31.52 38.24 -26.09
CAC 2OX H . -31.48 40.26 -27.69
OAI 2OX H . -30.50 39.69 -28.64
S SO4 I . -39.42 1.29 10.87
O1 SO4 I . -38.06 1.70 10.44
O2 SO4 I . -39.41 -0.15 11.22
O3 SO4 I . -39.76 2.12 12.06
O4 SO4 I . -40.34 1.50 9.72
S SO4 J . -30.95 -10.94 -6.58
O1 SO4 J . -31.97 -11.93 -7.01
O2 SO4 J . -30.00 -11.70 -5.72
O3 SO4 J . -31.51 -9.82 -5.78
O4 SO4 J . -30.24 -10.40 -7.76
N1 IMD K . -11.15 3.18 -3.32
C2 IMD K . -10.28 2.82 -2.34
N3 IMD K . -10.14 1.46 -2.31
C4 IMD K . -10.93 0.94 -3.26
C5 IMD K . -11.56 2.01 -3.89
CAO 2OX L . -31.07 -10.43 -1.03
CAP 2OX L . -32.29 -11.14 -1.03
CAQ 2OX L . -32.97 -11.38 0.18
CAR 2OX L . -32.42 -10.91 1.38
CAS 2OX L . -31.21 -10.20 1.37
CAN 2OX L . -30.51 -9.95 0.18
NAK 2OX L . -29.35 -9.23 0.21
CAJ 2OX L . -28.94 -8.25 -0.61
NAL 2OX L . -28.47 -9.32 1.09
NAM 2OX L . -27.53 -8.53 0.91
CAF 2OX L . -27.77 -7.83 -0.18
CAD 2OX L . -26.86 -6.70 -0.72
NAE 2OX L . -26.19 -7.03 -1.99
CAA 2OX L . -24.72 -6.81 -1.80
CAG 2OX L . -23.98 -6.29 -3.04
CAB 2OX L . -24.63 -5.80 -0.61
OAH 2OX L . -25.02 -4.52 -1.00
CAC 2OX L . -25.68 -6.49 0.27
OAI 2OX L . -26.06 -5.70 1.40
S SO4 M . 16.76 8.89 30.19
O1 SO4 M . 16.90 7.41 30.14
O2 SO4 M . 17.99 9.55 30.68
O3 SO4 M . 15.63 9.17 31.11
O4 SO4 M . 16.58 9.46 28.83
S SO4 N . -5.81 2.66 29.35
O1 SO4 N . -7.17 2.20 29.71
O2 SO4 N . -4.85 1.59 29.66
O3 SO4 N . -5.49 3.87 30.13
O4 SO4 N . -5.76 2.99 27.91
N1 IMD O . 13.99 -4.55 9.07
C2 IMD O . 14.17 -3.37 9.73
N3 IMD O . 13.17 -2.50 9.37
C4 IMD O . 12.34 -3.14 8.48
C5 IMD O . 12.87 -4.40 8.30
CAO 2OX P . 9.78 5.10 31.74
CAP 2OX P . 9.93 5.69 33.01
CAQ 2OX P . 11.10 6.38 33.31
CAR 2OX P . 12.13 6.49 32.34
CAS 2OX P . 11.97 5.90 31.08
CAN 2OX P . 10.79 5.20 30.77
NAK 2OX P . 10.63 4.58 29.57
CAJ 2OX P . 11.56 4.01 28.79
NAL 2OX P . 9.55 4.41 28.99
NAM 2OX P . 9.71 3.75 27.81
CAF 2OX P . 10.99 3.49 27.74
CAD 2OX P . 11.72 2.77 26.54
NAE 2OX P . 12.80 3.38 25.70
CAA 2OX P . 12.38 3.26 24.30
CAG 2OX P . 13.54 3.13 23.32
CAB 2OX P . 11.50 1.96 24.26
OAH 2OX P . 12.26 0.75 24.35
CAC 2OX P . 10.72 2.20 25.55
OAI 2OX P . 9.98 1.03 26.00
S SO4 Q . 46.22 -38.06 13.69
O1 SO4 Q . 44.87 -38.69 13.60
O2 SO4 Q . 47.10 -39.10 14.30
O3 SO4 Q . 46.15 -36.86 14.51
O4 SO4 Q . 46.67 -37.53 12.35
N1 IMD R . 23.66 -72.40 22.44
C2 IMD R . 23.24 -73.57 22.99
N3 IMD R . 23.56 -74.58 22.13
C4 IMD R . 24.16 -74.05 21.03
C5 IMD R . 24.23 -72.68 21.23
N1 IMD S . 28.49 -37.28 -1.91
C2 IMD S . 28.19 -36.20 -1.11
N3 IMD S . 27.62 -35.24 -1.87
C4 IMD S . 27.59 -35.72 -3.14
C5 IMD S . 28.14 -37.00 -3.18
CAO 2OX T . 49.34 -38.30 7.08
CAP 2OX T . 50.61 -38.66 7.51
CAQ 2OX T . 51.59 -37.69 7.76
CAR 2OX T . 51.31 -36.33 7.59
CAS 2OX T . 50.05 -35.97 7.17
CAN 2OX T . 49.06 -36.94 6.93
NAK 2OX T . 47.87 -36.51 6.51
CAJ 2OX T . 46.61 -36.46 6.95
NAL 2OX T . 47.93 -35.95 5.45
NAM 2OX T . 47.01 -35.56 5.08
CAF 2OX T . 46.06 -35.81 5.95
CAD 2OX T . 44.68 -35.32 5.62
NAE 2OX T . 43.65 -36.01 6.39
CAA 2OX T . 42.80 -36.64 5.39
CAG 2OX T . 41.33 -36.63 5.90
CAB 2OX T . 42.91 -35.76 4.20
OAH 2OX T . 42.20 -34.50 4.48
CAC 2OX T . 44.34 -35.64 4.12
OAI 2OX T . 44.67 -34.62 3.17
#